data_9HPN
#
_entry.id   9HPN
#
_cell.length_a   1.00
_cell.length_b   1.00
_cell.length_c   1.00
_cell.angle_alpha   90.00
_cell.angle_beta   90.00
_cell.angle_gamma   90.00
#
_symmetry.space_group_name_H-M   'P 1'
#
_entity_poly.entity_id   1
_entity_poly.type   'polypeptide(L)'
_entity_poly.pdbx_seq_one_letter_code
;MFNNRIRTAALAGAIAISTAASGVAIPAFAQETGTYNNTGGFNDADGSTIQPAPAVDHSEAELRDATDATGNYLAAFQSG
DIEAIVGAYIDAGVDGFDPSEEAIFKAFEAARDEATQQLAFSAETITKTRESVAYALKVDQEATEAYLAYRNALRGAATS
INPLIDAANAANRTDGSEIEIYDNIFLASDVFTDGPLLLPAYRELVALQTEVNEDLEWLGEFAIDNDADNYVQRYHIPAV
EALKAEIDARLEAIEPLRADSAEKNRLAQKSDVLVRQLFLERATAQRDTLRIVEAIFATATRYVELYESDEDVNVEGKTL
REHYFALFPTLFGAASFNVGVLNTADDAVIDYYLVWDTDLETNDEDAAYAEEKREFALLTYAKIFINGQWQEKVKYVQNL
DDGARAEAARIEAERLADEAYRAEQLRIAQEAADAQKAIADALAKEAENNNNSGGDNSSDDKGTGSSDIGSWGPFAAIAA
IIAAIAAIFPFLSGIVKF
;
_entity_poly.pdbx_strand_id   A,B,C,D,E,F
#
# COMPACT_ATOMS: atom_id res chain seq x y z
N THR A 33 -16.89 16.97 32.51
CA THR A 33 -15.81 17.06 31.55
C THR A 33 -16.16 18.00 30.40
N GLY A 34 -15.53 19.16 30.37
CA GLY A 34 -15.78 20.15 29.33
C GLY A 34 -14.70 21.19 29.20
N THR A 35 -14.18 21.36 27.98
CA THR A 35 -13.12 22.31 27.67
C THR A 35 -13.21 22.54 26.16
N TYR A 36 -12.34 23.40 25.63
CA TYR A 36 -12.27 23.59 24.19
C TYR A 36 -11.92 22.30 23.48
N ASN A 37 -11.20 21.41 24.15
CA ASN A 37 -10.99 20.04 23.70
C ASN A 37 -11.44 19.09 24.80
N ASN A 38 -12.25 18.09 24.44
CA ASN A 38 -12.84 17.23 25.43
C ASN A 38 -13.12 15.85 24.82
N THR A 39 -13.22 14.85 25.70
CA THR A 39 -13.56 13.48 25.31
C THR A 39 -14.68 12.96 26.21
N GLY A 40 -15.70 13.78 26.44
CA GLY A 40 -16.78 13.39 27.32
C GLY A 40 -18.16 13.45 26.67
N GLY A 41 -18.20 13.57 25.34
CA GLY A 41 -19.46 13.59 24.63
C GLY A 41 -20.11 14.96 24.61
N PHE A 42 -21.41 14.99 24.90
CA PHE A 42 -22.13 16.25 24.90
C PHE A 42 -21.64 17.15 26.03
N ASN A 43 -21.51 18.44 25.74
CA ASN A 43 -20.98 19.42 26.68
C ASN A 43 -21.93 20.61 26.80
N ASP A 44 -22.08 21.12 28.02
CA ASP A 44 -22.91 22.30 28.23
C ASP A 44 -22.18 23.60 27.90
N ALA A 45 -20.85 23.56 27.77
CA ALA A 45 -20.09 24.75 27.43
C ALA A 45 -20.25 25.15 25.97
N ASP A 46 -20.86 24.30 25.14
CA ASP A 46 -21.06 24.60 23.73
C ASP A 46 -22.51 24.76 23.36
N GLY A 47 -23.43 24.17 24.11
CA GLY A 47 -24.85 24.23 23.78
C GLY A 47 -25.34 22.97 23.11
N SER A 48 -24.95 21.82 23.66
CA SER A 48 -25.33 20.53 23.11
C SER A 48 -26.08 19.63 24.09
N THR A 49 -26.04 19.92 25.38
CA THR A 49 -26.74 19.12 26.37
C THR A 49 -28.22 19.50 26.43
N ILE A 50 -28.97 18.82 27.29
CA ILE A 50 -30.40 19.07 27.46
C ILE A 50 -30.58 20.09 28.57
N GLN A 51 -31.56 20.98 28.40
CA GLN A 51 -31.85 22.02 29.38
C GLN A 51 -33.35 22.26 29.44
N PRO A 52 -33.93 22.35 30.64
CA PRO A 52 -35.36 22.63 30.75
C PRO A 52 -35.71 24.04 30.28
N ALA A 53 -37.01 24.30 30.08
CA ALA A 53 -37.47 25.61 29.61
C ALA A 53 -38.82 25.93 30.25
N PRO A 54 -38.83 26.30 31.53
CA PRO A 54 -40.08 26.72 32.15
C PRO A 54 -40.59 28.01 31.54
N ALA A 55 -41.90 28.20 31.63
CA ALA A 55 -42.55 29.39 31.05
C ALA A 55 -42.22 30.60 31.92
N VAL A 56 -41.17 31.32 31.56
CA VAL A 56 -40.74 32.53 32.26
C VAL A 56 -40.70 33.66 31.24
N ASP A 57 -41.27 34.81 31.61
CA ASP A 57 -41.43 35.94 30.69
C ASP A 57 -40.13 36.74 30.65
N HIS A 58 -39.38 36.55 29.56
CA HIS A 58 -38.24 37.41 29.24
C HIS A 58 -38.65 38.33 28.10
N SER A 59 -38.59 39.63 28.33
CA SER A 59 -39.10 40.59 27.36
C SER A 59 -38.31 40.53 26.06
N GLU A 60 -38.97 40.89 24.96
CA GLU A 60 -38.32 40.90 23.66
C GLU A 60 -37.19 41.93 23.59
N ALA A 61 -37.27 43.01 24.37
CA ALA A 61 -36.17 43.96 24.43
C ALA A 61 -34.94 43.30 25.05
N GLU A 62 -35.13 42.48 26.07
CA GLU A 62 -34.02 41.73 26.65
C GLU A 62 -33.40 40.79 25.62
N LEU A 63 -34.23 40.12 24.82
CA LEU A 63 -33.71 39.26 23.76
C LEU A 63 -32.90 40.05 22.75
N ARG A 64 -33.42 41.22 22.33
CA ARG A 64 -32.71 42.04 21.36
C ARG A 64 -31.37 42.50 21.91
N ASP A 65 -31.35 42.94 23.17
CA ASP A 65 -30.10 43.43 23.76
C ASP A 65 -29.09 42.29 23.91
N ALA A 66 -29.54 41.13 24.38
CA ALA A 66 -28.61 40.02 24.58
C ALA A 66 -28.08 39.51 23.25
N THR A 67 -28.90 39.56 22.19
CA THR A 67 -28.43 39.12 20.89
C THR A 67 -27.48 40.13 20.26
N ASP A 68 -27.77 41.42 20.42
CA ASP A 68 -26.88 42.44 19.88
C ASP A 68 -25.55 42.50 20.64
N ALA A 69 -25.55 42.08 21.91
CA ALA A 69 -24.29 42.02 22.65
C ALA A 69 -23.32 41.03 22.02
N THR A 70 -23.83 40.04 21.30
CA THR A 70 -22.98 39.08 20.59
C THR A 70 -22.82 39.42 19.12
N GLY A 71 -23.84 40.04 18.51
CA GLY A 71 -23.75 40.38 17.11
C GLY A 71 -22.70 41.42 16.79
N ASN A 72 -22.29 42.21 17.80
CA ASN A 72 -21.21 43.16 17.59
C ASN A 72 -19.87 42.44 17.44
N TYR A 73 -19.72 41.29 18.09
CA TYR A 73 -18.47 40.53 18.01
C TYR A 73 -18.26 39.98 16.62
N LEU A 74 -19.33 39.66 15.90
CA LEU A 74 -19.24 39.00 14.60
C LEU A 74 -19.26 39.96 13.42
N ALA A 75 -19.33 41.27 13.65
CA ALA A 75 -19.35 42.20 12.53
C ALA A 75 -18.10 42.10 11.69
N ALA A 76 -16.93 42.06 12.33
CA ALA A 76 -15.68 41.94 11.59
C ALA A 76 -15.58 40.61 10.87
N PHE A 77 -16.00 39.52 11.54
CA PHE A 77 -15.95 38.21 10.91
C PHE A 77 -16.94 38.10 9.76
N GLN A 78 -18.14 38.66 9.94
CA GLN A 78 -19.14 38.61 8.88
C GLN A 78 -18.78 39.51 7.71
N SER A 79 -17.97 40.55 7.93
CA SER A 79 -17.53 41.38 6.82
C SER A 79 -16.66 40.57 5.85
N GLY A 80 -15.79 39.72 6.39
CA GLY A 80 -14.97 38.84 5.57
C GLY A 80 -13.58 39.35 5.26
N ASP A 81 -13.28 40.61 5.54
CA ASP A 81 -11.96 41.15 5.27
C ASP A 81 -10.96 40.66 6.30
N ILE A 82 -9.83 40.12 5.83
CA ILE A 82 -8.83 39.56 6.73
C ILE A 82 -8.17 40.66 7.55
N GLU A 83 -7.96 41.84 6.95
CA GLU A 83 -7.33 42.94 7.68
C GLU A 83 -8.20 43.37 8.86
N ALA A 84 -9.51 43.48 8.64
CA ALA A 84 -10.41 43.84 9.73
C ALA A 84 -10.41 42.77 10.82
N ILE A 85 -10.36 41.50 10.41
CA ILE A 85 -10.36 40.41 11.38
C ILE A 85 -9.11 40.47 12.25
N VAL A 86 -7.94 40.63 11.63
CA VAL A 86 -6.70 40.65 12.41
C VAL A 86 -6.60 41.91 13.24
N GLY A 87 -7.21 43.02 12.77
CA GLY A 87 -7.21 44.24 13.56
C GLY A 87 -8.15 44.18 14.76
N ALA A 88 -9.25 43.44 14.64
CA ALA A 88 -10.25 43.42 15.69
C ALA A 88 -9.99 42.31 16.72
N TYR A 89 -9.75 41.08 16.25
CA TYR A 89 -9.68 39.93 17.14
C TYR A 89 -8.27 39.65 17.67
N ILE A 90 -7.24 40.33 17.16
CA ILE A 90 -5.87 40.07 17.55
C ILE A 90 -5.29 41.35 18.16
N ASP A 91 -4.61 41.20 19.29
CA ASP A 91 -4.00 42.32 19.99
C ASP A 91 -2.61 42.60 19.41
N ALA A 92 -2.32 43.88 19.16
CA ALA A 92 -1.01 44.26 18.65
C ALA A 92 0.10 44.03 19.66
N GLY A 93 -0.14 44.35 20.93
CA GLY A 93 0.84 44.11 21.98
C GLY A 93 1.56 45.37 22.41
N VAL A 94 2.82 45.16 22.83
CA VAL A 94 3.68 46.22 23.32
C VAL A 94 3.96 47.20 22.19
N ASP A 95 4.26 48.46 22.53
CA ASP A 95 4.54 49.49 21.52
C ASP A 95 5.62 49.02 20.54
N GLY A 96 6.66 48.39 21.05
CA GLY A 96 7.65 47.77 20.19
C GLY A 96 7.20 46.39 19.78
N PHE A 97 6.73 46.26 18.53
CA PHE A 97 6.15 45.01 18.06
C PHE A 97 7.16 43.87 18.08
N ASP A 98 6.90 42.86 18.92
CA ASP A 98 7.79 41.71 19.02
C ASP A 98 7.44 40.72 17.93
N PRO A 99 8.34 40.42 16.99
CA PRO A 99 8.04 39.46 15.93
C PRO A 99 8.33 38.00 16.28
N SER A 100 8.69 37.70 17.51
CA SER A 100 8.94 36.32 17.90
C SER A 100 7.64 35.53 17.91
N GLU A 101 7.78 34.21 17.73
CA GLU A 101 6.59 33.36 17.60
C GLU A 101 5.81 33.27 18.91
N GLU A 102 6.46 33.47 20.05
CA GLU A 102 5.80 33.30 21.33
C GLU A 102 4.70 34.34 21.53
N ALA A 103 4.95 35.59 21.15
CA ALA A 103 3.93 36.63 21.27
C ALA A 103 2.75 36.34 20.35
N ILE A 104 3.03 35.84 19.14
CA ILE A 104 1.96 35.48 18.22
C ILE A 104 1.11 34.37 18.82
N PHE A 105 1.75 33.36 19.41
CA PHE A 105 1.03 32.28 20.06
C PHE A 105 0.16 32.79 21.20
N LYS A 106 0.70 33.70 22.01
CA LYS A 106 -0.06 34.26 23.12
C LYS A 106 -1.28 35.03 22.63
N ALA A 107 -1.11 35.84 21.58
CA ALA A 107 -2.23 36.60 21.03
C ALA A 107 -3.32 35.67 20.49
N PHE A 108 -2.91 34.63 19.75
CA PHE A 108 -3.89 33.69 19.24
C PHE A 108 -4.62 32.96 20.36
N GLU A 109 -3.89 32.61 21.42
CA GLU A 109 -4.52 31.96 22.57
C GLU A 109 -5.54 32.87 23.23
N ALA A 110 -5.21 34.16 23.38
CA ALA A 110 -6.16 35.11 23.96
C ALA A 110 -7.42 35.24 23.10
N ALA A 111 -7.23 35.32 21.78
CA ALA A 111 -8.39 35.40 20.89
C ALA A 111 -9.26 34.14 21.00
N ARG A 112 -8.63 32.97 21.08
CA ARG A 112 -9.38 31.73 21.24
C ARG A 112 -10.17 31.70 22.54
N ASP A 113 -9.56 32.18 23.63
CA ASP A 113 -10.27 32.22 24.91
C ASP A 113 -11.47 33.17 24.84
N GLU A 114 -11.29 34.32 24.20
CA GLU A 114 -12.41 35.25 24.05
C GLU A 114 -13.55 34.63 23.25
N ALA A 115 -13.21 33.93 22.17
CA ALA A 115 -14.24 33.23 21.39
C ALA A 115 -14.94 32.17 22.21
N THR A 116 -14.20 31.44 23.05
CA THR A 116 -14.81 30.43 23.92
C THR A 116 -15.82 31.06 24.87
N GLN A 117 -15.46 32.19 25.49
CA GLN A 117 -16.40 32.84 26.40
C GLN A 117 -17.64 33.35 25.66
N GLN A 118 -17.45 33.90 24.46
CA GLN A 118 -18.60 34.35 23.68
C GLN A 118 -19.54 33.19 23.36
N LEU A 119 -18.96 32.03 23.01
CA LEU A 119 -19.78 30.84 22.77
C LEU A 119 -20.53 30.43 24.02
N ALA A 120 -19.87 30.51 25.19
CA ALA A 120 -20.52 30.15 26.44
C ALA A 120 -21.75 31.03 26.70
N PHE A 121 -21.65 32.33 26.38
CA PHE A 121 -22.80 33.21 26.57
C PHE A 121 -23.91 32.93 25.56
N SER A 122 -23.53 32.72 24.29
CA SER A 122 -24.51 32.40 23.27
C SER A 122 -25.24 31.09 23.58
N ALA A 123 -24.62 30.23 24.39
CA ALA A 123 -25.31 29.01 24.82
C ALA A 123 -26.52 29.33 25.67
N GLU A 124 -26.38 30.22 26.66
CA GLU A 124 -27.48 30.53 27.56
C GLU A 124 -28.55 31.38 26.90
N THR A 125 -28.16 32.16 25.89
CA THR A 125 -29.16 32.93 25.15
C THR A 125 -30.29 32.03 24.61
N ILE A 126 -29.94 30.81 24.20
CA ILE A 126 -30.94 29.88 23.66
C ILE A 126 -32.01 29.55 24.70
N THR A 127 -31.57 29.18 25.91
CA THR A 127 -32.52 28.83 26.96
C THR A 127 -33.39 30.01 27.32
N LYS A 128 -32.80 31.21 27.38
CA LYS A 128 -33.60 32.40 27.65
C LYS A 128 -34.72 32.55 26.62
N THR A 129 -34.37 32.46 25.33
CA THR A 129 -35.38 32.63 24.29
C THR A 129 -36.45 31.53 24.33
N ARG A 130 -36.05 30.29 24.63
CA ARG A 130 -37.02 29.20 24.69
C ARG A 130 -38.02 29.42 25.83
N GLU A 131 -37.54 29.87 26.99
CA GLU A 131 -38.45 30.17 28.09
C GLU A 131 -39.42 31.28 27.71
N SER A 132 -38.91 32.31 27.02
CA SER A 132 -39.78 33.39 26.57
C SER A 132 -40.89 32.87 25.66
N VAL A 133 -40.51 31.99 24.73
CA VAL A 133 -41.50 31.42 23.80
C VAL A 133 -42.56 30.63 24.56
N ALA A 134 -42.14 29.82 25.54
CA ALA A 134 -43.09 29.02 26.30
C ALA A 134 -44.10 29.91 27.03
N TYR A 135 -43.63 30.98 27.66
CA TYR A 135 -44.55 31.90 28.34
C TYR A 135 -45.51 32.55 27.35
N ALA A 136 -44.99 32.96 26.19
CA ALA A 136 -45.83 33.61 25.18
C ALA A 136 -46.92 32.67 24.68
N LEU A 137 -46.64 31.36 24.65
CA LEU A 137 -47.69 30.42 24.26
C LEU A 137 -48.71 30.22 25.38
N LYS A 138 -48.24 30.11 26.62
CA LYS A 138 -49.17 29.85 27.72
C LYS A 138 -50.18 30.97 27.88
N VAL A 139 -49.73 32.22 27.76
CA VAL A 139 -50.63 33.35 28.04
C VAL A 139 -51.82 33.37 27.09
N ASP A 140 -51.57 33.28 25.78
CA ASP A 140 -52.70 33.35 24.87
C ASP A 140 -53.50 32.05 24.84
N GLN A 141 -52.89 30.91 25.20
CA GLN A 141 -53.71 29.72 25.41
C GLN A 141 -54.77 29.96 26.46
N GLU A 142 -54.35 30.48 27.63
CA GLU A 142 -55.33 30.77 28.69
C GLU A 142 -56.34 31.83 28.23
N ALA A 143 -55.88 32.84 27.50
CA ALA A 143 -56.76 33.90 27.04
C ALA A 143 -57.87 33.34 26.13
N THR A 144 -57.51 32.49 25.18
CA THR A 144 -58.53 31.96 24.28
C THR A 144 -59.46 31.00 24.99
N GLU A 145 -58.96 30.25 25.99
CA GLU A 145 -59.85 29.41 26.78
C GLU A 145 -60.90 30.24 27.50
N ALA A 146 -60.47 31.34 28.13
CA ALA A 146 -61.40 32.21 28.83
C ALA A 146 -62.41 32.84 27.87
N TYR A 147 -61.95 33.27 26.70
CA TYR A 147 -62.86 33.86 25.71
C TYR A 147 -63.92 32.86 25.28
N LEU A 148 -63.52 31.61 25.03
CA LEU A 148 -64.48 30.59 24.64
C LEU A 148 -65.51 30.35 25.74
N ALA A 149 -65.05 30.28 27.00
CA ALA A 149 -65.99 30.06 28.10
C ALA A 149 -67.00 31.21 28.20
N TYR A 150 -66.53 32.45 28.09
CA TYR A 150 -67.43 33.59 28.20
C TYR A 150 -68.42 33.63 27.04
N ARG A 151 -67.96 33.32 25.83
CA ARG A 151 -68.88 33.30 24.69
C ARG A 151 -69.93 32.21 24.84
N ASN A 152 -69.54 31.05 25.37
CA ASN A 152 -70.52 29.98 25.60
C ASN A 152 -71.56 30.41 26.64
N ALA A 153 -71.12 31.10 27.69
CA ALA A 153 -72.08 31.60 28.68
C ALA A 153 -73.06 32.59 28.06
N LEU A 154 -72.55 33.50 27.22
CA LEU A 154 -73.43 34.46 26.55
C LEU A 154 -74.42 33.75 25.64
N ARG A 155 -73.96 32.72 24.92
CA ARG A 155 -74.85 31.96 24.06
C ARG A 155 -75.95 31.27 24.86
N GLY A 156 -75.60 30.70 26.01
CA GLY A 156 -76.60 30.10 26.87
C GLY A 156 -77.62 31.10 27.37
N ALA A 157 -77.17 32.30 27.76
CA ALA A 157 -78.10 33.33 28.20
C ALA A 157 -79.04 33.73 27.06
N ALA A 158 -78.50 33.87 25.85
CA ALA A 158 -79.32 34.21 24.69
C ALA A 158 -80.35 33.12 24.42
N THR A 159 -79.97 31.85 24.54
CA THR A 159 -80.92 30.77 24.37
C THR A 159 -82.02 30.82 25.41
N SER A 160 -81.67 31.10 26.66
CA SER A 160 -82.63 31.08 27.76
C SER A 160 -83.58 32.28 27.77
N ILE A 161 -83.16 33.44 27.26
CA ILE A 161 -83.94 34.65 27.50
C ILE A 161 -85.14 34.75 26.56
N ASN A 162 -84.94 34.49 25.27
CA ASN A 162 -85.91 34.87 24.23
C ASN A 162 -87.32 34.33 24.44
N PRO A 163 -87.54 33.06 24.80
CA PRO A 163 -88.94 32.58 24.96
C PRO A 163 -89.75 33.38 25.96
N LEU A 164 -89.14 33.79 27.08
CA LEU A 164 -89.86 34.61 28.04
C LEU A 164 -90.20 35.99 27.46
N ILE A 165 -89.29 36.55 26.65
CA ILE A 165 -89.57 37.81 25.98
C ILE A 165 -90.79 37.68 25.08
N ASP A 166 -90.83 36.59 24.30
CA ASP A 166 -91.98 36.37 23.42
C ASP A 166 -93.26 36.18 24.21
N ALA A 167 -93.20 35.43 25.31
CA ALA A 167 -94.38 35.20 26.13
C ALA A 167 -94.89 36.50 26.73
N ALA A 168 -93.99 37.35 27.22
CA ALA A 168 -94.41 38.63 27.78
C ALA A 168 -94.95 39.56 26.71
N ASN A 169 -94.38 39.53 25.50
CA ASN A 169 -94.89 40.36 24.42
C ASN A 169 -96.29 39.93 24.01
N ALA A 170 -96.55 38.62 24.01
CA ALA A 170 -97.86 38.11 23.59
C ALA A 170 -98.98 38.53 24.54
N ALA A 171 -98.68 38.81 25.81
CA ALA A 171 -99.69 39.10 26.81
C ALA A 171 -99.81 40.59 27.12
N ASN A 172 -99.66 41.46 26.12
CA ASN A 172 -99.74 42.90 26.32
C ASN A 172 -100.96 43.45 25.58
N ARG A 173 -101.72 44.30 26.28
CA ARG A 173 -102.92 44.90 25.70
C ARG A 173 -102.85 46.42 25.63
N THR A 174 -101.73 47.04 25.99
CA THR A 174 -101.63 48.50 25.99
C THR A 174 -101.49 49.02 24.56
N ASP A 175 -101.38 50.35 24.45
CA ASP A 175 -101.26 51.01 23.15
C ASP A 175 -99.86 50.90 22.56
N GLY A 176 -98.87 50.49 23.35
CA GLY A 176 -97.52 50.37 22.87
C GLY A 176 -96.73 51.66 22.83
N SER A 177 -97.21 52.72 23.48
CA SER A 177 -96.52 54.00 23.49
C SER A 177 -95.45 54.04 24.57
N GLU A 178 -95.84 53.86 25.83
CA GLU A 178 -94.86 53.86 26.92
C GLU A 178 -94.32 52.46 27.18
N ILE A 179 -95.17 51.45 27.18
CA ILE A 179 -94.75 50.05 27.26
C ILE A 179 -94.60 49.55 25.83
N GLU A 180 -93.38 49.59 25.32
CA GLU A 180 -93.11 49.37 23.91
C GLU A 180 -93.08 47.88 23.57
N ILE A 181 -93.12 47.60 22.27
CA ILE A 181 -93.04 46.23 21.78
C ILE A 181 -91.58 45.78 21.83
N TYR A 182 -91.32 44.69 22.54
CA TYR A 182 -89.96 44.20 22.69
C TYR A 182 -89.42 43.66 21.37
N ASP A 183 -88.10 43.70 21.25
CA ASP A 183 -87.40 43.16 20.10
C ASP A 183 -86.48 42.03 20.54
N ASN A 184 -86.17 41.12 19.62
CA ASN A 184 -85.30 40.00 19.94
C ASN A 184 -83.91 40.50 20.32
N ILE A 185 -83.30 39.85 21.31
CA ILE A 185 -82.02 40.30 21.83
C ILE A 185 -80.92 40.10 20.78
N PHE A 186 -79.87 40.91 20.90
CA PHE A 186 -78.70 40.85 20.02
C PHE A 186 -79.10 41.07 18.56
N LEU A 187 -79.70 42.23 18.29
CA LEU A 187 -80.20 42.53 16.95
C LEU A 187 -79.07 42.87 15.99
N ALA A 188 -77.96 43.39 16.49
CA ALA A 188 -76.84 43.83 15.65
C ALA A 188 -75.64 42.92 15.72
N SER A 189 -75.13 42.65 16.92
CA SER A 189 -73.95 41.81 17.10
C SER A 189 -74.39 40.35 17.12
N ASP A 190 -74.18 39.64 16.02
CA ASP A 190 -74.56 38.24 15.92
C ASP A 190 -73.66 37.38 16.78
N VAL A 191 -74.18 36.89 17.90
CA VAL A 191 -73.39 36.09 18.84
C VAL A 191 -73.12 34.67 18.32
N PHE A 192 -73.98 34.15 17.45
CA PHE A 192 -73.86 32.77 17.01
C PHE A 192 -72.66 32.53 16.09
N THR A 193 -71.98 33.58 15.66
CA THR A 193 -70.74 33.42 14.92
C THR A 193 -69.65 32.90 15.85
N ASP A 194 -68.58 32.36 15.25
CA ASP A 194 -67.52 31.76 16.04
C ASP A 194 -66.70 32.80 16.79
N GLY A 195 -66.35 33.90 16.13
CA GLY A 195 -65.48 34.89 16.73
C GLY A 195 -66.00 36.32 16.75
N PRO A 196 -67.26 36.52 17.13
CA PRO A 196 -67.83 37.87 17.06
C PRO A 196 -67.43 38.73 18.24
N LEU A 197 -67.81 40.00 18.17
CA LEU A 197 -67.65 40.91 19.29
C LEU A 197 -68.69 40.61 20.37
N LEU A 198 -68.33 40.85 21.63
CA LEU A 198 -69.17 40.44 22.75
C LEU A 198 -69.51 41.54 23.74
N LEU A 199 -68.96 42.74 23.59
CA LEU A 199 -69.33 43.86 24.47
C LEU A 199 -70.69 44.45 24.09
N PRO A 200 -70.97 44.70 22.80
CA PRO A 200 -72.30 45.25 22.47
C PRO A 200 -73.45 44.36 22.90
N ALA A 201 -73.26 43.03 22.86
CA ALA A 201 -74.32 42.14 23.31
C ALA A 201 -74.60 42.32 24.79
N TYR A 202 -73.53 42.43 25.60
CA TYR A 202 -73.71 42.65 27.04
C TYR A 202 -74.37 43.99 27.30
N ARG A 203 -73.98 45.03 26.56
CA ARG A 203 -74.61 46.33 26.74
C ARG A 203 -76.08 46.29 26.35
N GLU A 204 -76.42 45.55 25.29
CA GLU A 204 -77.83 45.40 24.91
C GLU A 204 -78.61 44.66 25.99
N LEU A 205 -78.00 43.64 26.58
CA LEU A 205 -78.67 42.93 27.68
C LEU A 205 -78.92 43.86 28.87
N VAL A 206 -77.92 44.69 29.21
CA VAL A 206 -78.08 45.63 30.31
C VAL A 206 -79.17 46.65 30.00
N ALA A 207 -79.21 47.13 28.76
CA ALA A 207 -80.26 48.08 28.36
C ALA A 207 -81.63 47.42 28.42
N LEU A 208 -81.73 46.15 28.02
CA LEU A 208 -83.00 45.44 28.13
C LEU A 208 -83.44 45.31 29.58
N GLN A 209 -82.50 44.99 30.48
CA GLN A 209 -82.83 44.91 31.90
C GLN A 209 -83.32 46.26 32.41
N THR A 210 -82.65 47.34 32.01
CA THR A 210 -83.08 48.67 32.43
C THR A 210 -84.47 49.01 31.92
N GLU A 211 -84.75 48.67 30.66
CA GLU A 211 -86.07 48.93 30.09
C GLU A 211 -87.14 48.12 30.80
N VAL A 212 -86.84 46.86 31.14
CA VAL A 212 -87.80 46.03 31.86
C VAL A 212 -88.09 46.60 33.23
N ASN A 213 -87.05 47.03 33.95
CA ASN A 213 -87.25 47.62 35.26
C ASN A 213 -88.00 48.95 35.17
N GLU A 214 -87.81 49.69 34.08
CA GLU A 214 -88.55 50.95 33.90
C GLU A 214 -90.03 50.67 33.64
N ASP A 215 -90.33 49.73 32.74
CA ASP A 215 -91.71 49.44 32.39
C ASP A 215 -92.46 48.70 33.50
N LEU A 216 -91.73 48.04 34.40
CA LEU A 216 -92.38 47.31 35.48
C LEU A 216 -93.07 48.26 36.46
N GLU A 217 -92.51 49.46 36.66
CA GLU A 217 -93.06 50.37 37.65
C GLU A 217 -94.37 51.00 37.19
N TRP A 218 -94.59 51.12 35.89
CA TRP A 218 -95.84 51.70 35.42
C TRP A 218 -97.00 50.71 35.54
N LEU A 219 -96.70 49.44 35.81
CA LEU A 219 -97.76 48.47 36.08
C LEU A 219 -98.41 48.68 37.44
N GLY A 220 -97.76 49.45 38.32
CA GLY A 220 -98.29 49.78 39.63
C GLY A 220 -99.10 51.06 39.68
N GLU A 221 -99.42 51.65 38.53
CA GLU A 221 -100.20 52.88 38.50
C GLU A 221 -101.67 52.59 38.80
N PHE A 222 -102.44 53.66 38.99
CA PHE A 222 -103.86 53.55 39.30
C PHE A 222 -104.76 53.88 38.13
N ALA A 223 -104.30 54.69 37.17
CA ALA A 223 -105.10 55.07 36.02
C ALA A 223 -104.53 54.53 34.72
N ILE A 224 -103.79 53.43 34.78
CA ILE A 224 -103.23 52.85 33.56
C ILE A 224 -104.34 52.27 32.68
N ASP A 225 -105.40 51.74 33.28
CA ASP A 225 -106.53 51.17 32.55
C ASP A 225 -107.37 52.31 31.99
N ASN A 226 -106.93 52.82 30.83
CA ASN A 226 -107.58 53.99 30.24
C ASN A 226 -108.91 53.61 29.59
N ASP A 227 -108.86 52.75 28.58
CA ASP A 227 -110.06 52.36 27.84
C ASP A 227 -109.85 50.95 27.28
N ALA A 228 -110.77 50.53 26.41
CA ALA A 228 -110.70 49.18 25.86
C ALA A 228 -109.53 49.02 24.90
N ASP A 229 -109.20 50.07 24.14
CA ASP A 229 -108.14 49.97 23.16
C ASP A 229 -106.75 49.84 23.79
N ASN A 230 -106.62 50.20 25.07
CA ASN A 230 -105.32 50.10 25.74
C ASN A 230 -105.56 49.96 27.24
N TYR A 231 -105.18 48.82 27.80
CA TYR A 231 -105.31 48.55 29.22
C TYR A 231 -104.39 47.38 29.57
N VAL A 232 -104.53 46.86 30.78
CA VAL A 232 -103.71 45.75 31.25
C VAL A 232 -104.61 44.62 31.68
N GLN A 233 -104.07 43.39 31.65
CA GLN A 233 -104.80 42.20 32.03
C GLN A 233 -104.11 41.54 33.22
N ARG A 234 -104.59 40.35 33.59
CA ARG A 234 -104.13 39.71 34.82
C ARG A 234 -102.75 39.07 34.65
N TYR A 235 -102.45 38.56 33.46
CA TYR A 235 -101.27 37.72 33.26
C TYR A 235 -100.04 38.47 32.77
N HIS A 236 -100.12 39.80 32.64
CA HIS A 236 -98.95 40.56 32.18
C HIS A 236 -97.89 40.63 33.26
N ILE A 237 -98.31 40.93 34.51
CA ILE A 237 -97.34 41.10 35.59
C ILE A 237 -96.54 39.83 35.86
N PRO A 238 -97.15 38.64 35.95
CA PRO A 238 -96.31 37.44 36.17
C PRO A 238 -95.28 37.22 35.07
N ALA A 239 -95.64 37.47 33.80
CA ALA A 239 -94.69 37.29 32.71
C ALA A 239 -93.53 38.28 32.83
N VAL A 240 -93.85 39.54 33.11
CA VAL A 240 -92.80 40.55 33.26
C VAL A 240 -91.89 40.20 34.44
N GLU A 241 -92.48 39.74 35.54
CA GLU A 241 -91.68 39.37 36.72
C GLU A 241 -90.77 38.19 36.41
N ALA A 242 -91.28 37.19 35.70
CA ALA A 242 -90.46 36.04 35.34
C ALA A 242 -89.30 36.46 34.43
N LEU A 243 -89.58 37.32 33.45
CA LEU A 243 -88.52 37.79 32.57
C LEU A 243 -87.45 38.54 33.35
N LYS A 244 -87.87 39.43 34.27
CA LYS A 244 -86.91 40.18 35.07
C LYS A 244 -86.08 39.26 35.96
N ALA A 245 -86.73 38.26 36.57
CA ALA A 245 -86.00 37.33 37.42
C ALA A 245 -84.99 36.53 36.62
N GLU A 246 -85.36 36.10 35.42
CA GLU A 246 -84.42 35.36 34.58
C GLU A 246 -83.23 36.22 34.18
N ILE A 247 -83.48 37.47 33.82
CA ILE A 247 -82.38 38.36 33.45
C ILE A 247 -81.44 38.59 34.64
N ASP A 248 -82.01 38.83 35.81
CA ASP A 248 -81.20 39.06 37.00
C ASP A 248 -80.41 37.83 37.41
N ALA A 249 -80.97 36.63 37.19
CA ALA A 249 -80.24 35.41 37.49
C ALA A 249 -79.14 35.15 36.47
N ARG A 250 -79.35 35.53 35.21
CA ARG A 250 -78.35 35.28 34.19
C ARG A 250 -77.16 36.22 34.33
N LEU A 251 -77.42 37.51 34.60
CA LEU A 251 -76.33 38.48 34.67
C LEU A 251 -75.37 38.17 35.83
N GLU A 252 -75.92 37.68 36.95
CA GLU A 252 -75.09 37.41 38.12
C GLU A 252 -74.02 36.36 37.81
N ALA A 253 -74.36 35.37 36.99
CA ALA A 253 -73.39 34.37 36.56
C ALA A 253 -72.57 34.82 35.37
N ILE A 254 -73.09 35.74 34.55
CA ILE A 254 -72.36 36.21 33.39
C ILE A 254 -71.17 37.07 33.82
N GLU A 255 -71.33 37.88 34.87
CA GLU A 255 -70.33 38.89 35.23
C GLU A 255 -68.92 38.35 35.40
N PRO A 256 -68.65 37.33 36.24
CA PRO A 256 -67.25 36.93 36.47
C PRO A 256 -66.55 36.42 35.21
N LEU A 257 -67.28 35.71 34.35
CA LEU A 257 -66.67 35.22 33.13
C LEU A 257 -66.28 36.36 32.20
N ARG A 258 -67.13 37.38 32.11
CA ARG A 258 -66.77 38.57 31.32
C ARG A 258 -65.53 39.24 31.90
N ALA A 259 -65.47 39.39 33.22
CA ALA A 259 -64.32 40.03 33.84
C ALA A 259 -63.04 39.26 33.55
N ASP A 260 -63.08 37.92 33.72
CA ASP A 260 -61.90 37.11 33.46
C ASP A 260 -61.50 37.13 32.00
N SER A 261 -62.48 37.10 31.10
CA SER A 261 -62.18 37.15 29.67
C SER A 261 -61.48 38.45 29.31
N ALA A 262 -62.00 39.58 29.80
CA ALA A 262 -61.36 40.86 29.51
C ALA A 262 -59.95 40.92 30.08
N GLU A 263 -59.79 40.48 31.34
CA GLU A 263 -58.48 40.55 31.97
C GLU A 263 -57.45 39.69 31.23
N LYS A 264 -57.85 38.48 30.82
CA LYS A 264 -56.91 37.59 30.15
C LYS A 264 -56.65 37.99 28.71
N ASN A 265 -57.63 38.60 28.04
CA ASN A 265 -57.39 39.09 26.69
C ASN A 265 -56.52 40.35 26.68
N ARG A 266 -56.56 41.15 27.74
CA ARG A 266 -55.66 42.30 27.80
C ARG A 266 -54.21 41.86 28.04
N LEU A 267 -54.01 40.83 28.87
CA LEU A 267 -52.66 40.40 29.20
C LEU A 267 -51.97 39.74 28.01
N ALA A 268 -52.70 38.94 27.24
CA ALA A 268 -52.10 38.21 26.13
C ALA A 268 -51.72 39.12 24.96
N GLN A 269 -52.17 40.38 24.97
CA GLN A 269 -51.81 41.31 23.92
C GLN A 269 -50.44 41.95 24.15
N LYS A 270 -49.81 41.71 25.30
CA LYS A 270 -48.53 42.31 25.64
C LYS A 270 -47.36 41.37 25.39
N SER A 271 -47.50 40.41 24.47
CA SER A 271 -46.42 39.47 24.18
C SER A 271 -46.70 38.81 22.85
N ASP A 272 -45.70 38.83 21.97
CA ASP A 272 -45.75 38.17 20.68
C ASP A 272 -44.76 37.02 20.65
N VAL A 273 -45.14 35.91 20.03
CA VAL A 273 -44.35 34.69 20.07
C VAL A 273 -43.52 34.55 18.78
N LEU A 274 -43.92 35.26 17.73
CA LEU A 274 -43.18 35.16 16.47
C LEU A 274 -41.82 35.82 16.54
N VAL A 275 -41.74 37.02 17.12
CA VAL A 275 -40.45 37.69 17.26
C VAL A 275 -39.51 36.89 18.14
N ARG A 276 -40.04 36.22 19.18
CA ARG A 276 -39.19 35.38 20.02
C ARG A 276 -38.66 34.17 19.25
N GLN A 277 -39.48 33.61 18.36
CA GLN A 277 -39.00 32.54 17.49
C GLN A 277 -37.89 33.03 16.57
N LEU A 278 -38.06 34.25 16.02
CA LEU A 278 -37.01 34.83 15.19
C LEU A 278 -35.72 35.02 15.97
N PHE A 279 -35.84 35.50 17.22
CA PHE A 279 -34.65 35.68 18.04
C PHE A 279 -33.99 34.34 18.36
N LEU A 280 -34.79 33.30 18.58
CA LEU A 280 -34.21 31.97 18.82
C LEU A 280 -33.44 31.49 17.59
N GLU A 281 -34.01 31.68 16.41
CA GLU A 281 -33.29 31.30 15.18
C GLU A 281 -31.99 32.09 15.04
N ARG A 282 -32.05 33.39 15.30
CA ARG A 282 -30.86 34.23 15.17
C ARG A 282 -29.77 33.81 16.15
N ALA A 283 -30.16 33.49 17.38
CA ALA A 283 -29.18 33.07 18.38
C ALA A 283 -28.59 31.70 18.05
N THR A 284 -29.40 30.79 17.50
CA THR A 284 -28.87 29.50 17.07
C THR A 284 -27.84 29.68 15.95
N ALA A 285 -28.14 30.55 14.98
CA ALA A 285 -27.18 30.81 13.92
C ALA A 285 -25.91 31.44 14.47
N GLN A 286 -26.05 32.33 15.45
CA GLN A 286 -24.88 32.95 16.08
C GLN A 286 -24.01 31.91 16.76
N ARG A 287 -24.64 30.97 17.49
CA ARG A 287 -23.86 29.90 18.11
C ARG A 287 -23.16 29.03 17.07
N ASP A 288 -23.85 28.74 15.97
CA ASP A 288 -23.24 27.94 14.91
C ASP A 288 -22.01 28.64 14.34
N THR A 289 -22.09 29.95 14.14
CA THR A 289 -20.93 30.69 13.63
C THR A 289 -19.80 30.75 14.66
N LEU A 290 -20.16 30.93 15.93
CA LEU A 290 -19.15 31.00 16.98
C LEU A 290 -18.40 29.68 17.11
N ARG A 291 -19.06 28.55 16.84
CA ARG A 291 -18.39 27.26 16.85
C ARG A 291 -17.20 27.24 15.89
N ILE A 292 -17.45 27.62 14.63
CA ILE A 292 -16.36 27.56 13.65
C ILE A 292 -15.34 28.67 13.92
N VAL A 293 -15.76 29.80 14.47
CA VAL A 293 -14.79 30.83 14.84
C VAL A 293 -13.80 30.28 15.88
N GLU A 294 -14.33 29.61 16.91
CA GLU A 294 -13.46 29.01 17.91
C GLU A 294 -12.59 27.93 17.31
N ALA A 295 -13.15 27.14 16.39
CA ALA A 295 -12.37 26.08 15.75
C ALA A 295 -11.19 26.66 14.98
N ILE A 296 -11.43 27.73 14.22
CA ILE A 296 -10.36 28.36 13.44
C ILE A 296 -9.28 28.91 14.36
N PHE A 297 -9.70 29.61 15.42
CA PHE A 297 -8.72 30.18 16.34
C PHE A 297 -7.90 29.10 17.03
N ALA A 298 -8.54 28.01 17.45
CA ALA A 298 -7.82 26.91 18.09
C ALA A 298 -6.85 26.25 17.12
N THR A 299 -7.26 26.06 15.86
CA THR A 299 -6.38 25.48 14.87
C THR A 299 -5.15 26.35 14.65
N ALA A 300 -5.35 27.67 14.54
CA ALA A 300 -4.22 28.57 14.37
C ALA A 300 -3.29 28.54 15.58
N THR A 301 -3.87 28.55 16.78
CA THR A 301 -3.07 28.51 18.00
C THR A 301 -2.22 27.26 18.06
N ARG A 302 -2.83 26.10 17.78
CA ARG A 302 -2.08 24.85 17.86
C ARG A 302 -1.04 24.75 16.75
N TYR A 303 -1.32 25.28 15.56
CA TYR A 303 -0.34 25.27 14.49
C TYR A 303 0.87 26.12 14.86
N VAL A 304 0.63 27.30 15.46
CA VAL A 304 1.75 28.15 15.87
C VAL A 304 2.52 27.52 17.02
N GLU A 305 1.82 26.84 17.94
CA GLU A 305 2.47 26.27 19.11
C GLU A 305 3.48 25.18 18.76
N LEU A 306 3.19 24.35 17.77
CA LEU A 306 4.04 23.21 17.43
C LEU A 306 5.27 23.58 16.63
N TYR A 307 5.69 24.85 16.65
CA TYR A 307 6.88 25.27 15.92
C TYR A 307 8.13 24.72 16.58
N GLU A 308 8.85 23.84 15.88
CA GLU A 308 10.14 23.31 16.33
C GLU A 308 10.00 22.67 17.72
N SER A 309 8.93 21.90 17.89
CA SER A 309 8.59 21.31 19.18
C SER A 309 8.96 19.84 19.23
N ASP A 310 9.14 19.33 20.44
CA ASP A 310 9.45 17.92 20.65
C ASP A 310 8.26 17.03 20.36
N GLU A 311 7.04 17.54 20.51
CA GLU A 311 5.83 16.75 20.29
C GLU A 311 5.39 16.72 18.84
N ASP A 312 6.13 17.35 17.93
CA ASP A 312 5.77 17.39 16.51
C ASP A 312 6.25 16.11 15.83
N VAL A 313 5.54 15.02 16.13
CA VAL A 313 5.86 13.70 15.58
C VAL A 313 5.34 13.64 14.15
N ASN A 314 5.83 12.67 13.38
CA ASN A 314 5.47 12.50 11.98
C ASN A 314 4.62 11.25 11.79
N VAL A 315 3.46 11.43 11.15
CA VAL A 315 2.54 10.33 10.91
C VAL A 315 1.97 10.46 9.50
N GLU A 316 1.69 9.31 8.89
CA GLU A 316 1.07 9.25 7.55
C GLU A 316 1.90 10.01 6.51
N GLY A 317 3.22 9.88 6.62
CA GLY A 317 4.10 10.54 5.66
C GLY A 317 4.11 12.06 5.76
N LYS A 318 3.64 12.61 6.87
CA LYS A 318 3.62 14.05 7.07
C LYS A 318 3.89 14.34 8.53
N THR A 319 4.26 15.59 8.80
CA THR A 319 4.45 16.02 10.18
C THR A 319 3.11 16.39 10.81
N LEU A 320 3.08 16.36 12.15
CA LEU A 320 1.85 16.69 12.86
C LEU A 320 1.43 18.13 12.60
N ARG A 321 2.40 19.06 12.58
CA ARG A 321 2.10 20.45 12.29
C ARG A 321 1.60 20.64 10.86
N GLU A 322 1.98 19.75 9.95
CA GLU A 322 1.48 19.84 8.57
C GLU A 322 0.00 19.51 8.51
N HIS A 323 -0.45 18.54 9.31
CA HIS A 323 -1.84 18.12 9.27
C HIS A 323 -2.78 19.27 9.64
N TYR A 324 -2.37 20.11 10.59
CA TYR A 324 -3.24 21.20 11.04
C TYR A 324 -3.45 22.23 9.94
N PHE A 325 -2.45 22.42 9.07
CA PHE A 325 -2.54 23.46 8.05
C PHE A 325 -3.59 23.17 6.99
N ALA A 326 -3.95 21.90 6.79
CA ALA A 326 -4.90 21.54 5.75
C ALA A 326 -6.35 21.78 6.14
N LEU A 327 -6.62 22.16 7.39
CA LEU A 327 -8.00 22.33 7.83
C LEU A 327 -8.60 23.65 7.36
N PHE A 328 -7.76 24.65 7.11
CA PHE A 328 -8.27 25.98 6.79
C PHE A 328 -9.13 26.05 5.52
N PRO A 329 -8.79 25.40 4.39
CA PRO A 329 -9.64 25.56 3.20
C PRO A 329 -11.08 25.12 3.39
N THR A 330 -11.34 24.06 4.16
CA THR A 330 -12.70 23.61 4.42
C THR A 330 -13.43 24.52 5.40
N LEU A 331 -12.72 25.01 6.42
CA LEU A 331 -13.32 25.93 7.37
C LEU A 331 -13.70 27.24 6.68
N PHE A 332 -12.90 27.68 5.71
CA PHE A 332 -13.20 28.93 5.03
C PHE A 332 -14.43 28.84 4.14
N GLY A 333 -14.96 27.65 3.90
CA GLY A 333 -16.19 27.48 3.18
C GLY A 333 -17.36 27.20 4.10
N ALA A 334 -17.11 26.39 5.14
CA ALA A 334 -18.15 26.13 6.13
C ALA A 334 -18.55 27.40 6.86
N ALA A 335 -17.56 28.23 7.23
CA ALA A 335 -17.87 29.52 7.85
C ALA A 335 -18.57 30.45 6.88
N SER A 336 -18.24 30.36 5.59
CA SER A 336 -18.95 31.17 4.60
C SER A 336 -20.42 30.79 4.54
N PHE A 337 -20.72 29.49 4.55
CA PHE A 337 -22.11 29.04 4.57
C PHE A 337 -22.83 29.49 5.85
N ASN A 338 -22.16 29.34 6.99
CA ASN A 338 -22.78 29.74 8.25
C ASN A 338 -23.04 31.25 8.28
N VAL A 339 -22.11 32.04 7.74
CA VAL A 339 -22.29 33.48 7.69
C VAL A 339 -23.40 33.86 6.72
N GLY A 340 -23.53 33.13 5.61
CA GLY A 340 -24.64 33.37 4.70
C GLY A 340 -25.99 33.11 5.36
N VAL A 341 -26.06 32.08 6.21
CA VAL A 341 -27.29 31.83 6.95
C VAL A 341 -27.51 32.93 8.00
N LEU A 342 -26.45 33.31 8.72
CA LEU A 342 -26.58 34.28 9.80
C LEU A 342 -26.94 35.66 9.28
N ASN A 343 -26.54 36.00 8.05
CA ASN A 343 -26.91 37.29 7.49
C ASN A 343 -28.43 37.43 7.32
N THR A 344 -29.07 36.40 6.76
CA THR A 344 -30.52 36.41 6.66
C THR A 344 -31.18 36.35 8.05
N ALA A 345 -30.59 35.55 8.96
CA ALA A 345 -31.15 35.49 10.31
C ALA A 345 -31.10 36.85 10.99
N ASP A 346 -30.06 37.65 10.74
CA ASP A 346 -29.95 38.98 11.31
C ASP A 346 -30.91 39.96 10.63
N ASP A 347 -31.00 39.89 9.29
CA ASP A 347 -31.84 40.82 8.56
C ASP A 347 -33.32 40.59 8.85
N ALA A 348 -33.70 39.37 9.19
CA ALA A 348 -35.11 39.08 9.45
C ALA A 348 -35.61 39.82 10.69
N VAL A 349 -34.78 39.91 11.73
CA VAL A 349 -35.23 40.48 13.00
C VAL A 349 -35.44 41.99 12.87
N ILE A 350 -34.52 42.68 12.19
CA ILE A 350 -34.58 44.14 12.12
C ILE A 350 -35.82 44.63 11.40
N ASP A 351 -36.26 43.96 10.33
CA ASP A 351 -37.38 44.41 9.54
C ASP A 351 -38.74 44.02 10.10
N TYR A 352 -38.79 43.09 11.06
CA TYR A 352 -40.04 42.58 11.60
C TYR A 352 -40.04 42.62 13.12
N TYR A 353 -39.68 43.76 13.71
CA TYR A 353 -39.71 43.88 15.17
C TYR A 353 -41.11 44.21 15.67
N LEU A 354 -41.75 45.22 15.08
CA LEU A 354 -43.11 45.60 15.48
C LEU A 354 -43.83 46.12 14.22
N VAL A 355 -44.52 45.22 13.54
CA VAL A 355 -45.20 45.55 12.29
C VAL A 355 -46.20 44.44 11.99
N TRP A 356 -47.16 44.73 11.11
CA TRP A 356 -48.12 43.71 10.69
C TRP A 356 -47.38 42.54 10.03
N ASP A 357 -48.09 41.42 9.91
CA ASP A 357 -47.61 40.10 9.48
C ASP A 357 -46.83 39.42 10.60
N THR A 358 -46.56 40.10 11.71
CA THR A 358 -46.07 39.45 12.92
C THR A 358 -47.14 39.29 13.99
N ASP A 359 -48.07 40.23 14.08
CA ASP A 359 -49.32 40.04 14.79
C ASP A 359 -50.39 39.75 13.76
N LEU A 360 -51.39 38.95 14.12
CA LEU A 360 -52.29 38.36 13.13
C LEU A 360 -53.72 38.73 13.51
N GLU A 361 -54.68 38.07 12.86
CA GLU A 361 -56.07 38.51 12.89
C GLU A 361 -56.64 38.55 14.31
N THR A 362 -56.29 37.59 15.14
CA THR A 362 -56.91 37.48 16.45
C THR A 362 -55.83 37.25 17.51
N ASN A 363 -56.25 37.32 18.77
CA ASN A 363 -55.34 37.29 19.91
C ASN A 363 -54.66 35.94 20.11
N ASP A 364 -55.21 34.86 19.55
CA ASP A 364 -54.63 33.53 19.74
C ASP A 364 -54.73 32.75 18.45
N GLU A 365 -53.58 32.34 17.92
CA GLU A 365 -53.54 31.53 16.70
C GLU A 365 -52.26 30.70 16.71
N ASP A 366 -52.40 29.43 16.33
CA ASP A 366 -51.27 28.52 16.18
C ASP A 366 -51.08 28.08 14.74
N ALA A 367 -51.85 28.62 13.80
CA ALA A 367 -51.69 28.25 12.40
C ALA A 367 -50.42 28.85 11.82
N ALA A 368 -49.85 29.85 12.47
CA ALA A 368 -48.60 30.47 12.03
C ALA A 368 -47.39 30.00 12.82
N TYR A 369 -47.54 29.78 14.12
CA TYR A 369 -46.42 29.30 14.93
C TYR A 369 -46.02 27.89 14.52
N ALA A 370 -47.01 27.04 14.19
CA ALA A 370 -46.71 25.65 13.85
C ALA A 370 -45.88 25.57 12.57
N GLU A 371 -46.23 26.36 11.55
CA GLU A 371 -45.49 26.32 10.29
C GLU A 371 -44.05 26.79 10.47
N GLU A 372 -43.86 27.89 11.21
CA GLU A 372 -42.52 28.39 11.46
C GLU A 372 -41.70 27.40 12.28
N LYS A 373 -42.32 26.77 13.28
CA LYS A 373 -41.63 25.75 14.05
C LYS A 373 -41.24 24.57 13.18
N ARG A 374 -42.12 24.15 12.27
CA ARG A 374 -41.80 23.06 11.37
C ARG A 374 -40.62 23.41 10.48
N GLU A 375 -40.61 24.62 9.91
CA GLU A 375 -39.50 25.03 9.05
C GLU A 375 -38.20 25.11 9.84
N PHE A 376 -38.25 25.66 11.06
CA PHE A 376 -37.04 25.78 11.87
C PHE A 376 -36.50 24.40 12.25
N ALA A 377 -37.40 23.47 12.60
CA ALA A 377 -36.97 22.12 12.93
C ALA A 377 -36.37 21.41 11.72
N LEU A 378 -36.98 21.61 10.54
CA LEU A 378 -36.43 21.01 9.32
C LEU A 378 -35.04 21.55 9.02
N LEU A 379 -34.85 22.86 9.17
CA LEU A 379 -33.54 23.45 8.94
C LEU A 379 -32.51 22.95 9.96
N THR A 380 -32.93 22.80 11.22
CA THR A 380 -32.03 22.27 12.23
C THR A 380 -31.64 20.83 11.91
N TYR A 381 -32.60 20.00 11.49
CA TYR A 381 -32.29 18.63 11.13
C TYR A 381 -31.36 18.56 9.93
N ALA A 382 -31.58 19.43 8.93
CA ALA A 382 -30.77 19.38 7.71
C ALA A 382 -29.34 19.80 7.98
N LYS A 383 -29.13 20.79 8.86
CA LYS A 383 -27.80 21.33 9.07
C LYS A 383 -26.91 20.43 9.91
N ILE A 384 -27.48 19.44 10.60
CA ILE A 384 -26.66 18.54 11.42
C ILE A 384 -25.83 17.59 10.55
N PHE A 385 -26.16 17.48 9.27
CA PHE A 385 -25.43 16.62 8.35
C PHE A 385 -24.44 17.38 7.49
N ILE A 386 -24.19 18.65 7.80
CA ILE A 386 -23.28 19.50 7.04
C ILE A 386 -22.08 19.93 7.86
N ASN A 387 -22.32 20.41 9.08
CA ASN A 387 -21.21 20.79 9.96
C ASN A 387 -20.35 19.59 10.33
N GLY A 388 -20.96 18.40 10.37
CA GLY A 388 -20.22 17.20 10.68
C GLY A 388 -19.08 16.91 9.72
N GLN A 389 -19.18 17.41 8.48
CA GLN A 389 -18.12 17.18 7.50
C GLN A 389 -16.78 17.75 8.00
N TRP A 390 -16.79 19.00 8.48
CA TRP A 390 -15.57 19.57 9.01
C TRP A 390 -15.33 19.16 10.46
N GLN A 391 -16.40 18.85 11.20
CA GLN A 391 -16.23 18.36 12.56
C GLN A 391 -15.42 17.07 12.58
N GLU A 392 -15.66 16.19 11.60
CA GLU A 392 -14.95 14.91 11.56
C GLU A 392 -13.48 15.09 11.21
N LYS A 393 -13.17 16.04 10.32
CA LYS A 393 -11.77 16.30 10.00
C LYS A 393 -11.04 16.87 11.21
N VAL A 394 -11.66 17.82 11.91
CA VAL A 394 -11.07 18.37 13.13
C VAL A 394 -10.87 17.27 14.15
N LYS A 395 -11.86 16.39 14.30
CA LYS A 395 -11.76 15.28 15.23
C LYS A 395 -10.63 14.34 14.83
N TYR A 396 -10.45 14.10 13.54
CA TYR A 396 -9.38 13.24 13.06
C TYR A 396 -8.01 13.78 13.44
N VAL A 397 -7.77 15.07 13.15
CA VAL A 397 -6.47 15.65 13.47
C VAL A 397 -6.26 15.68 14.99
N GLN A 398 -7.28 16.10 15.74
CA GLN A 398 -7.16 16.12 17.20
C GLN A 398 -6.89 14.73 17.75
N ASN A 399 -7.54 13.71 17.17
CA ASN A 399 -7.38 12.34 17.62
C ASN A 399 -5.96 11.84 17.37
N LEU A 400 -5.42 12.14 16.19
CA LEU A 400 -4.01 11.86 15.93
C LEU A 400 -3.14 12.49 17.01
N ASP A 401 -3.43 13.75 17.35
CA ASP A 401 -2.62 14.48 18.32
C ASP A 401 -2.64 13.79 19.68
N ASP A 402 -3.82 13.56 20.25
CA ASP A 402 -3.81 13.04 21.62
C ASP A 402 -3.42 11.58 21.65
N GLY A 403 -3.66 10.85 20.55
CA GLY A 403 -3.16 9.49 20.47
C GLY A 403 -1.65 9.42 20.55
N ALA A 404 -0.96 10.26 19.76
CA ALA A 404 0.49 10.30 19.86
C ALA A 404 0.95 10.73 21.24
N ARG A 405 0.32 11.77 21.79
CA ARG A 405 0.77 12.29 23.08
C ARG A 405 0.57 11.27 24.20
N ALA A 406 -0.55 10.55 24.19
CA ALA A 406 -0.81 9.57 25.24
C ALA A 406 0.00 8.30 25.03
N GLU A 407 0.24 7.92 23.77
CA GLU A 407 1.05 6.73 23.53
C GLU A 407 2.51 6.97 23.89
N ALA A 408 2.98 8.21 23.84
CA ALA A 408 4.35 8.48 24.24
C ALA A 408 4.47 8.71 25.75
N ALA A 409 3.81 7.86 26.54
CA ALA A 409 4.02 7.75 27.98
C ALA A 409 3.99 6.33 28.50
N ARG A 410 3.31 5.40 27.81
CA ARG A 410 3.13 4.05 28.33
C ARG A 410 4.44 3.26 28.30
N ILE A 411 5.29 3.51 27.31
CA ILE A 411 6.60 2.85 27.28
C ILE A 411 7.41 3.24 28.51
N GLU A 412 7.44 4.53 28.84
CA GLU A 412 8.16 4.98 30.02
C GLU A 412 7.55 4.40 31.29
N ALA A 413 6.23 4.40 31.39
CA ALA A 413 5.58 3.86 32.59
C ALA A 413 5.90 2.37 32.76
N GLU A 414 5.80 1.60 31.69
CA GLU A 414 6.07 0.17 31.77
C GLU A 414 7.55 -0.10 32.03
N ARG A 415 8.43 0.73 31.47
CA ARG A 415 9.86 0.56 31.74
C ARG A 415 10.16 0.79 33.21
N LEU A 416 9.60 1.85 33.79
CA LEU A 416 9.80 2.09 35.22
C LEU A 416 9.23 0.96 36.06
N ALA A 417 8.03 0.48 35.71
CA ALA A 417 7.42 -0.61 36.47
C ALA A 417 8.26 -1.88 36.39
N ASP A 418 8.76 -2.21 35.19
CA ASP A 418 9.57 -3.41 35.02
C ASP A 418 10.89 -3.29 35.76
N GLU A 419 11.52 -2.11 35.73
CA GLU A 419 12.76 -1.92 36.46
C GLU A 419 12.54 -2.07 37.97
N ALA A 420 11.46 -1.48 38.50
CA ALA A 420 11.17 -1.64 39.92
C ALA A 420 10.89 -3.10 40.27
N TYR A 421 10.13 -3.79 39.42
CA TYR A 421 9.82 -5.20 39.68
C TYR A 421 11.08 -6.05 39.69
N ARG A 422 11.97 -5.84 38.71
CA ARG A 422 13.20 -6.60 38.65
C ARG A 422 14.10 -6.31 39.84
N ALA A 423 14.21 -5.03 40.23
CA ALA A 423 15.02 -4.69 41.39
C ALA A 423 14.48 -5.33 42.66
N GLU A 424 13.16 -5.29 42.85
CA GLU A 424 12.56 -5.90 44.03
C GLU A 424 12.77 -7.41 44.03
N GLN A 425 12.61 -8.04 42.86
CA GLN A 425 12.82 -9.48 42.77
C GLN A 425 14.25 -9.87 43.12
N LEU A 426 15.23 -9.13 42.59
CA LEU A 426 16.62 -9.41 42.91
C LEU A 426 16.91 -9.19 44.38
N ARG A 427 16.37 -8.12 44.96
CA ARG A 427 16.60 -7.86 46.38
C ARG A 427 16.03 -8.97 47.25
N ILE A 428 14.80 -9.42 46.93
CA ILE A 428 14.18 -10.48 47.71
C ILE A 428 14.97 -11.78 47.57
N ALA A 429 15.40 -12.10 46.35
CA ALA A 429 16.17 -13.31 46.14
C ALA A 429 17.49 -13.27 46.89
N GLN A 430 18.16 -12.11 46.87
CA GLN A 430 19.44 -11.98 47.55
C GLN A 430 19.28 -12.10 49.07
N GLU A 431 18.25 -11.47 49.63
CA GLU A 431 18.06 -11.58 51.07
C GLU A 431 17.61 -12.99 51.48
N ALA A 432 16.86 -13.69 50.63
CA ALA A 432 16.53 -15.08 50.91
C ALA A 432 17.77 -15.96 50.88
N ALA A 433 18.66 -15.74 49.91
CA ALA A 433 19.91 -16.49 49.87
C ALA A 433 20.77 -16.19 51.09
N ASP A 434 20.78 -14.93 51.53
CA ASP A 434 21.49 -14.59 52.75
C ASP A 434 20.90 -15.29 53.96
N ALA A 435 19.56 -15.40 54.03
CA ALA A 435 18.93 -16.11 55.12
C ALA A 435 19.27 -17.60 55.09
N GLN A 436 19.33 -18.19 53.89
CA GLN A 436 19.74 -19.58 53.77
C GLN A 436 21.18 -19.78 54.23
N LYS A 437 22.08 -18.87 53.85
CA LYS A 437 23.45 -18.93 54.35
C LYS A 437 23.48 -18.75 55.86
N ALA A 438 22.57 -17.93 56.38
CA ALA A 438 22.51 -17.69 57.82
C ALA A 438 22.14 -18.96 58.57
N ILE A 439 21.10 -19.66 58.12
CA ILE A 439 20.74 -20.90 58.80
C ILE A 439 21.84 -21.94 58.61
N ALA A 440 22.49 -21.93 57.44
CA ALA A 440 23.60 -22.85 57.22
C ALA A 440 24.70 -22.64 58.25
N ASP A 441 25.14 -21.39 58.43
CA ASP A 441 26.19 -21.11 59.41
C ASP A 441 25.70 -21.36 60.83
N ALA A 442 24.41 -21.19 61.08
CA ALA A 442 23.89 -21.34 62.44
C ALA A 442 23.83 -22.81 62.85
N LEU A 443 23.25 -23.67 62.01
CA LEU A 443 23.15 -25.08 62.38
C LEU A 443 24.44 -25.85 62.10
N ALA A 444 25.34 -25.30 61.28
CA ALA A 444 26.65 -25.92 61.12
C ALA A 444 27.52 -25.73 62.34
N LYS A 445 27.22 -24.72 63.16
CA LYS A 445 28.00 -24.43 64.35
C LYS A 445 27.67 -25.41 65.47
N THR B 33 17.92 24.47 26.59
CA THR B 33 18.12 23.61 25.43
C THR B 33 18.10 24.43 24.14
N GLY B 34 19.26 24.59 23.52
CA GLY B 34 19.37 25.33 22.28
C GLY B 34 20.63 25.05 21.51
N THR B 35 20.48 24.70 20.23
CA THR B 35 21.58 24.38 19.33
C THR B 35 21.02 24.56 17.92
N TYR B 36 21.87 24.33 16.92
CA TYR B 36 21.39 24.36 15.53
C TYR B 36 20.32 23.30 15.30
N ASN B 37 20.36 22.21 16.07
CA ASN B 37 19.29 21.24 16.13
C ASN B 37 18.86 21.08 17.58
N ASN B 38 17.56 21.15 17.83
CA ASN B 38 17.06 21.15 19.20
C ASN B 38 15.65 20.57 19.23
N THR B 39 15.27 20.09 20.41
CA THR B 39 13.94 19.57 20.68
C THR B 39 13.37 20.19 21.95
N GLY B 40 13.52 21.51 22.09
CA GLY B 40 13.07 22.18 23.28
C GLY B 40 12.10 23.31 23.02
N GLY B 41 11.57 23.38 21.81
CA GLY B 41 10.59 24.40 21.47
C GLY B 41 11.21 25.72 21.09
N PHE B 42 10.69 26.81 21.65
CA PHE B 42 11.22 28.14 21.36
C PHE B 42 12.63 28.28 21.91
N ASN B 43 13.50 28.93 21.12
CA ASN B 43 14.90 29.08 21.47
C ASN B 43 15.31 30.54 21.35
N ASP B 44 16.15 30.99 22.28
CA ASP B 44 16.67 32.36 22.24
C ASP B 44 17.83 32.51 21.26
N ALA B 45 18.44 31.40 20.84
CA ALA B 45 19.56 31.47 19.90
C ALA B 45 19.11 31.79 18.48
N ASP B 46 17.81 31.77 18.21
CA ASP B 46 17.28 32.08 16.89
C ASP B 46 16.45 33.36 16.85
N GLY B 47 15.88 33.78 17.97
CA GLY B 47 15.04 34.95 18.00
C GLY B 47 13.56 34.60 18.00
N SER B 48 13.19 33.63 18.83
CA SER B 48 11.80 33.18 18.92
C SER B 48 11.20 33.29 20.31
N THR B 49 12.02 33.46 21.35
CA THR B 49 11.51 33.57 22.71
C THR B 49 11.04 35.01 22.97
N ILE B 50 10.53 35.24 24.18
CA ILE B 50 10.04 36.55 24.59
C ILE B 50 11.18 37.32 25.24
N GLN B 51 11.23 38.63 24.99
CA GLN B 51 12.26 39.49 25.54
C GLN B 51 11.67 40.86 25.87
N PRO B 52 11.97 41.41 27.05
CA PRO B 52 11.47 42.75 27.40
C PRO B 52 12.08 43.84 26.53
N ALA B 53 11.51 45.03 26.56
CA ALA B 53 11.99 46.16 25.77
C ALA B 53 11.78 47.45 26.55
N PRO B 54 12.63 47.71 27.55
CA PRO B 54 12.55 48.99 28.26
C PRO B 54 12.94 50.14 27.35
N ALA B 55 12.43 51.33 27.67
CA ALA B 55 12.68 52.52 26.87
C ALA B 55 14.11 52.99 27.10
N VAL B 56 15.03 52.53 26.25
CA VAL B 56 16.44 52.91 26.31
C VAL B 56 16.82 53.50 24.96
N ASP B 57 17.51 54.65 25.00
CA ASP B 57 17.83 55.40 23.79
C ASP B 57 19.08 54.81 23.13
N HIS B 58 18.85 54.07 22.06
CA HIS B 58 19.92 53.64 21.17
C HIS B 58 19.84 54.47 19.90
N SER B 59 20.93 55.19 19.59
CA SER B 59 20.91 56.14 18.49
C SER B 59 20.71 55.43 17.15
N GLU B 60 20.12 56.15 16.20
CA GLU B 60 19.88 55.59 14.87
C GLU B 60 21.19 55.26 14.15
N ALA B 61 22.27 55.99 14.45
CA ALA B 61 23.56 55.63 13.89
C ALA B 61 24.03 54.27 14.38
N GLU B 62 23.78 53.97 15.66
CA GLU B 62 24.09 52.65 16.18
C GLU B 62 23.29 51.57 15.46
N LEU B 63 22.00 51.84 15.20
CA LEU B 63 21.18 50.89 14.46
C LEU B 63 21.73 50.68 13.06
N ARG B 64 22.10 51.76 12.37
CA ARG B 64 22.63 51.64 11.02
C ARG B 64 23.92 50.83 11.00
N ASP B 65 24.82 51.10 11.96
CA ASP B 65 26.09 50.38 12.00
C ASP B 65 25.87 48.90 12.32
N ALA B 66 25.01 48.59 13.29
CA ALA B 66 24.78 47.20 13.66
C ALA B 66 24.10 46.44 12.54
N THR B 67 23.23 47.12 11.77
CA THR B 67 22.57 46.45 10.66
C THR B 67 23.51 46.25 9.48
N ASP B 68 24.37 47.24 9.21
CA ASP B 68 25.33 47.09 8.12
C ASP B 68 26.41 46.07 8.45
N ALA B 69 26.69 45.85 9.75
CA ALA B 69 27.64 44.81 10.12
C ALA B 69 27.16 43.43 9.70
N THR B 70 25.84 43.25 9.56
CA THR B 70 25.28 41.98 9.09
C THR B 70 24.97 42.02 7.60
N GLY B 71 24.59 43.19 7.07
CA GLY B 71 24.25 43.28 5.66
C GLY B 71 25.42 43.02 4.73
N ASN B 72 26.64 43.17 5.23
CA ASN B 72 27.81 42.84 4.42
C ASN B 72 27.93 41.33 4.24
N TYR B 73 27.47 40.56 5.22
CA TYR B 73 27.55 39.11 5.12
C TYR B 73 26.63 38.56 4.03
N LEU B 74 25.52 39.25 3.77
CA LEU B 74 24.51 38.76 2.85
C LEU B 74 24.65 39.30 1.44
N ALA B 75 25.67 40.11 1.16
CA ALA B 75 25.82 40.66 -0.19
C ALA B 75 26.04 39.55 -1.21
N ALA B 76 26.92 38.60 -0.91
CA ALA B 76 27.15 37.49 -1.82
C ALA B 76 25.91 36.62 -1.98
N PHE B 77 25.21 36.34 -0.88
CA PHE B 77 24.01 35.52 -0.96
C PHE B 77 22.90 36.25 -1.70
N GLN B 78 22.75 37.55 -1.45
CA GLN B 78 21.71 38.32 -2.14
C GLN B 78 22.02 38.51 -3.62
N SER B 79 23.30 38.47 -4.00
CA SER B 79 23.63 38.55 -5.42
C SER B 79 23.06 37.36 -6.18
N GLY B 80 23.15 36.17 -5.61
CA GLY B 80 22.59 34.98 -6.20
C GLY B 80 23.55 34.13 -7.00
N ASP B 81 24.74 34.63 -7.30
CA ASP B 81 25.70 33.86 -8.08
C ASP B 81 26.34 32.79 -7.21
N ILE B 82 26.34 31.55 -7.72
CA ILE B 82 26.86 30.42 -6.94
C ILE B 82 28.37 30.54 -6.78
N GLU B 83 29.06 31.04 -7.81
CA GLU B 83 30.52 31.19 -7.73
C GLU B 83 30.90 32.17 -6.63
N ALA B 84 30.19 33.30 -6.54
CA ALA B 84 30.47 34.27 -5.49
C ALA B 84 30.19 33.67 -4.11
N ILE B 85 29.11 32.88 -4.01
CA ILE B 85 28.77 32.27 -2.72
C ILE B 85 29.86 31.31 -2.27
N VAL B 86 30.31 30.44 -3.18
CA VAL B 86 31.32 29.46 -2.80
C VAL B 86 32.66 30.13 -2.56
N GLY B 87 32.93 31.25 -3.24
CA GLY B 87 34.15 31.98 -3.00
C GLY B 87 34.17 32.74 -1.68
N ALA B 88 33.00 33.21 -1.25
CA ALA B 88 32.93 34.03 -0.04
C ALA B 88 32.72 33.20 1.23
N TYR B 89 31.77 32.28 1.22
CA TYR B 89 31.38 31.58 2.43
C TYR B 89 32.14 30.27 2.66
N ILE B 90 32.94 29.82 1.70
CA ILE B 90 33.67 28.56 1.81
C ILE B 90 35.15 28.85 1.72
N ASP B 91 35.92 28.24 2.62
CA ASP B 91 37.37 28.41 2.68
C ASP B 91 38.05 27.43 1.71
N ALA B 92 39.00 27.93 0.94
CA ALA B 92 39.74 27.07 0.02
C ALA B 92 40.62 26.06 0.73
N GLY B 93 41.29 26.47 1.81
CA GLY B 93 42.10 25.56 2.59
C GLY B 93 43.59 25.70 2.33
N VAL B 94 44.29 24.58 2.48
CA VAL B 94 45.74 24.51 2.31
C VAL B 94 46.07 24.82 0.85
N ASP B 95 47.29 25.31 0.61
CA ASP B 95 47.72 25.66 -0.74
C ASP B 95 47.52 24.49 -1.71
N GLY B 96 47.85 23.29 -1.27
CA GLY B 96 47.53 22.10 -2.04
C GLY B 96 46.11 21.65 -1.79
N PHE B 97 45.21 21.93 -2.73
CA PHE B 97 43.79 21.68 -2.54
C PHE B 97 43.51 20.19 -2.33
N ASP B 98 43.03 19.83 -1.15
CA ASP B 98 42.71 18.45 -0.84
C ASP B 98 41.32 18.13 -1.35
N PRO B 99 41.16 17.20 -2.29
CA PRO B 99 39.83 16.86 -2.80
C PRO B 99 39.09 15.78 -2.01
N SER B 100 39.63 15.35 -0.88
CA SER B 100 38.94 14.35 -0.07
C SER B 100 37.68 14.94 0.54
N GLU B 101 36.72 14.07 0.85
CA GLU B 101 35.42 14.53 1.35
C GLU B 101 35.53 15.15 2.74
N GLU B 102 36.53 14.75 3.52
CA GLU B 102 36.64 15.23 4.90
C GLU B 102 36.89 16.73 4.96
N ALA B 103 37.76 17.24 4.08
CA ALA B 103 38.01 18.68 4.04
C ALA B 103 36.78 19.45 3.62
N ILE B 104 36.02 18.90 2.66
CA ILE B 104 34.78 19.55 2.23
C ILE B 104 33.80 19.61 3.39
N PHE B 105 33.69 18.51 4.15
CA PHE B 105 32.81 18.49 5.31
C PHE B 105 33.24 19.52 6.36
N LYS B 106 34.55 19.62 6.60
CA LYS B 106 35.04 20.59 7.56
C LYS B 106 34.73 22.02 7.13
N ALA B 107 34.93 22.32 5.85
CA ALA B 107 34.64 23.67 5.35
C ALA B 107 33.16 24.00 5.47
N PHE B 108 32.29 23.06 5.11
CA PHE B 108 30.86 23.29 5.24
C PHE B 108 30.46 23.48 6.70
N GLU B 109 31.07 22.71 7.61
CA GLU B 109 30.79 22.87 9.03
C GLU B 109 31.20 24.26 9.53
N ALA B 110 32.36 24.74 9.09
CA ALA B 110 32.81 26.07 9.48
C ALA B 110 31.85 27.14 8.97
N ALA B 111 31.42 27.02 7.71
CA ALA B 111 30.46 27.98 7.18
C ALA B 111 29.15 27.96 7.96
N ARG B 112 28.68 26.77 8.33
CA ARG B 112 27.46 26.66 9.11
C ARG B 112 27.61 27.31 10.48
N ASP B 113 28.76 27.13 11.13
CA ASP B 113 28.99 27.76 12.42
C ASP B 113 29.02 29.29 12.30
N GLU B 114 29.65 29.80 11.24
CA GLU B 114 29.67 31.24 11.02
C GLU B 114 28.25 31.78 10.84
N ALA B 115 27.44 31.08 10.05
CA ALA B 115 26.05 31.50 9.87
C ALA B 115 25.28 31.47 11.18
N THR B 116 25.53 30.46 12.03
CA THR B 116 24.86 30.39 13.33
C THR B 116 25.21 31.60 14.18
N GLN B 117 26.48 31.97 14.22
CA GLN B 117 26.87 33.14 15.01
C GLN B 117 26.26 34.43 14.47
N GLN B 118 26.21 34.58 13.14
CA GLN B 118 25.57 35.75 12.55
C GLN B 118 24.10 35.82 12.94
N LEU B 119 23.41 34.67 12.93
CA LEU B 119 22.02 34.64 13.36
C LEU B 119 21.88 35.04 14.83
N ALA B 120 22.82 34.59 15.66
CA ALA B 120 22.78 34.95 17.08
C ALA B 120 22.88 36.45 17.28
N PHE B 121 23.72 37.12 16.48
CA PHE B 121 23.84 38.57 16.60
C PHE B 121 22.60 39.29 16.07
N SER B 122 22.07 38.82 14.92
CA SER B 122 20.86 39.41 14.37
C SER B 122 19.68 39.25 15.32
N ALA B 123 19.74 38.27 16.22
CA ALA B 123 18.70 38.12 17.23
C ALA B 123 18.67 39.32 18.17
N GLU B 124 19.84 39.75 18.67
CA GLU B 124 19.88 40.84 19.64
C GLU B 124 19.63 42.19 18.99
N THR B 125 19.94 42.31 17.69
CA THR B 125 19.63 43.55 16.98
C THR B 125 18.16 43.93 17.12
N ILE B 126 17.27 42.93 17.13
CA ILE B 126 15.83 43.19 17.24
C ILE B 126 15.51 43.89 18.56
N THR B 127 16.01 43.35 19.67
CA THR B 127 15.72 43.94 20.97
C THR B 127 16.29 45.35 21.06
N LYS B 128 17.48 45.56 20.51
CA LYS B 128 18.04 46.92 20.49
C LYS B 128 17.10 47.88 19.79
N THR B 129 16.62 47.51 18.60
CA THR B 129 15.75 48.41 17.85
C THR B 129 14.42 48.64 18.56
N ARG B 130 13.87 47.61 19.20
CA ARG B 130 12.60 47.76 19.92
C ARG B 130 12.75 48.73 21.08
N GLU B 131 13.84 48.63 21.83
CA GLU B 131 14.06 49.58 22.93
C GLU B 131 14.19 51.00 22.40
N SER B 132 14.89 51.16 21.28
CA SER B 132 15.01 52.49 20.68
C SER B 132 13.64 53.06 20.33
N VAL B 133 12.78 52.23 19.74
CA VAL B 133 11.44 52.67 19.37
C VAL B 133 10.64 53.09 20.61
N ALA B 134 10.73 52.31 21.68
CA ALA B 134 10.00 52.65 22.90
C ALA B 134 10.43 54.00 23.46
N TYR B 135 11.74 54.24 23.50
CA TYR B 135 12.22 55.54 23.98
C TYR B 135 11.73 56.67 23.09
N ALA B 136 11.77 56.47 21.76
CA ALA B 136 11.35 57.51 20.83
C ALA B 136 9.87 57.84 21.00
N LEU B 137 9.06 56.85 21.40
CA LEU B 137 7.65 57.14 21.67
C LEU B 137 7.47 57.89 22.98
N LYS B 138 8.20 57.47 24.02
CA LYS B 138 8.03 58.10 25.34
C LYS B 138 8.37 59.58 25.30
N VAL B 139 9.45 59.94 24.60
CA VAL B 139 9.92 61.32 24.65
C VAL B 139 8.87 62.28 24.09
N ASP B 140 8.36 61.99 22.89
CA ASP B 140 7.40 62.94 22.32
C ASP B 140 6.03 62.83 22.97
N GLN B 141 5.69 61.68 23.60
CA GLN B 141 4.49 61.66 24.42
C GLN B 141 4.59 62.70 25.54
N GLU B 142 5.70 62.68 26.27
CA GLU B 142 5.87 63.67 27.34
C GLU B 142 5.90 65.09 26.79
N ALA B 143 6.54 65.28 25.64
CA ALA B 143 6.62 66.61 25.05
C ALA B 143 5.24 67.17 24.72
N THR B 144 4.38 66.36 24.09
CA THR B 144 3.05 66.85 23.74
C THR B 144 2.19 67.07 24.97
N GLU B 145 2.37 66.25 26.02
CA GLU B 145 1.64 66.51 27.27
C GLU B 145 2.01 67.87 27.85
N ALA B 146 3.32 68.17 27.89
CA ALA B 146 3.77 69.46 28.42
C ALA B 146 3.26 70.61 27.57
N TYR B 147 3.28 70.45 26.24
CA TYR B 147 2.78 71.51 25.36
C TYR B 147 1.31 71.79 25.62
N LEU B 148 0.51 70.72 25.77
CA LEU B 148 -0.91 70.92 26.04
C LEU B 148 -1.13 71.64 27.36
N ALA B 149 -0.38 71.26 28.40
CA ALA B 149 -0.53 71.92 29.69
C ALA B 149 -0.20 73.41 29.59
N TYR B 150 0.91 73.74 28.92
CA TYR B 150 1.30 75.14 28.81
C TYR B 150 0.28 75.94 28.00
N ARG B 151 -0.25 75.36 26.92
CA ARG B 151 -1.25 76.06 26.13
C ARG B 151 -2.53 76.29 26.94
N ASN B 152 -2.92 75.31 27.76
CA ASN B 152 -4.10 75.50 28.60
C ASN B 152 -3.88 76.61 29.62
N ALA B 153 -2.68 76.69 30.20
CA ALA B 153 -2.38 77.78 31.13
C ALA B 153 -2.46 79.13 30.43
N LEU B 154 -1.91 79.23 29.22
CA LEU B 154 -1.98 80.48 28.48
C LEU B 154 -3.43 80.86 28.16
N ARG B 155 -4.25 79.86 27.80
CA ARG B 155 -5.67 80.13 27.53
C ARG B 155 -6.37 80.65 28.78
N GLY B 156 -6.07 80.05 29.94
CA GLY B 156 -6.66 80.54 31.18
C GLY B 156 -6.25 81.97 31.50
N ALA B 157 -4.97 82.30 31.29
CA ALA B 157 -4.51 83.67 31.50
C ALA B 157 -5.24 84.64 30.57
N ALA B 158 -5.39 84.25 29.31
CA ALA B 158 -6.11 85.09 28.35
C ALA B 158 -7.56 85.29 28.76
N THR B 159 -8.21 84.24 29.26
CA THR B 159 -9.58 84.38 29.74
C THR B 159 -9.65 85.34 30.92
N SER B 160 -8.70 85.24 31.85
CA SER B 160 -8.73 86.04 33.08
C SER B 160 -8.35 87.51 32.86
N ILE B 161 -7.53 87.83 31.87
CA ILE B 161 -6.96 89.17 31.81
C ILE B 161 -7.95 90.18 31.23
N ASN B 162 -8.62 89.83 30.12
CA ASN B 162 -9.31 90.82 29.30
C ASN B 162 -10.35 91.67 30.03
N PRO B 163 -11.23 91.11 30.89
CA PRO B 163 -12.23 91.97 31.54
C PRO B 163 -11.63 93.12 32.34
N LEU B 164 -10.52 92.89 33.04
CA LEU B 164 -9.87 93.99 33.76
C LEU B 164 -9.32 95.03 32.79
N ILE B 165 -8.80 94.61 31.64
CA ILE B 165 -8.34 95.56 30.64
C ILE B 165 -9.48 96.44 30.18
N ASP B 166 -10.64 95.83 29.90
CA ASP B 166 -11.80 96.61 29.48
C ASP B 166 -12.25 97.57 30.57
N ALA B 167 -12.27 97.10 31.82
CA ALA B 167 -12.70 97.95 32.93
C ALA B 167 -11.76 99.14 33.11
N ALA B 168 -10.44 98.91 33.00
CA ALA B 168 -9.49 100.01 33.12
C ALA B 168 -9.59 100.97 31.94
N ASN B 169 -9.85 100.45 30.73
CA ASN B 169 -10.01 101.32 29.58
C ASN B 169 -11.25 102.20 29.72
N ALA B 170 -12.33 101.65 30.27
CA ALA B 170 -13.56 102.42 30.41
C ALA B 170 -13.44 103.59 31.37
N ALA B 171 -12.50 103.54 32.33
CA ALA B 171 -12.37 104.55 33.36
C ALA B 171 -11.23 105.53 33.11
N ASN B 172 -10.97 105.88 31.85
CA ASN B 172 -9.89 106.79 31.50
C ASN B 172 -10.46 108.08 30.93
N ARG B 173 -9.94 109.21 31.41
CA ARG B 173 -10.39 110.53 30.96
C ARG B 173 -9.30 111.36 30.31
N THR B 174 -8.11 110.81 30.11
CA THR B 174 -7.00 111.57 29.55
C THR B 174 -7.18 111.73 28.04
N ASP B 175 -6.22 112.41 27.41
CA ASP B 175 -6.27 112.66 25.98
C ASP B 175 -5.87 111.45 25.14
N GLY B 176 -5.29 110.42 25.77
CA GLY B 176 -4.88 109.25 25.04
C GLY B 176 -3.55 109.35 24.33
N SER B 177 -2.75 110.37 24.63
CA SER B 177 -1.45 110.55 23.98
C SER B 177 -0.38 109.73 24.68
N GLU B 178 -0.15 109.97 25.97
CA GLU B 178 0.85 109.20 26.70
C GLU B 178 0.26 107.95 27.33
N ILE B 179 -0.93 108.06 27.93
CA ILE B 179 -1.68 106.90 28.42
C ILE B 179 -2.60 106.47 27.29
N GLU B 180 -2.16 105.48 26.52
CA GLU B 180 -2.80 105.09 25.27
C GLU B 180 -4.02 104.21 25.53
N ILE B 181 -4.82 104.03 24.49
CA ILE B 181 -6.00 103.16 24.55
C ILE B 181 -5.52 101.73 24.41
N TYR B 182 -5.86 100.89 25.39
CA TYR B 182 -5.42 99.50 25.37
C TYR B 182 -6.12 98.72 24.28
N ASP B 183 -5.45 97.67 23.82
CA ASP B 183 -5.99 96.75 22.83
C ASP B 183 -6.11 95.36 23.44
N ASN B 184 -7.02 94.56 22.87
CA ASN B 184 -7.22 93.21 23.37
C ASN B 184 -5.96 92.37 23.17
N ILE B 185 -5.66 91.53 24.16
CA ILE B 185 -4.42 90.76 24.13
C ILE B 185 -4.47 89.72 23.02
N PHE B 186 -3.27 89.35 22.55
CA PHE B 186 -3.09 88.33 21.51
C PHE B 186 -3.81 88.75 20.22
N LEU B 187 -3.40 89.90 19.69
CA LEU B 187 -4.05 90.46 18.51
C LEU B 187 -3.65 89.71 17.24
N ALA B 188 -2.46 89.12 17.21
CA ALA B 188 -1.93 88.45 16.03
C ALA B 188 -1.92 86.94 16.14
N SER B 189 -1.31 86.40 17.19
CA SER B 189 -1.21 84.96 17.38
C SER B 189 -2.48 84.47 18.06
N ASP B 190 -3.37 83.86 17.29
CA ASP B 190 -4.64 83.36 17.82
C ASP B 190 -4.39 82.14 18.69
N VAL B 191 -4.51 82.31 20.02
CA VAL B 191 -4.25 81.22 20.96
C VAL B 191 -5.37 80.17 20.96
N PHE B 192 -6.59 80.54 20.61
CA PHE B 192 -7.72 79.63 20.70
C PHE B 192 -7.67 78.49 19.67
N THR B 193 -6.74 78.55 18.72
CA THR B 193 -6.55 77.43 17.82
C THR B 193 -5.93 76.25 18.58
N ASP B 194 -6.02 75.06 17.99
CA ASP B 194 -5.54 73.86 18.68
C ASP B 194 -4.02 73.81 18.74
N GLY B 195 -3.34 74.15 17.65
CA GLY B 195 -1.89 74.03 17.59
C GLY B 195 -1.13 75.29 17.20
N PRO B 196 -1.47 76.44 17.77
CA PRO B 196 -0.84 77.69 17.33
C PRO B 196 0.52 77.89 17.98
N LEU B 197 1.21 78.94 17.52
CA LEU B 197 2.45 79.36 18.14
C LEU B 197 2.17 80.06 19.46
N LEU B 198 3.10 79.93 20.41
CA LEU B 198 2.86 80.40 21.77
C LEU B 198 3.92 81.34 22.32
N LEU B 199 5.01 81.59 21.61
CA LEU B 199 6.02 82.56 22.05
C LEU B 199 5.56 84.00 21.83
N PRO B 200 5.01 84.35 20.65
CA PRO B 200 4.56 85.74 20.47
C PRO B 200 3.49 86.17 21.47
N ALA B 201 2.62 85.25 21.88
CA ALA B 201 1.62 85.60 22.89
C ALA B 201 2.28 85.96 24.22
N TYR B 202 3.28 85.17 24.63
CA TYR B 202 3.99 85.48 25.87
C TYR B 202 4.73 86.81 25.77
N ARG B 203 5.35 87.07 24.62
CA ARG B 203 6.04 88.35 24.44
C ARG B 203 5.06 89.52 24.46
N GLU B 204 3.87 89.34 23.87
CA GLU B 204 2.85 90.39 23.94
C GLU B 204 2.39 90.62 25.37
N LEU B 205 2.24 89.54 26.15
CA LEU B 205 1.87 89.70 27.55
C LEU B 205 2.94 90.46 28.32
N VAL B 206 4.21 90.15 28.07
CA VAL B 206 5.31 90.84 28.74
C VAL B 206 5.32 92.32 28.34
N ALA B 207 5.09 92.60 27.05
CA ALA B 207 5.04 93.99 26.60
C ALA B 207 3.87 94.74 27.24
N LEU B 208 2.73 94.07 27.39
CA LEU B 208 1.59 94.69 28.06
C LEU B 208 1.91 95.00 29.52
N GLN B 209 2.59 94.07 30.20
CA GLN B 209 3.00 94.33 31.58
C GLN B 209 3.94 95.53 31.66
N THR B 210 4.89 95.60 30.73
CA THR B 210 5.82 96.74 30.70
C THR B 210 5.09 98.04 30.46
N GLU B 211 4.13 98.05 29.52
CA GLU B 211 3.37 99.26 29.24
C GLU B 211 2.53 99.68 30.45
N VAL B 212 1.94 98.71 31.16
CA VAL B 212 1.16 99.02 32.34
C VAL B 212 2.04 99.63 33.43
N ASN B 213 3.22 99.04 33.65
CA ASN B 213 4.14 99.58 34.64
C ASN B 213 4.64 100.96 34.24
N GLU B 214 4.80 101.22 32.94
CA GLU B 214 5.22 102.54 32.49
C GLU B 214 4.13 103.58 32.72
N ASP B 215 2.89 103.25 32.34
CA ASP B 215 1.79 104.20 32.48
C ASP B 215 1.37 104.39 33.93
N LEU B 216 1.69 103.45 34.81
CA LEU B 216 1.29 103.58 36.21
C LEU B 216 2.05 104.71 36.90
N GLU B 217 3.30 104.96 36.48
CA GLU B 217 4.12 105.96 37.16
C GLU B 217 3.68 107.38 36.84
N TRP B 218 3.06 107.60 35.67
CA TRP B 218 2.60 108.95 35.34
C TRP B 218 1.33 109.31 36.10
N LEU B 219 0.69 108.34 36.76
CA LEU B 219 -0.44 108.65 37.62
C LEU B 219 -0.01 109.32 38.91
N GLY B 220 1.28 109.28 39.25
CA GLY B 220 1.82 109.93 40.42
C GLY B 220 2.34 111.32 40.18
N GLU B 221 2.08 111.90 39.01
CA GLU B 221 2.55 113.25 38.71
C GLU B 221 1.69 114.28 39.45
N PHE B 222 2.14 115.53 39.39
CA PHE B 222 1.45 116.63 40.07
C PHE B 222 0.69 117.54 39.12
N ALA B 223 1.08 117.61 37.84
CA ALA B 223 0.42 118.46 36.86
C ALA B 223 -0.25 117.64 35.76
N ILE B 224 -0.63 116.40 36.05
CA ILE B 224 -1.31 115.59 35.05
C ILE B 224 -2.70 116.13 34.76
N ASP B 225 -3.37 116.69 35.76
CA ASP B 225 -4.71 117.27 35.59
C ASP B 225 -4.57 118.60 34.86
N ASN B 226 -4.51 118.52 33.53
CA ASN B 226 -4.27 119.71 32.72
C ASN B 226 -5.53 120.55 32.60
N ASP B 227 -6.58 119.98 32.02
CA ASP B 227 -7.83 120.71 31.79
C ASP B 227 -8.98 119.72 31.78
N ALA B 228 -10.16 120.19 31.38
CA ALA B 228 -11.35 119.35 31.38
C ALA B 228 -11.27 118.27 30.31
N ASP B 229 -10.69 118.60 29.15
CA ASP B 229 -10.63 117.65 28.05
C ASP B 229 -9.72 116.47 28.33
N ASN B 230 -8.81 116.59 29.30
CA ASN B 230 -7.90 115.50 29.62
C ASN B 230 -7.46 115.65 31.07
N TYR B 231 -7.83 114.69 31.91
CA TYR B 231 -7.44 114.66 33.31
C TYR B 231 -7.65 113.25 33.84
N VAL B 232 -7.55 113.09 35.16
CA VAL B 232 -7.70 111.79 35.80
C VAL B 232 -8.81 111.88 36.83
N GLN B 233 -9.41 110.73 37.12
CA GLN B 233 -10.49 110.62 38.11
C GLN B 233 -10.06 109.70 39.25
N ARG B 234 -11.01 109.43 40.14
CA ARG B 234 -10.68 108.71 41.37
C ARG B 234 -10.49 107.21 41.12
N TYR B 235 -11.23 106.65 40.17
CA TYR B 235 -11.31 105.20 40.03
C TYR B 235 -10.34 104.62 39.00
N HIS B 236 -9.48 105.44 38.40
CA HIS B 236 -8.52 104.93 37.43
C HIS B 236 -7.41 104.13 38.11
N ILE B 237 -6.86 104.67 39.20
CA ILE B 237 -5.75 104.02 39.87
C ILE B 237 -6.12 102.63 40.40
N PRO B 238 -7.26 102.43 41.08
CA PRO B 238 -7.58 101.06 41.51
C PRO B 238 -7.69 100.06 40.36
N ALA B 239 -8.27 100.47 39.23
CA ALA B 239 -8.39 99.57 38.10
C ALA B 239 -7.02 99.21 37.54
N VAL B 240 -6.14 100.21 37.40
CA VAL B 240 -4.80 99.94 36.90
C VAL B 240 -4.04 99.02 37.85
N GLU B 241 -4.18 99.26 39.16
CA GLU B 241 -3.50 98.44 40.14
C GLU B 241 -4.01 97.00 40.11
N ALA B 242 -5.32 96.81 39.97
CA ALA B 242 -5.88 95.47 39.88
C ALA B 242 -5.37 94.74 38.63
N LEU B 243 -5.33 95.45 37.50
CA LEU B 243 -4.83 94.84 36.27
C LEU B 243 -3.37 94.43 36.42
N LYS B 244 -2.55 95.30 37.01
CA LYS B 244 -1.14 94.98 37.20
C LYS B 244 -0.97 93.80 38.14
N ALA B 245 -1.75 93.75 39.22
CA ALA B 245 -1.66 92.64 40.16
C ALA B 245 -2.06 91.33 39.50
N GLU B 246 -3.11 91.35 38.68
CA GLU B 246 -3.53 90.14 37.98
C GLU B 246 -2.46 89.66 37.02
N ILE B 247 -1.85 90.59 36.27
CA ILE B 247 -0.79 90.21 35.33
C ILE B 247 0.39 89.59 36.09
N ASP B 248 0.80 90.22 37.19
CA ASP B 248 1.94 89.73 37.95
C ASP B 248 1.64 88.38 38.59
N ALA B 249 0.39 88.14 39.00
CA ALA B 249 0.03 86.84 39.54
C ALA B 249 -0.04 85.77 38.46
N ARG B 250 -0.44 86.13 37.24
CA ARG B 250 -0.55 85.14 36.18
C ARG B 250 0.82 84.72 35.66
N LEU B 251 1.73 85.69 35.48
CA LEU B 251 3.04 85.37 34.91
C LEU B 251 3.83 84.44 35.82
N GLU B 252 3.71 84.62 37.14
CA GLU B 252 4.47 83.81 38.08
C GLU B 252 4.14 82.34 37.96
N ALA B 253 2.88 82.02 37.68
CA ALA B 253 2.47 80.64 37.43
C ALA B 253 2.70 80.20 36.00
N ILE B 254 2.71 81.15 35.05
CA ILE B 254 2.92 80.79 33.65
C ILE B 254 4.37 80.33 33.42
N GLU B 255 5.33 80.97 34.10
CA GLU B 255 6.74 80.75 33.79
C GLU B 255 7.17 79.28 33.81
N PRO B 256 6.96 78.49 34.87
CA PRO B 256 7.52 77.13 34.88
C PRO B 256 6.96 76.24 33.79
N LEU B 257 5.67 76.39 33.46
CA LEU B 257 5.08 75.59 32.40
C LEU B 257 5.70 75.91 31.05
N ARG B 258 5.96 77.19 30.78
CA ARG B 258 6.64 77.56 29.55
C ARG B 258 8.04 76.97 29.50
N ALA B 259 8.77 77.03 30.62
CA ALA B 259 10.12 76.48 30.64
C ALA B 259 10.10 74.98 30.36
N ASP B 260 9.20 74.25 31.03
CA ASP B 260 9.12 72.80 30.83
C ASP B 260 8.70 72.46 29.41
N SER B 261 7.74 73.22 28.86
CA SER B 261 7.30 72.97 27.49
C SER B 261 8.44 73.14 26.50
N ALA B 262 9.20 74.24 26.64
CA ALA B 262 10.33 74.46 25.74
C ALA B 262 11.37 73.36 25.89
N GLU B 263 11.70 73.00 27.13
CA GLU B 263 12.73 71.98 27.35
C GLU B 263 12.32 70.63 26.77
N LYS B 264 11.06 70.24 26.96
CA LYS B 264 10.61 68.94 26.47
C LYS B 264 10.39 68.93 24.97
N ASN B 265 10.01 70.08 24.38
CA ASN B 265 9.89 70.13 22.92
C ASN B 265 11.24 70.15 22.23
N ARG B 266 12.28 70.68 22.88
CA ARG B 266 13.60 70.60 22.28
C ARG B 266 14.16 69.19 22.31
N LEU B 267 13.89 68.45 23.39
CA LEU B 267 14.45 67.10 23.52
C LEU B 267 13.81 66.13 22.54
N ALA B 268 12.49 66.24 22.33
CA ALA B 268 11.79 65.31 21.47
C ALA B 268 12.11 65.50 19.99
N GLN B 269 12.78 66.59 19.62
CA GLN B 269 13.18 66.81 18.24
C GLN B 269 14.47 66.08 17.88
N LYS B 270 15.14 65.45 18.83
CA LYS B 270 16.40 64.76 18.60
C LYS B 270 16.24 63.26 18.45
N SER B 271 15.06 62.79 18.03
CA SER B 271 14.81 61.37 17.87
C SER B 271 13.59 61.17 16.99
N ASP B 272 13.74 60.35 15.95
CA ASP B 272 12.65 59.99 15.06
C ASP B 272 12.34 58.50 15.23
N VAL B 273 11.05 58.16 15.19
CA VAL B 273 10.61 56.81 15.49
C VAL B 273 10.37 56.03 14.19
N LEU B 274 10.20 56.74 13.08
CA LEU B 274 9.94 56.05 11.82
C LEU B 274 11.18 55.32 11.30
N VAL B 275 12.35 55.97 11.35
CA VAL B 275 13.57 55.32 10.90
C VAL B 275 13.88 54.10 11.77
N ARG B 276 13.59 54.17 13.06
CA ARG B 276 13.81 53.02 13.92
C ARG B 276 12.87 51.86 13.57
N GLN B 277 11.63 52.18 13.19
CA GLN B 277 10.72 51.14 12.69
C GLN B 277 11.25 50.51 11.42
N LEU B 278 11.79 51.33 10.51
CA LEU B 278 12.39 50.81 9.29
C LEU B 278 13.56 49.88 9.60
N PHE B 279 14.41 50.28 10.56
CA PHE B 279 15.54 49.44 10.95
C PHE B 279 15.06 48.13 11.57
N LEU B 280 13.99 48.18 12.36
CA LEU B 280 13.43 46.96 12.93
C LEU B 280 12.95 46.02 11.83
N GLU B 281 12.25 46.55 10.84
CA GLU B 281 11.81 45.73 9.71
C GLU B 281 12.99 45.12 8.97
N ARG B 282 14.03 45.93 8.72
CA ARG B 282 15.20 45.45 7.99
C ARG B 282 15.91 44.34 8.77
N ALA B 283 16.02 44.50 10.09
CA ALA B 283 16.69 43.48 10.90
C ALA B 283 15.86 42.20 10.98
N THR B 284 14.53 42.32 11.02
CA THR B 284 13.69 41.13 11.00
C THR B 284 13.86 40.37 9.68
N ALA B 285 13.89 41.09 8.56
CA ALA B 285 14.11 40.44 7.27
C ALA B 285 15.48 39.78 7.22
N GLN B 286 16.49 40.44 7.80
CA GLN B 286 17.83 39.86 7.83
C GLN B 286 17.85 38.56 8.63
N ARG B 287 17.17 38.54 9.78
CA ARG B 287 17.08 37.31 10.56
C ARG B 287 16.37 36.22 9.78
N ASP B 288 15.29 36.57 9.08
CA ASP B 288 14.57 35.59 8.28
C ASP B 288 15.45 34.98 7.21
N THR B 289 16.28 35.80 6.55
CA THR B 289 17.19 35.27 5.53
C THR B 289 18.29 34.42 6.15
N LEU B 290 18.81 34.84 7.32
CA LEU B 290 19.86 34.08 7.98
C LEU B 290 19.36 32.71 8.40
N ARG B 291 18.08 32.60 8.75
CA ARG B 291 17.51 31.29 9.09
C ARG B 291 17.69 30.30 7.96
N ILE B 292 17.26 30.68 6.74
CA ILE B 292 17.36 29.75 5.63
C ILE B 292 18.81 29.56 5.19
N VAL B 293 19.66 30.58 5.37
CA VAL B 293 21.08 30.38 5.07
C VAL B 293 21.66 29.29 5.96
N GLU B 294 21.38 29.36 7.26
CA GLU B 294 21.85 28.33 8.17
C GLU B 294 21.25 26.98 7.83
N ALA B 295 19.97 26.95 7.44
CA ALA B 295 19.34 25.69 7.07
C ALA B 295 20.04 25.05 5.87
N ILE B 296 20.34 25.84 4.86
CA ILE B 296 21.00 25.33 3.66
C ILE B 296 22.38 24.79 4.02
N PHE B 297 23.14 25.56 4.81
CA PHE B 297 24.48 25.11 5.16
C PHE B 297 24.45 23.83 5.99
N ALA B 298 23.51 23.74 6.93
CA ALA B 298 23.39 22.52 7.75
C ALA B 298 22.98 21.32 6.89
N THR B 299 22.07 21.52 5.95
CA THR B 299 21.67 20.44 5.05
C THR B 299 22.85 19.94 4.24
N ALA B 300 23.64 20.86 3.68
CA ALA B 300 24.81 20.46 2.91
C ALA B 300 25.83 19.73 3.79
N THR B 301 26.06 20.23 5.00
CA THR B 301 27.02 19.58 5.89
C THR B 301 26.57 18.16 6.22
N ARG B 302 25.30 17.98 6.56
CA ARG B 302 24.83 16.65 6.91
C ARG B 302 24.81 15.71 5.71
N TYR B 303 24.50 16.23 4.52
CA TYR B 303 24.54 15.40 3.32
C TYR B 303 25.96 14.92 3.03
N VAL B 304 26.95 15.80 3.19
CA VAL B 304 28.33 15.41 2.96
C VAL B 304 28.80 14.44 4.04
N GLU B 305 28.36 14.64 5.29
CA GLU B 305 28.81 13.80 6.39
C GLU B 305 28.41 12.34 6.24
N LEU B 306 27.21 12.07 5.74
CA LEU B 306 26.69 10.71 5.67
C LEU B 306 27.25 9.90 4.51
N TYR B 307 28.39 10.30 3.94
CA TYR B 307 28.99 9.56 2.85
C TYR B 307 29.55 8.23 3.34
N GLU B 308 28.97 7.12 2.86
CA GLU B 308 29.47 5.78 3.15
C GLU B 308 29.56 5.55 4.66
N SER B 309 28.52 5.98 5.38
CA SER B 309 28.51 5.95 6.83
C SER B 309 27.66 4.79 7.34
N ASP B 310 27.94 4.38 8.58
CA ASP B 310 27.18 3.31 9.21
C ASP B 310 25.76 3.75 9.59
N GLU B 311 25.56 5.05 9.82
CA GLU B 311 24.27 5.56 10.22
C GLU B 311 23.35 5.87 9.04
N ASP B 312 23.80 5.61 7.81
CA ASP B 312 22.99 5.90 6.62
C ASP B 312 22.02 4.74 6.39
N VAL B 313 20.99 4.70 7.23
CA VAL B 313 19.96 3.66 7.15
C VAL B 313 18.99 4.01 6.03
N ASN B 314 18.21 3.03 5.59
CA ASN B 314 17.27 3.19 4.49
C ASN B 314 15.84 3.15 5.00
N VAL B 315 15.06 4.18 4.66
CA VAL B 315 13.67 4.29 5.07
C VAL B 315 12.84 4.79 3.91
N GLU B 316 11.59 4.34 3.85
CA GLU B 316 10.62 4.77 2.85
C GLU B 316 11.13 4.52 1.44
N GLY B 317 11.78 3.38 1.24
CA GLY B 317 12.29 3.02 -0.07
C GLY B 317 13.43 3.89 -0.56
N LYS B 318 14.08 4.62 0.34
CA LYS B 318 15.20 5.48 -0.02
C LYS B 318 16.22 5.47 1.10
N THR B 319 17.44 5.89 0.79
CA THR B 319 18.46 6.02 1.80
C THR B 319 18.31 7.35 2.56
N LEU B 320 18.87 7.38 3.77
CA LEU B 320 18.78 8.59 4.58
C LEU B 320 19.48 9.76 3.91
N ARG B 321 20.65 9.52 3.31
CA ARG B 321 21.36 10.56 2.58
C ARG B 321 20.60 11.05 1.37
N GLU B 322 19.74 10.20 0.79
CA GLU B 322 18.93 10.62 -0.35
C GLU B 322 17.87 11.64 0.08
N HIS B 323 17.29 11.45 1.27
CA HIS B 323 16.24 12.35 1.74
C HIS B 323 16.74 13.78 1.86
N TYR B 324 17.99 13.97 2.29
CA TYR B 324 18.52 15.31 2.49
C TYR B 324 18.65 16.05 1.16
N PHE B 325 18.93 15.34 0.07
CA PHE B 325 19.19 15.99 -1.20
C PHE B 325 17.94 16.65 -1.78
N ALA B 326 16.74 16.20 -1.39
CA ALA B 326 15.51 16.73 -1.95
C ALA B 326 15.09 18.06 -1.34
N LEU B 327 15.78 18.53 -0.29
CA LEU B 327 15.39 19.77 0.37
C LEU B 327 15.80 21.01 -0.41
N PHE B 328 16.85 20.90 -1.22
CA PHE B 328 17.40 22.09 -1.89
C PHE B 328 16.43 22.80 -2.83
N PRO B 329 15.63 22.12 -3.67
CA PRO B 329 14.76 22.87 -4.60
C PRO B 329 13.77 23.79 -3.90
N THR B 330 13.22 23.40 -2.75
CA THR B 330 12.29 24.26 -2.02
C THR B 330 13.01 25.40 -1.32
N LEU B 331 14.19 25.12 -0.76
CA LEU B 331 14.97 26.18 -0.12
C LEU B 331 15.40 27.23 -1.12
N PHE B 332 15.70 26.81 -2.36
CA PHE B 332 16.14 27.77 -3.37
C PHE B 332 15.02 28.70 -3.82
N GLY B 333 13.77 28.42 -3.45
CA GLY B 333 12.67 29.32 -3.73
C GLY B 333 12.27 30.12 -2.52
N ALA B 334 12.30 29.47 -1.35
CA ALA B 334 12.00 30.19 -0.11
C ALA B 334 13.04 31.27 0.15
N ALA B 335 14.32 30.96 -0.07
CA ALA B 335 15.37 31.96 0.07
C ALA B 335 15.23 33.06 -0.97
N SER B 336 14.76 32.71 -2.17
CA SER B 336 14.52 33.74 -3.19
C SER B 336 13.44 34.72 -2.74
N PHE B 337 12.35 34.19 -2.17
CA PHE B 337 11.30 35.07 -1.64
C PHE B 337 11.82 35.93 -0.49
N ASN B 338 12.58 35.34 0.42
CA ASN B 338 13.12 36.11 1.55
C ASN B 338 14.08 37.18 1.07
N VAL B 339 14.89 36.88 0.06
CA VAL B 339 15.82 37.86 -0.50
C VAL B 339 15.05 38.97 -1.23
N GLY B 340 13.97 38.62 -1.92
CA GLY B 340 13.15 39.64 -2.54
C GLY B 340 12.55 40.60 -1.53
N VAL B 341 12.15 40.08 -0.37
CA VAL B 341 11.66 40.96 0.70
C VAL B 341 12.80 41.80 1.26
N LEU B 342 13.96 41.18 1.52
CA LEU B 342 15.08 41.87 2.14
C LEU B 342 15.65 42.96 1.24
N ASN B 343 15.54 42.80 -0.08
CA ASN B 343 16.04 43.84 -0.98
C ASN B 343 15.26 45.13 -0.81
N THR B 344 13.92 45.05 -0.77
CA THR B 344 13.11 46.25 -0.50
C THR B 344 13.35 46.76 0.91
N ALA B 345 13.50 45.86 1.89
CA ALA B 345 13.77 46.29 3.24
C ALA B 345 15.07 47.07 3.34
N ASP B 346 16.08 46.68 2.56
CA ASP B 346 17.37 47.38 2.53
C ASP B 346 17.26 48.71 1.79
N ASP B 347 16.56 48.70 0.65
CA ASP B 347 16.46 49.93 -0.16
C ASP B 347 15.65 51.00 0.56
N ALA B 348 14.70 50.61 1.41
CA ALA B 348 13.87 51.59 2.09
C ALA B 348 14.70 52.46 3.04
N VAL B 349 15.67 51.86 3.74
CA VAL B 349 16.42 52.58 4.76
C VAL B 349 17.34 53.63 4.12
N ILE B 350 18.01 53.27 3.04
CA ILE B 350 19.00 54.16 2.43
C ILE B 350 18.37 55.45 1.92
N ASP B 351 17.19 55.38 1.32
CA ASP B 351 16.56 56.54 0.71
C ASP B 351 15.81 57.42 1.70
N TYR B 352 15.56 56.95 2.92
CA TYR B 352 14.77 57.68 3.90
C TYR B 352 15.48 57.74 5.24
N TYR B 353 16.75 58.13 5.24
CA TYR B 353 17.48 58.25 6.50
C TYR B 353 17.20 59.60 7.18
N LEU B 354 17.32 60.69 6.42
CA LEU B 354 17.07 62.03 6.96
C LEU B 354 16.49 62.88 5.82
N VAL B 355 15.17 62.92 5.72
CA VAL B 355 14.49 63.62 4.64
C VAL B 355 13.03 63.79 5.05
N TRP B 356 12.34 64.72 4.39
CA TRP B 356 10.91 64.89 4.62
C TRP B 356 10.16 63.61 4.30
N ASP B 357 8.93 63.53 4.80
CA ASP B 357 8.03 62.36 4.80
C ASP B 357 8.45 61.35 5.85
N THR B 358 9.58 61.54 6.52
CA THR B 358 9.93 60.81 7.72
C THR B 358 9.72 61.60 9.00
N ASP B 359 9.94 62.91 8.96
CA ASP B 359 9.48 63.85 9.97
C ASP B 359 8.23 64.52 9.42
N LEU B 360 7.29 64.87 10.29
CA LEU B 360 5.96 65.24 9.85
C LEU B 360 5.64 66.63 10.39
N GLU B 361 4.36 67.01 10.30
CA GLU B 361 3.95 68.40 10.50
C GLU B 361 4.32 68.92 11.88
N THR B 362 4.18 68.09 12.92
CA THR B 362 4.37 68.56 14.28
C THR B 362 5.24 67.57 15.04
N ASN B 363 5.64 67.99 16.25
CA ASN B 363 6.61 67.26 17.05
C ASN B 363 6.09 65.93 17.57
N ASP B 364 4.77 65.73 17.62
CA ASP B 364 4.22 64.49 18.14
C ASP B 364 3.00 64.09 17.31
N GLU B 365 3.08 62.90 16.72
CA GLU B 365 1.97 62.38 15.93
C GLU B 365 2.05 60.85 15.93
N ASP B 366 0.89 60.21 16.10
CA ASP B 366 0.77 58.77 16.04
C ASP B 366 -0.10 58.31 14.88
N ALA B 367 -0.54 59.24 14.03
CA ALA B 367 -1.35 58.86 12.87
C ALA B 367 -0.51 58.16 11.81
N ALA B 368 0.82 58.29 11.88
CA ALA B 368 1.71 57.62 10.95
C ALA B 368 2.37 56.39 11.53
N TYR B 369 2.72 56.41 12.82
CA TYR B 369 3.31 55.24 13.45
C TYR B 369 2.33 54.08 13.51
N ALA B 370 1.05 54.38 13.79
CA ALA B 370 0.06 53.33 13.92
C ALA B 370 -0.14 52.58 12.62
N GLU B 371 -0.21 53.30 11.49
CA GLU B 371 -0.42 52.64 10.20
C GLU B 371 0.76 51.75 9.84
N GLU B 372 1.99 52.25 10.04
CA GLU B 372 3.17 51.45 9.73
C GLU B 372 3.26 50.23 10.65
N LYS B 373 2.92 50.40 11.93
CA LYS B 373 2.91 49.25 12.84
C LYS B 373 1.87 48.22 12.41
N ARG B 374 0.70 48.69 11.97
CA ARG B 374 -0.34 47.78 11.49
C ARG B 374 0.14 46.99 10.28
N GLU B 375 0.76 47.68 9.31
CA GLU B 375 1.26 46.99 8.13
C GLU B 375 2.35 46.00 8.48
N PHE B 376 3.27 46.38 9.37
CA PHE B 376 4.36 45.49 9.76
C PHE B 376 3.81 44.26 10.49
N ALA B 377 2.84 44.45 11.37
CA ALA B 377 2.23 43.33 12.08
C ALA B 377 1.49 42.41 11.11
N LEU B 378 0.79 42.98 10.12
CA LEU B 378 0.10 42.17 9.13
C LEU B 378 1.09 41.34 8.33
N LEU B 379 2.20 41.95 7.91
CA LEU B 379 3.21 41.22 7.16
C LEU B 379 3.85 40.13 8.01
N THR B 380 4.08 40.40 9.30
CA THR B 380 4.63 39.38 10.19
C THR B 380 3.66 38.21 10.35
N TYR B 381 2.37 38.52 10.51
CA TYR B 381 1.37 37.45 10.64
C TYR B 381 1.29 36.63 9.36
N ALA B 382 1.33 37.29 8.21
CA ALA B 382 1.18 36.57 6.94
C ALA B 382 2.37 35.66 6.66
N LYS B 383 3.59 36.09 7.03
CA LYS B 383 4.77 35.32 6.68
C LYS B 383 4.96 34.09 7.56
N ILE B 384 4.26 34.00 8.69
CA ILE B 384 4.42 32.83 9.56
C ILE B 384 3.79 31.59 8.93
N PHE B 385 2.95 31.76 7.92
CA PHE B 385 2.30 30.63 7.24
C PHE B 385 2.98 30.26 5.94
N ILE B 386 4.18 30.80 5.68
CA ILE B 386 4.92 30.54 4.45
C ILE B 386 6.24 29.82 4.74
N ASN B 387 7.01 30.32 5.70
CA ASN B 387 8.26 29.67 6.07
C ASN B 387 8.02 28.29 6.65
N GLY B 388 6.86 28.08 7.28
CA GLY B 388 6.51 26.79 7.83
C GLY B 388 6.47 25.68 6.80
N GLN B 389 6.22 26.01 5.53
CA GLN B 389 6.19 25.00 4.49
C GLN B 389 7.51 24.26 4.39
N TRP B 390 8.63 24.99 4.35
CA TRP B 390 9.94 24.35 4.31
C TRP B 390 10.41 23.95 5.69
N GLN B 391 9.95 24.66 6.74
CA GLN B 391 10.30 24.25 8.10
C GLN B 391 9.80 22.85 8.40
N GLU B 392 8.61 22.52 7.92
CA GLU B 392 8.05 21.20 8.20
C GLU B 392 8.79 20.10 7.45
N LYS B 393 9.24 20.37 6.22
CA LYS B 393 10.02 19.38 5.50
C LYS B 393 11.36 19.14 6.18
N VAL B 394 12.03 20.22 6.60
CA VAL B 394 13.28 20.09 7.34
C VAL B 394 13.06 19.31 8.62
N LYS B 395 11.97 19.61 9.33
CA LYS B 395 11.65 18.89 10.56
C LYS B 395 11.38 17.42 10.28
N TYR B 396 10.72 17.12 9.16
CA TYR B 396 10.45 15.73 8.81
C TYR B 396 11.74 14.94 8.61
N VAL B 397 12.66 15.49 7.81
CA VAL B 397 13.91 14.77 7.56
C VAL B 397 14.72 14.66 8.84
N GLN B 398 14.82 15.75 9.61
CA GLN B 398 15.56 15.70 10.86
C GLN B 398 14.95 14.69 11.82
N ASN B 399 13.61 14.61 11.84
CA ASN B 399 12.91 13.68 12.73
C ASN B 399 13.19 12.24 12.34
N LEU B 400 13.15 11.95 11.04
CA LEU B 400 13.59 10.63 10.57
C LEU B 400 14.98 10.32 11.09
N ASP B 401 15.88 11.29 10.99
CA ASP B 401 17.27 11.07 11.38
C ASP B 401 17.39 10.71 12.87
N ASP B 402 16.85 11.56 13.76
CA ASP B 402 17.10 11.29 15.17
C ASP B 402 16.26 10.12 15.64
N GLY B 403 15.12 9.86 14.99
CA GLY B 403 14.36 8.66 15.33
C GLY B 403 15.14 7.40 15.05
N ALA B 404 15.76 7.31 13.87
CA ALA B 404 16.60 6.15 13.57
C ALA B 404 17.77 6.06 14.54
N ARG B 405 18.44 7.19 14.79
CA ARG B 405 19.63 7.16 15.63
C ARG B 405 19.30 6.75 17.07
N ALA B 406 18.18 7.25 17.60
CA ALA B 406 17.80 6.92 18.98
C ALA B 406 17.23 5.51 19.07
N GLU B 407 16.52 5.05 18.03
CA GLU B 407 15.97 3.71 18.07
C GLU B 407 17.07 2.67 17.93
N ALA B 408 18.19 3.01 17.32
CA ALA B 408 19.30 2.06 17.23
C ALA B 408 20.20 2.14 18.47
N ALA B 409 19.58 2.19 19.65
CA ALA B 409 20.27 1.99 20.92
C ALA B 409 19.46 1.20 21.94
N ARG B 410 18.13 1.20 21.85
CA ARG B 410 17.30 0.57 22.86
C ARG B 410 17.41 -0.95 22.81
N ILE B 411 17.59 -1.53 21.62
CA ILE B 411 17.79 -2.98 21.53
C ILE B 411 19.04 -3.38 22.28
N GLU B 412 20.14 -2.63 22.08
CA GLU B 412 21.38 -2.94 22.80
C GLU B 412 21.21 -2.76 24.29
N ALA B 413 20.55 -1.67 24.71
CA ALA B 413 20.35 -1.43 26.14
C ALA B 413 19.55 -2.55 26.78
N GLU B 414 18.44 -2.94 26.14
CA GLU B 414 17.59 -3.99 26.69
C GLU B 414 18.30 -5.34 26.66
N ARG B 415 19.11 -5.60 25.62
CA ARG B 415 19.87 -6.85 25.58
C ARG B 415 20.85 -6.94 26.74
N LEU B 416 21.58 -5.84 27.00
CA LEU B 416 22.50 -5.83 28.12
C LEU B 416 21.76 -6.00 29.45
N ALA B 417 20.62 -5.31 29.60
CA ALA B 417 19.86 -5.43 30.84
C ALA B 417 19.36 -6.85 31.05
N ASP B 418 18.83 -7.48 29.98
CA ASP B 418 18.33 -8.84 30.09
C ASP B 418 19.44 -9.84 30.38
N GLU B 419 20.61 -9.65 29.75
CA GLU B 419 21.73 -10.54 30.03
C GLU B 419 22.18 -10.41 31.48
N ALA B 420 22.27 -9.18 32.00
CA ALA B 420 22.64 -8.99 33.39
C ALA B 420 21.61 -9.61 34.33
N TYR B 421 20.32 -9.42 34.02
CA TYR B 421 19.26 -9.97 34.85
C TYR B 421 19.32 -11.50 34.88
N ARG B 422 19.51 -12.11 33.70
CA ARG B 422 19.58 -13.57 33.64
C ARG B 422 20.79 -14.10 34.38
N ALA B 423 21.94 -13.44 34.21
CA ALA B 423 23.15 -13.87 34.92
C ALA B 423 22.97 -13.78 36.44
N GLU B 424 22.39 -12.67 36.91
CA GLU B 424 22.16 -12.52 38.34
C GLU B 424 21.18 -13.56 38.86
N GLN B 425 20.11 -13.83 38.10
CA GLN B 425 19.15 -14.84 38.52
C GLN B 425 19.78 -16.22 38.62
N LEU B 426 20.59 -16.58 37.62
CA LEU B 426 21.26 -17.88 37.67
C LEU B 426 22.24 -17.95 38.83
N ARG B 427 22.98 -16.88 39.09
CA ARG B 427 23.93 -16.87 40.20
C ARG B 427 23.22 -17.03 41.53
N ILE B 428 22.12 -16.31 41.72
CA ILE B 428 21.37 -16.41 42.97
C ILE B 428 20.78 -17.80 43.14
N ALA B 429 20.23 -18.36 42.06
CA ALA B 429 19.66 -19.71 42.15
C ALA B 429 20.74 -20.74 42.48
N GLN B 430 21.92 -20.61 41.86
CA GLN B 430 22.99 -21.56 42.11
C GLN B 430 23.49 -21.46 43.54
N GLU B 431 23.65 -20.24 44.06
CA GLU B 431 24.13 -20.11 45.44
C GLU B 431 23.06 -20.57 46.45
N ALA B 432 21.78 -20.38 46.12
CA ALA B 432 20.73 -20.91 46.99
C ALA B 432 20.74 -22.44 46.99
N ALA B 433 20.92 -23.05 45.82
CA ALA B 433 21.02 -24.50 45.76
C ALA B 433 22.24 -25.00 46.54
N ASP B 434 23.35 -24.27 46.45
CA ASP B 434 24.53 -24.62 47.23
C ASP B 434 24.25 -24.52 48.73
N ALA B 435 23.50 -23.49 49.15
CA ALA B 435 23.15 -23.36 50.55
C ALA B 435 22.24 -24.51 51.01
N GLN B 436 21.32 -24.93 50.15
CA GLN B 436 20.46 -26.07 50.46
C GLN B 436 21.29 -27.36 50.59
N LYS B 437 22.24 -27.56 49.69
CA LYS B 437 23.15 -28.70 49.82
C LYS B 437 23.98 -28.58 51.09
N ALA B 438 24.33 -27.35 51.47
CA ALA B 438 25.11 -27.13 52.68
C ALA B 438 24.34 -27.55 53.92
N ILE B 439 23.09 -27.12 54.05
CA ILE B 439 22.30 -27.53 55.20
C ILE B 439 22.05 -29.03 55.16
N ALA B 440 21.88 -29.58 53.95
CA ALA B 440 21.70 -31.03 53.83
C ALA B 440 22.90 -31.78 54.41
N ASP B 441 24.10 -31.41 53.99
CA ASP B 441 25.30 -32.07 54.50
C ASP B 441 25.50 -31.80 55.98
N ALA B 442 25.06 -30.62 56.45
CA ALA B 442 25.28 -30.26 57.85
C ALA B 442 24.38 -31.06 58.78
N LEU B 443 23.08 -31.11 58.51
CA LEU B 443 22.18 -31.84 59.40
C LEU B 443 22.17 -33.34 59.12
N ALA B 444 22.68 -33.77 57.96
CA ALA B 444 22.84 -35.20 57.73
C ALA B 444 24.00 -35.77 58.54
N LYS B 445 24.92 -34.92 58.96
CA LYS B 445 26.09 -35.36 59.73
C LYS B 445 25.72 -35.64 61.18
N THR C 33 -30.66 -14.71 21.80
CA THR C 33 -29.92 -13.50 21.43
C THR C 33 -30.60 -12.78 20.27
N GLY C 34 -31.20 -11.63 20.57
CA GLY C 34 -31.88 -10.85 19.55
C GLY C 34 -32.13 -9.41 19.96
N THR C 35 -31.70 -8.47 19.12
CA THR C 35 -31.84 -7.04 19.33
C THR C 35 -31.70 -6.40 17.95
N TYR C 36 -31.81 -5.06 17.91
CA TYR C 36 -31.59 -4.35 16.66
C TYR C 36 -30.17 -4.58 16.14
N ASN C 37 -29.23 -4.84 17.05
CA ASN C 37 -27.89 -5.30 16.70
C ASN C 37 -27.63 -6.60 17.46
N ASN C 38 -27.16 -7.62 16.74
CA ASN C 38 -27.01 -8.94 17.33
C ASN C 38 -25.90 -9.70 16.63
N THR C 39 -25.34 -10.68 17.33
CA THR C 39 -24.32 -11.58 16.80
C THR C 39 -24.69 -13.02 17.08
N GLY C 40 -25.95 -13.38 16.83
CA GLY C 40 -26.43 -14.71 17.12
C GLY C 40 -27.04 -15.41 15.93
N GLY C 41 -26.83 -14.87 14.73
CA GLY C 41 -27.34 -15.49 13.52
C GLY C 41 -28.78 -15.16 13.24
N PHE C 42 -29.58 -16.18 12.92
CA PHE C 42 -30.99 -15.98 12.62
C PHE C 42 -31.74 -15.54 13.88
N ASN C 43 -32.65 -14.58 13.71
CA ASN C 43 -33.39 -13.99 14.81
C ASN C 43 -34.89 -14.03 14.52
N ASP C 44 -35.68 -14.30 15.55
CA ASP C 44 -37.13 -14.30 15.41
C ASP C 44 -37.71 -12.90 15.48
N ALA C 45 -36.96 -11.92 15.96
CA ALA C 45 -37.44 -10.54 16.03
C ALA C 45 -37.50 -9.86 14.67
N ASP C 46 -36.92 -10.48 13.64
CA ASP C 46 -36.93 -9.90 12.30
C ASP C 46 -37.74 -10.72 11.31
N GLY C 47 -37.93 -12.02 11.55
CA GLY C 47 -38.64 -12.87 10.62
C GLY C 47 -37.71 -13.69 9.76
N SER C 48 -36.70 -14.30 10.39
CA SER C 48 -35.71 -15.11 9.69
C SER C 48 -35.62 -16.54 10.21
N THR C 49 -36.16 -16.84 11.39
CA THR C 49 -36.10 -18.18 11.93
C THR C 49 -37.21 -19.05 11.32
N ILE C 50 -37.26 -20.30 11.72
CA ILE C 50 -38.26 -21.25 11.24
C ILE C 50 -39.47 -21.22 12.17
N GLN C 51 -40.65 -21.34 11.61
CA GLN C 51 -41.90 -21.33 12.37
C GLN C 51 -42.89 -22.29 11.75
N PRO C 52 -43.57 -23.11 12.56
CA PRO C 52 -44.58 -24.02 12.02
C PRO C 52 -45.80 -23.28 11.48
N ALA C 53 -46.65 -23.97 10.73
CA ALA C 53 -47.84 -23.37 10.13
C ALA C 53 -48.96 -24.40 10.10
N PRO C 54 -49.58 -24.68 11.24
CA PRO C 54 -50.74 -25.58 11.25
C PRO C 54 -51.92 -24.97 10.50
N ALA C 55 -52.78 -25.82 9.99
CA ALA C 55 -53.95 -25.38 9.22
C ALA C 55 -54.98 -24.77 10.17
N VAL C 56 -54.91 -23.46 10.35
CA VAL C 56 -55.84 -22.72 11.20
C VAL C 56 -56.50 -21.64 10.35
N ASP C 57 -57.82 -21.53 10.44
CA ASP C 57 -58.59 -20.63 9.58
C ASP C 57 -58.56 -19.22 10.16
N HIS C 58 -57.74 -18.38 9.52
CA HIS C 58 -57.77 -16.94 9.78
C HIS C 58 -58.45 -16.27 8.59
N SER C 59 -59.54 -15.55 8.87
CA SER C 59 -60.35 -14.99 7.80
C SER C 59 -59.56 -13.95 7.00
N GLU C 60 -59.93 -13.80 5.73
CA GLU C 60 -59.29 -12.83 4.86
C GLU C 60 -59.50 -11.40 5.34
N ALA C 61 -60.62 -11.12 6.01
CA ALA C 61 -60.83 -9.80 6.61
C ALA C 61 -59.80 -9.53 7.70
N GLU C 62 -59.47 -10.55 8.50
CA GLU C 62 -58.41 -10.41 9.49
C GLU C 62 -57.08 -10.10 8.84
N LEU C 63 -56.78 -10.79 7.72
CA LEU C 63 -55.54 -10.51 7.00
C LEU C 63 -55.52 -9.07 6.48
N ARG C 64 -56.64 -8.62 5.91
CA ARG C 64 -56.70 -7.25 5.39
C ARG C 64 -56.50 -6.23 6.50
N ASP C 65 -57.16 -6.44 7.64
CA ASP C 65 -57.03 -5.49 8.74
C ASP C 65 -55.62 -5.48 9.30
N ALA C 66 -55.01 -6.66 9.50
CA ALA C 66 -53.67 -6.72 10.05
C ALA C 66 -52.65 -6.12 9.09
N THR C 67 -52.87 -6.27 7.78
CA THR C 67 -51.94 -5.70 6.83
C THR C 67 -52.12 -4.19 6.72
N ASP C 68 -53.36 -3.71 6.76
CA ASP C 68 -53.59 -2.27 6.71
C ASP C 68 -53.12 -1.57 7.99
N ALA C 69 -53.08 -2.29 9.12
CA ALA C 69 -52.56 -1.71 10.34
C ALA C 69 -51.08 -1.34 10.19
N THR C 70 -50.36 -2.01 9.29
CA THR C 70 -48.97 -1.69 9.02
C THR C 70 -48.81 -0.81 7.80
N GLY C 71 -49.69 -0.95 6.81
CA GLY C 71 -49.58 -0.15 5.60
C GLY C 71 -49.79 1.33 5.83
N ASN C 72 -50.47 1.69 6.92
CA ASN C 72 -50.62 3.11 7.27
C ASN C 72 -49.30 3.71 7.72
N TYR C 73 -48.44 2.89 8.33
CA TYR C 73 -47.15 3.38 8.80
C TYR C 73 -46.23 3.75 7.64
N LEU C 74 -46.37 3.08 6.51
CA LEU C 74 -45.47 3.25 5.38
C LEU C 74 -45.98 4.25 4.34
N ALA C 75 -47.13 4.87 4.55
CA ALA C 75 -47.63 5.82 3.56
C ALA C 75 -46.69 6.99 3.38
N ALA C 76 -46.20 7.56 4.48
CA ALA C 76 -45.26 8.67 4.39
C ALA C 76 -43.94 8.23 3.75
N PHE C 77 -43.44 7.06 4.13
CA PHE C 77 -42.19 6.57 3.55
C PHE C 77 -42.36 6.23 2.07
N GLN C 78 -43.48 5.62 1.71
CA GLN C 78 -43.72 5.29 0.31
C GLN C 78 -43.97 6.51 -0.54
N SER C 79 -44.45 7.61 0.05
CA SER C 79 -44.61 8.84 -0.72
C SER C 79 -43.26 9.36 -1.21
N GLY C 80 -42.23 9.30 -0.36
CA GLY C 80 -40.90 9.68 -0.75
C GLY C 80 -40.50 11.10 -0.38
N ASP C 81 -41.44 11.93 0.05
CA ASP C 81 -41.11 13.31 0.40
C ASP C 81 -40.43 13.34 1.77
N ILE C 82 -39.29 14.03 1.84
CA ILE C 82 -38.52 14.07 3.08
C ILE C 82 -39.27 14.87 4.15
N GLU C 83 -39.97 15.93 3.74
CA GLU C 83 -40.71 16.74 4.70
C GLU C 83 -41.81 15.92 5.38
N ALA C 84 -42.54 15.13 4.59
CA ALA C 84 -43.57 14.27 5.17
C ALA C 84 -42.97 13.24 6.11
N ILE C 85 -41.81 12.69 5.73
CA ILE C 85 -41.15 11.69 6.57
C ILE C 85 -40.76 12.28 7.91
N VAL C 86 -40.11 13.45 7.89
CA VAL C 86 -39.66 14.06 9.14
C VAL C 86 -40.85 14.55 9.96
N GLY C 87 -41.95 14.92 9.30
CA GLY C 87 -43.14 15.33 10.03
C GLY C 87 -43.87 14.18 10.67
N ALA C 88 -43.83 13.00 10.05
CA ALA C 88 -44.59 11.86 10.54
C ALA C 88 -43.80 11.01 11.53
N TYR C 89 -42.57 10.64 11.21
CA TYR C 89 -41.81 9.69 12.00
C TYR C 89 -40.96 10.33 13.09
N ILE C 90 -40.85 11.66 13.12
CA ILE C 90 -40.01 12.36 14.09
C ILE C 90 -40.88 13.28 14.92
N ASP C 91 -40.69 13.25 16.24
CA ASP C 91 -41.45 14.08 17.17
C ASP C 91 -40.80 15.45 17.28
N ALA C 92 -41.63 16.50 17.23
CA ALA C 92 -41.12 17.86 17.38
C ALA C 92 -40.59 18.13 18.78
N GLY C 93 -41.28 17.66 19.81
CA GLY C 93 -40.84 17.83 21.17
C GLY C 93 -41.58 18.91 21.93
N VAL C 94 -40.85 19.53 22.87
CA VAL C 94 -41.38 20.58 23.73
C VAL C 94 -41.75 21.78 22.86
N ASP C 95 -42.70 22.60 23.34
CA ASP C 95 -43.14 23.77 22.59
C ASP C 95 -41.96 24.66 22.20
N GLY C 96 -41.02 24.85 23.11
CA GLY C 96 -39.78 25.53 22.77
C GLY C 96 -38.80 24.56 22.16
N PHE C 97 -38.64 24.62 20.84
CA PHE C 97 -37.82 23.65 20.11
C PHE C 97 -36.36 23.72 20.56
N ASP C 98 -35.88 22.63 21.16
CA ASP C 98 -34.50 22.57 21.62
C ASP C 98 -33.61 22.14 20.46
N PRO C 99 -32.66 22.98 20.03
CA PRO C 99 -31.77 22.62 18.92
C PRO C 99 -30.52 21.85 19.32
N SER C 100 -30.39 21.47 20.58
CA SER C 100 -29.23 20.69 21.01
C SER C 100 -29.26 19.29 20.39
N GLU C 101 -28.09 18.68 20.27
CA GLU C 101 -27.98 17.39 19.59
C GLU C 101 -28.64 16.28 20.40
N GLU C 102 -28.73 16.43 21.72
CA GLU C 102 -29.26 15.37 22.55
C GLU C 102 -30.73 15.10 22.26
N ALA C 103 -31.52 16.16 22.08
CA ALA C 103 -32.93 15.97 21.75
C ALA C 103 -33.10 15.31 20.38
N ILE C 104 -32.26 15.68 19.41
CA ILE C 104 -32.29 15.06 18.10
C ILE C 104 -31.99 13.57 18.21
N PHE C 105 -30.98 13.23 19.01
CA PHE C 105 -30.63 11.83 19.23
C PHE C 105 -31.79 11.07 19.87
N LYS C 106 -32.44 11.68 20.86
CA LYS C 106 -33.57 11.02 21.52
C LYS C 106 -34.72 10.78 20.55
N ALA C 107 -35.02 11.78 19.72
CA ALA C 107 -36.10 11.62 18.75
C ALA C 107 -35.79 10.51 17.74
N PHE C 108 -34.56 10.49 17.24
CA PHE C 108 -34.18 9.42 16.30
C PHE C 108 -34.25 8.05 16.96
N GLU C 109 -33.83 7.96 18.23
CA GLU C 109 -33.91 6.69 18.94
C GLU C 109 -35.36 6.23 19.10
N ALA C 110 -36.26 7.16 19.41
CA ALA C 110 -37.67 6.81 19.53
C ALA C 110 -38.23 6.31 18.20
N ALA C 111 -37.88 6.99 17.11
CA ALA C 111 -38.35 6.54 15.79
C ALA C 111 -37.81 5.15 15.46
N ARG C 112 -36.54 4.90 15.80
CA ARG C 112 -35.96 3.58 15.55
C ARG C 112 -36.68 2.50 16.36
N ASP C 113 -37.00 2.79 17.62
CA ASP C 113 -37.73 1.82 18.43
C ASP C 113 -39.11 1.53 17.87
N GLU C 114 -39.81 2.58 17.40
CA GLU C 114 -41.12 2.38 16.79
C GLU C 114 -41.02 1.49 15.54
N ALA C 115 -40.01 1.74 14.71
CA ALA C 115 -39.80 0.90 13.54
C ALA C 115 -39.49 -0.54 13.92
N THR C 116 -38.72 -0.75 14.99
CA THR C 116 -38.43 -2.10 15.45
C THR C 116 -39.71 -2.83 15.85
N GLN C 117 -40.58 -2.16 16.60
CA GLN C 117 -41.83 -2.79 17.01
C GLN C 117 -42.72 -3.11 15.80
N GLN C 118 -42.78 -2.20 14.83
CA GLN C 118 -43.56 -2.46 13.62
C GLN C 118 -43.03 -3.70 12.89
N LEU C 119 -41.70 -3.82 12.80
CA LEU C 119 -41.10 -4.99 12.19
C LEU C 119 -41.46 -6.26 12.95
N ALA C 120 -41.47 -6.18 14.29
CA ALA C 120 -41.83 -7.34 15.10
C ALA C 120 -43.25 -7.81 14.80
N PHE C 121 -44.18 -6.86 14.60
CA PHE C 121 -45.55 -7.25 14.28
C PHE C 121 -45.66 -7.83 12.86
N SER C 122 -44.98 -7.20 11.90
CA SER C 122 -44.99 -7.69 10.53
C SER C 122 -44.38 -9.08 10.45
N ALA C 123 -43.55 -9.46 11.42
CA ALA C 123 -43.03 -10.82 11.47
C ALA C 123 -44.14 -11.84 11.67
N GLU C 124 -45.03 -11.59 12.64
CA GLU C 124 -46.08 -12.56 12.97
C GLU C 124 -47.17 -12.58 11.92
N THR C 125 -47.36 -11.45 11.21
CA THR C 125 -48.33 -11.44 10.11
C THR C 125 -48.06 -12.57 9.11
N ILE C 126 -46.78 -12.88 8.85
CA ILE C 126 -46.42 -13.92 7.90
C ILE C 126 -46.96 -15.27 8.33
N THR C 127 -46.73 -15.64 9.60
CA THR C 127 -47.20 -16.93 10.10
C THR C 127 -48.72 -17.01 10.05
N LYS C 128 -49.40 -15.91 10.41
CA LYS C 128 -50.85 -15.89 10.32
C LYS C 128 -51.31 -16.22 8.90
N THR C 129 -50.74 -15.53 7.91
CA THR C 129 -51.15 -15.76 6.52
C THR C 129 -50.84 -17.17 6.06
N ARG C 130 -49.69 -17.73 6.47
CA ARG C 130 -49.33 -19.08 6.06
C ARG C 130 -50.31 -20.11 6.62
N GLU C 131 -50.71 -19.95 7.88
CA GLU C 131 -51.70 -20.86 8.46
C GLU C 131 -53.03 -20.75 7.71
N SER C 132 -53.43 -19.53 7.36
CA SER C 132 -54.66 -19.35 6.59
C SER C 132 -54.59 -20.10 5.26
N VAL C 133 -53.45 -19.99 4.58
CA VAL C 133 -53.28 -20.68 3.30
C VAL C 133 -53.38 -22.18 3.46
N ALA C 134 -52.74 -22.72 4.52
CA ALA C 134 -52.78 -24.17 4.74
C ALA C 134 -54.22 -24.65 4.95
N TYR C 135 -54.99 -23.93 5.77
CA TYR C 135 -56.38 -24.32 5.97
C TYR C 135 -57.18 -24.26 4.67
N ALA C 136 -56.96 -23.20 3.87
CA ALA C 136 -57.69 -23.05 2.62
C ALA C 136 -57.37 -24.18 1.65
N LEU C 137 -56.16 -24.73 1.72
CA LEU C 137 -55.84 -25.88 0.87
C LEU C 137 -56.49 -27.15 1.39
N LYS C 138 -56.47 -27.36 2.71
CA LYS C 138 -57.00 -28.59 3.28
C LYS C 138 -58.50 -28.74 2.99
N VAL C 139 -59.25 -27.63 3.11
CA VAL C 139 -60.70 -27.73 3.00
C VAL C 139 -61.11 -28.22 1.61
N ASP C 140 -60.59 -27.59 0.55
CA ASP C 140 -61.02 -28.00 -0.78
C ASP C 140 -60.37 -29.33 -1.20
N GLN C 141 -59.22 -29.69 -0.63
CA GLN C 141 -58.73 -31.05 -0.85
C GLN C 141 -59.76 -32.08 -0.38
N GLU C 142 -60.23 -31.92 0.86
CA GLU C 142 -61.24 -32.85 1.37
C GLU C 142 -62.52 -32.80 0.54
N ALA C 143 -62.92 -31.60 0.11
CA ALA C 143 -64.14 -31.45 -0.67
C ALA C 143 -64.05 -32.22 -1.99
N THR C 144 -62.94 -32.08 -2.71
CA THR C 144 -62.82 -32.77 -3.98
C THR C 144 -62.70 -34.28 -3.79
N GLU C 145 -62.08 -34.74 -2.70
CA GLU C 145 -62.05 -36.18 -2.42
C GLU C 145 -63.47 -36.71 -2.23
N ALA C 146 -64.28 -36.00 -1.44
CA ALA C 146 -65.65 -36.45 -1.22
C ALA C 146 -66.46 -36.44 -2.51
N TYR C 147 -66.28 -35.40 -3.34
CA TYR C 147 -67.00 -35.34 -4.60
C TYR C 147 -66.64 -36.52 -5.50
N LEU C 148 -65.35 -36.85 -5.58
CA LEU C 148 -64.93 -38.00 -6.39
C LEU C 148 -65.55 -39.30 -5.88
N ALA C 149 -65.56 -39.49 -4.56
CA ALA C 149 -66.14 -40.71 -4.00
C ALA C 149 -67.63 -40.81 -4.34
N TYR C 150 -68.37 -39.71 -4.19
CA TYR C 150 -69.80 -39.74 -4.47
C TYR C 150 -70.08 -39.98 -5.95
N ARG C 151 -69.27 -39.37 -6.83
CA ARG C 151 -69.47 -39.60 -8.26
C ARG C 151 -69.17 -41.05 -8.63
N ASN C 152 -68.15 -41.64 -8.02
CA ASN C 152 -67.87 -43.05 -8.28
C ASN C 152 -69.01 -43.95 -7.82
N ALA C 153 -69.60 -43.65 -6.66
CA ALA C 153 -70.75 -44.42 -6.20
C ALA C 153 -71.92 -44.30 -7.16
N LEU C 154 -72.18 -43.09 -7.66
CA LEU C 154 -73.27 -42.91 -8.63
C LEU C 154 -72.99 -43.68 -9.92
N ARG C 155 -71.74 -43.68 -10.38
CA ARG C 155 -71.38 -44.44 -11.57
C ARG C 155 -71.60 -45.93 -11.36
N GLY C 156 -71.23 -46.44 -10.19
CA GLY C 156 -71.48 -47.85 -9.91
C GLY C 156 -72.95 -48.19 -9.89
N ALA C 157 -73.78 -47.32 -9.30
CA ALA C 157 -75.22 -47.55 -9.31
C ALA C 157 -75.76 -47.56 -10.73
N ALA C 158 -75.30 -46.63 -11.57
CA ALA C 158 -75.73 -46.58 -12.96
C ALA C 158 -75.32 -47.85 -13.70
N THR C 159 -74.12 -48.36 -13.45
CA THR C 159 -73.68 -49.60 -14.07
C THR C 159 -74.58 -50.76 -13.64
N SER C 160 -74.91 -50.83 -12.35
CA SER C 160 -75.67 -51.95 -11.82
C SER C 160 -77.15 -51.94 -12.19
N ILE C 161 -77.75 -50.77 -12.43
CA ILE C 161 -79.21 -50.71 -12.53
C ILE C 161 -79.69 -51.16 -13.91
N ASN C 162 -79.06 -50.68 -14.98
CA ASN C 162 -79.63 -50.76 -16.33
C ASN C 162 -79.98 -52.17 -16.81
N PRO C 163 -79.15 -53.20 -16.61
CA PRO C 163 -79.53 -54.54 -17.11
C PRO C 163 -80.86 -55.05 -16.57
N LEU C 164 -81.15 -54.80 -15.30
CA LEU C 164 -82.44 -55.21 -14.74
C LEU C 164 -83.58 -54.42 -15.36
N ILE C 165 -83.36 -53.14 -15.66
CA ILE C 165 -84.38 -52.35 -16.36
C ILE C 165 -84.69 -52.95 -17.71
N ASP C 166 -83.64 -53.32 -18.46
CA ASP C 166 -83.85 -53.93 -19.77
C ASP C 166 -84.57 -55.27 -19.65
N ALA C 167 -84.19 -56.08 -18.66
CA ALA C 167 -84.83 -57.38 -18.48
C ALA C 167 -86.30 -57.23 -18.13
N ALA C 168 -86.63 -56.27 -17.27
CA ALA C 168 -88.03 -56.04 -16.91
C ALA C 168 -88.82 -55.49 -18.09
N ASN C 169 -88.20 -54.63 -18.91
CA ASN C 169 -88.88 -54.10 -20.08
C ASN C 169 -89.16 -55.20 -21.10
N ALA C 170 -88.24 -56.14 -21.25
CA ALA C 170 -88.42 -57.21 -22.23
C ALA C 170 -89.58 -58.15 -21.88
N ALA C 171 -89.95 -58.25 -20.61
CA ALA C 171 -90.96 -59.19 -20.16
C ALA C 171 -92.32 -58.55 -19.90
N ASN C 172 -92.71 -57.54 -20.70
CA ASN C 172 -93.96 -56.84 -20.52
C ASN C 172 -94.89 -57.11 -21.71
N ARG C 173 -96.14 -57.43 -21.42
CA ARG C 173 -97.13 -57.72 -22.45
C ARG C 173 -98.32 -56.77 -22.45
N THR C 174 -98.30 -55.74 -21.61
CA THR C 174 -99.44 -54.83 -21.52
C THR C 174 -99.45 -53.87 -22.71
N ASP C 175 -100.45 -52.98 -22.73
CA ASP C 175 -100.60 -52.01 -23.81
C ASP C 175 -99.63 -50.85 -23.71
N GLY C 176 -98.97 -50.68 -22.57
CA GLY C 176 -98.04 -49.58 -22.39
C GLY C 176 -98.66 -48.26 -22.03
N SER C 177 -99.94 -48.24 -21.64
CA SER C 177 -100.62 -47.00 -21.28
C SER C 177 -100.35 -46.61 -19.83
N GLU C 178 -100.71 -47.49 -18.89
CA GLU C 178 -100.46 -47.20 -17.48
C GLU C 178 -99.10 -47.72 -17.03
N ILE C 179 -98.72 -48.92 -17.44
CA ILE C 179 -97.38 -49.46 -17.22
C ILE C 179 -96.56 -49.10 -18.45
N GLU C 180 -95.81 -48.00 -18.34
CA GLU C 180 -95.15 -47.39 -19.48
C GLU C 180 -93.85 -48.11 -19.82
N ILE C 181 -93.31 -47.80 -20.99
CA ILE C 181 -92.03 -48.36 -21.44
C ILE C 181 -90.92 -47.58 -20.75
N TYR C 182 -90.07 -48.31 -20.03
CA TYR C 182 -88.99 -47.67 -19.29
C TYR C 182 -87.94 -47.08 -20.24
N ASP C 183 -87.24 -46.06 -19.75
CA ASP C 183 -86.15 -45.44 -20.48
C ASP C 183 -84.86 -45.60 -19.68
N ASN C 184 -83.73 -45.56 -20.39
CA ASN C 184 -82.44 -45.69 -19.74
C ASN C 184 -82.20 -44.54 -18.77
N ILE C 185 -81.60 -44.87 -17.62
CA ILE C 185 -81.42 -43.88 -16.57
C ILE C 185 -80.42 -42.82 -17.01
N PHE C 186 -80.55 -41.64 -16.41
CA PHE C 186 -79.67 -40.49 -16.66
C PHE C 186 -79.71 -40.10 -18.13
N LEU C 187 -80.90 -39.75 -18.62
CA LEU C 187 -81.07 -39.42 -20.03
C LEU C 187 -80.53 -38.04 -20.37
N ALA C 188 -80.48 -37.13 -19.41
CA ALA C 188 -80.06 -35.76 -19.64
C ALA C 188 -78.70 -35.44 -19.05
N SER C 189 -78.50 -35.70 -17.76
CA SER C 189 -77.24 -35.41 -17.09
C SER C 189 -76.28 -36.58 -17.31
N ASP C 190 -75.33 -36.42 -18.21
CA ASP C 190 -74.36 -37.46 -18.51
C ASP C 190 -73.40 -37.64 -17.36
N VAL C 191 -73.54 -38.73 -16.61
CA VAL C 191 -72.71 -38.98 -15.44
C VAL C 191 -71.29 -39.41 -15.82
N PHE C 192 -71.10 -40.00 -16.99
CA PHE C 192 -69.80 -40.55 -17.38
C PHE C 192 -68.76 -39.48 -17.66
N THR C 193 -69.15 -38.21 -17.71
CA THR C 193 -68.18 -37.13 -17.81
C THR C 193 -67.41 -37.00 -16.50
N ASP C 194 -66.25 -36.32 -16.57
CA ASP C 194 -65.40 -36.22 -15.39
C ASP C 194 -65.99 -35.30 -14.33
N GLY C 195 -66.55 -34.16 -14.73
CA GLY C 195 -67.04 -33.18 -13.78
C GLY C 195 -68.48 -32.74 -13.94
N PRO C 196 -69.41 -33.67 -14.18
CA PRO C 196 -70.79 -33.28 -14.47
C PRO C 196 -71.56 -32.95 -13.20
N LEU C 197 -72.78 -32.46 -13.41
CA LEU C 197 -73.71 -32.24 -12.31
C LEU C 197 -74.27 -33.57 -11.83
N LEU C 198 -74.58 -33.65 -10.53
CA LEU C 198 -74.96 -34.92 -9.93
C LEU C 198 -76.29 -34.91 -9.17
N LEU C 199 -76.94 -33.76 -9.02
CA LEU C 199 -78.25 -33.72 -8.37
C LEU C 199 -79.36 -34.21 -9.30
N PRO C 200 -79.41 -33.77 -10.57
CA PRO C 200 -80.47 -34.28 -11.46
C PRO C 200 -80.45 -35.78 -11.63
N ALA C 201 -79.27 -36.40 -11.62
CA ALA C 201 -79.21 -37.86 -11.71
C ALA C 201 -79.85 -38.52 -10.51
N TYR C 202 -79.58 -38.00 -9.31
CA TYR C 202 -80.20 -38.55 -8.10
C TYR C 202 -81.71 -38.34 -8.13
N ARG C 203 -82.17 -37.17 -8.58
CA ARG C 203 -83.61 -36.95 -8.67
C ARG C 203 -84.26 -37.88 -9.69
N GLU C 204 -83.58 -38.14 -10.81
CA GLU C 204 -84.10 -39.09 -11.79
C GLU C 204 -84.18 -40.49 -11.20
N LEU C 205 -83.18 -40.88 -10.42
CA LEU C 205 -83.21 -42.19 -9.77
C LEU C 205 -84.38 -42.28 -8.79
N VAL C 206 -84.61 -41.22 -8.02
CA VAL C 206 -85.73 -41.21 -7.07
C VAL C 206 -87.06 -41.30 -7.83
N ALA C 207 -87.18 -40.56 -8.94
CA ALA C 207 -88.39 -40.61 -9.74
C ALA C 207 -88.61 -42.00 -10.32
N LEU C 208 -87.53 -42.66 -10.76
CA LEU C 208 -87.65 -44.02 -11.26
C LEU C 208 -88.12 -44.98 -10.16
N GLN C 209 -87.58 -44.83 -8.95
CA GLN C 209 -88.04 -45.65 -7.84
C GLN C 209 -89.52 -45.42 -7.56
N THR C 210 -89.96 -44.16 -7.59
CA THR C 210 -91.36 -43.84 -7.36
C THR C 210 -92.24 -44.46 -8.45
N GLU C 211 -91.81 -44.37 -9.71
CA GLU C 211 -92.58 -44.96 -10.80
C GLU C 211 -92.66 -46.48 -10.68
N VAL C 212 -91.56 -47.11 -10.27
CA VAL C 212 -91.55 -48.56 -10.09
C VAL C 212 -92.52 -48.96 -8.98
N ASN C 213 -92.49 -48.23 -7.86
CA ASN C 213 -93.39 -48.53 -6.76
C ASN C 213 -94.85 -48.28 -7.15
N GLU C 214 -95.09 -47.29 -8.02
CA GLU C 214 -96.46 -47.04 -8.48
C GLU C 214 -96.95 -48.15 -9.39
N ASP C 215 -96.13 -48.56 -10.35
CA ASP C 215 -96.53 -49.60 -11.29
C ASP C 215 -96.58 -50.98 -10.67
N LEU C 216 -95.89 -51.19 -9.54
CA LEU C 216 -95.91 -52.50 -8.90
C LEU C 216 -97.28 -52.82 -8.31
N GLU C 217 -98.00 -51.80 -7.86
CA GLU C 217 -99.28 -52.03 -7.18
C GLU C 217 -100.37 -52.44 -8.17
N TRP C 218 -100.28 -52.02 -9.43
CA TRP C 218 -101.28 -52.42 -10.41
C TRP C 218 -101.12 -53.87 -10.85
N LEU C 219 -99.99 -54.49 -10.51
CA LEU C 219 -99.84 -55.92 -10.78
C LEU C 219 -100.67 -56.78 -9.84
N GLY C 220 -101.18 -56.21 -8.75
CA GLY C 220 -102.05 -56.90 -7.81
C GLY C 220 -103.52 -56.76 -8.10
N GLU C 221 -103.90 -56.21 -9.25
CA GLU C 221 -105.30 -56.04 -9.60
C GLU C 221 -105.91 -57.38 -10.00
N PHE C 222 -107.23 -57.38 -10.16
CA PHE C 222 -107.96 -58.58 -10.52
C PHE C 222 -108.42 -58.60 -11.97
N ALA C 223 -108.61 -57.43 -12.58
CA ALA C 223 -109.06 -57.34 -13.97
C ALA C 223 -108.01 -56.74 -14.88
N ILE C 224 -106.72 -56.88 -14.53
CA ILE C 224 -105.67 -56.35 -15.37
C ILE C 224 -105.57 -57.14 -16.68
N ASP C 225 -105.84 -58.45 -16.63
CA ASP C 225 -105.79 -59.30 -17.82
C ASP C 225 -107.03 -59.02 -18.66
N ASN C 226 -106.94 -57.98 -19.48
CA ASN C 226 -108.09 -57.54 -20.27
C ASN C 226 -108.32 -58.45 -21.46
N ASP C 227 -107.35 -58.54 -22.36
CA ASP C 227 -107.48 -59.34 -23.57
C ASP C 227 -106.09 -59.80 -24.02
N ALA C 228 -106.02 -60.36 -25.22
CA ALA C 228 -104.76 -60.89 -25.72
C ALA C 228 -103.77 -59.78 -26.04
N ASP C 229 -104.27 -58.64 -26.55
CA ASP C 229 -103.38 -57.56 -26.94
C ASP C 229 -102.71 -56.88 -25.75
N ASN C 230 -103.23 -57.06 -24.54
CA ASN C 230 -102.63 -56.45 -23.36
C ASN C 230 -103.01 -57.27 -22.14
N TYR C 231 -102.01 -57.88 -21.50
CA TYR C 231 -102.21 -58.68 -20.29
C TYR C 231 -100.86 -58.82 -19.61
N VAL C 232 -100.80 -59.69 -18.59
CA VAL C 232 -99.58 -59.92 -17.84
C VAL C 232 -99.24 -61.40 -17.89
N GLN C 233 -97.95 -61.70 -17.71
CA GLN C 233 -97.45 -63.07 -17.73
C GLN C 233 -96.84 -63.40 -16.37
N ARG C 234 -96.22 -64.59 -16.30
CA ARG C 234 -95.74 -65.10 -15.02
C ARG C 234 -94.46 -64.42 -14.56
N TYR C 235 -93.60 -64.03 -15.50
CA TYR C 235 -92.25 -63.61 -15.17
C TYR C 235 -92.09 -62.10 -15.03
N HIS C 236 -93.17 -61.33 -15.14
CA HIS C 236 -93.07 -59.87 -15.00
C HIS C 236 -92.84 -59.47 -13.55
N ILE C 237 -93.60 -60.08 -12.63
CA ILE C 237 -93.50 -59.71 -11.21
C ILE C 237 -92.10 -59.97 -10.64
N PRO C 238 -91.47 -61.14 -10.87
CA PRO C 238 -90.11 -61.31 -10.34
C PRO C 238 -89.12 -60.28 -10.86
N ALA C 239 -89.20 -59.91 -12.14
CA ALA C 239 -88.29 -58.91 -12.68
C ALA C 239 -88.51 -57.55 -12.03
N VAL C 240 -89.78 -57.15 -11.88
CA VAL C 240 -90.08 -55.88 -11.25
C VAL C 240 -89.60 -55.87 -9.80
N GLU C 241 -89.81 -56.99 -9.09
CA GLU C 241 -89.37 -57.07 -7.71
C GLU C 241 -87.86 -56.99 -7.59
N ALA C 242 -87.13 -57.67 -8.49
CA ALA C 242 -85.68 -57.60 -8.46
C ALA C 242 -85.19 -56.18 -8.74
N LEU C 243 -85.80 -55.50 -9.70
CA LEU C 243 -85.41 -54.13 -10.00
C LEU C 243 -85.64 -53.22 -8.80
N LYS C 244 -86.81 -53.36 -8.16
CA LYS C 244 -87.11 -52.54 -6.98
C LYS C 244 -86.15 -52.82 -5.84
N ALA C 245 -85.82 -54.10 -5.62
CA ALA C 245 -84.88 -54.45 -4.56
C ALA C 245 -83.50 -53.87 -4.83
N GLU C 246 -83.05 -53.94 -6.09
CA GLU C 246 -81.75 -53.37 -6.42
C GLU C 246 -81.73 -51.86 -6.21
N ILE C 247 -82.80 -51.17 -6.62
CA ILE C 247 -82.85 -49.73 -6.43
C ILE C 247 -82.82 -49.37 -4.94
N ASP C 248 -83.61 -50.10 -4.14
CA ASP C 248 -83.66 -49.82 -2.71
C ASP C 248 -82.33 -50.13 -2.03
N ALA C 249 -81.61 -51.15 -2.50
CA ALA C 249 -80.30 -51.45 -1.93
C ALA C 249 -79.25 -50.41 -2.35
N ARG C 250 -79.37 -49.87 -3.56
CA ARG C 250 -78.39 -48.89 -4.03
C ARG C 250 -78.56 -47.55 -3.34
N LEU C 251 -79.81 -47.10 -3.17
CA LEU C 251 -80.04 -45.78 -2.59
C LEU C 251 -79.57 -45.71 -1.15
N GLU C 252 -79.73 -46.80 -0.39
CA GLU C 252 -79.35 -46.82 1.01
C GLU C 252 -77.87 -46.55 1.19
N ALA C 253 -77.04 -47.06 0.28
CA ALA C 253 -75.62 -46.77 0.31
C ALA C 253 -75.26 -45.45 -0.37
N ILE C 254 -76.08 -45.00 -1.31
CA ILE C 254 -75.80 -43.74 -2.00
C ILE C 254 -75.97 -42.56 -1.06
N GLU C 255 -76.97 -42.61 -0.17
CA GLU C 255 -77.35 -41.44 0.63
C GLU C 255 -76.20 -40.80 1.41
N PRO C 256 -75.45 -41.53 2.24
CA PRO C 256 -74.43 -40.83 3.07
C PRO C 256 -73.36 -40.15 2.26
N LEU C 257 -72.94 -40.75 1.14
CA LEU C 257 -71.92 -40.13 0.31
C LEU C 257 -72.42 -38.84 -0.31
N ARG C 258 -73.69 -38.81 -0.74
CA ARG C 258 -74.27 -37.57 -1.24
C ARG C 258 -74.31 -36.51 -0.16
N ALA C 259 -74.72 -36.88 1.05
CA ALA C 259 -74.77 -35.92 2.14
C ALA C 259 -73.39 -35.34 2.44
N ASP C 260 -72.38 -36.21 2.53
CA ASP C 260 -71.03 -35.74 2.83
C ASP C 260 -70.48 -34.87 1.70
N SER C 261 -70.75 -35.25 0.44
CA SER C 261 -70.28 -34.46 -0.69
C SER C 261 -70.89 -33.07 -0.65
N ALA C 262 -72.20 -32.97 -0.42
CA ALA C 262 -72.83 -31.66 -0.35
C ALA C 262 -72.28 -30.83 0.79
N GLU C 263 -72.13 -31.44 1.98
CA GLU C 263 -71.65 -30.70 3.14
C GLU C 263 -70.23 -30.18 2.93
N LYS C 264 -69.36 -31.01 2.34
CA LYS C 264 -67.98 -30.60 2.15
C LYS C 264 -67.82 -29.62 0.99
N ASN C 265 -68.67 -29.72 -0.04
CA ASN C 265 -68.62 -28.74 -1.12
C ASN C 265 -69.17 -27.40 -0.70
N ARG C 266 -70.11 -27.36 0.24
CA ARG C 266 -70.58 -26.07 0.74
C ARG C 266 -69.52 -25.38 1.60
N LEU C 267 -68.77 -26.15 2.39
CA LEU C 267 -67.79 -25.55 3.30
C LEU C 267 -66.60 -24.98 2.53
N ALA C 268 -66.16 -25.67 1.49
CA ALA C 268 -64.97 -25.24 0.76
C ALA C 268 -65.23 -24.00 -0.09
N GLN C 269 -66.49 -23.60 -0.25
CA GLN C 269 -66.81 -22.39 -1.00
C GLN C 269 -66.66 -21.12 -0.16
N LYS C 270 -66.40 -21.25 1.14
CA LYS C 270 -66.31 -20.11 2.04
C LYS C 270 -64.86 -19.72 2.33
N SER C 271 -63.93 -20.02 1.42
CA SER C 271 -62.53 -19.69 1.62
C SER C 271 -61.81 -19.75 0.29
N ASP C 272 -61.08 -18.68 -0.04
CA ASP C 272 -60.26 -18.62 -1.24
C ASP C 272 -58.80 -18.56 -0.84
N VAL C 273 -57.95 -19.24 -1.60
CA VAL C 273 -56.54 -19.39 -1.24
C VAL C 273 -55.68 -18.39 -2.01
N LEU C 274 -56.22 -17.86 -3.11
CA LEU C 274 -55.43 -16.91 -3.91
C LEU C 274 -55.27 -15.57 -3.20
N VAL C 275 -56.35 -15.04 -2.62
CA VAL C 275 -56.25 -13.77 -1.90
C VAL C 275 -55.31 -13.91 -0.70
N ARG C 276 -55.29 -15.06 -0.04
CA ARG C 276 -54.37 -15.26 1.07
C ARG C 276 -52.92 -15.29 0.59
N GLN C 277 -52.68 -15.87 -0.59
CA GLN C 277 -51.34 -15.81 -1.17
C GLN C 277 -50.94 -14.36 -1.48
N LEU C 278 -51.88 -13.57 -2.01
CA LEU C 278 -51.60 -12.17 -2.26
C LEU C 278 -51.27 -11.43 -0.97
N PHE C 279 -52.01 -11.71 0.10
CA PHE C 279 -51.74 -11.07 1.38
C PHE C 279 -50.38 -11.49 1.92
N LEU C 280 -50.00 -12.76 1.74
CA LEU C 280 -48.68 -13.21 2.16
C LEU C 280 -47.58 -12.46 1.41
N GLU C 281 -47.74 -12.31 0.10
CA GLU C 281 -46.76 -11.54 -0.68
C GLU C 281 -46.68 -10.10 -0.19
N ARG C 282 -47.83 -9.48 0.04
CA ARG C 282 -47.86 -8.08 0.49
C ARG C 282 -47.18 -7.93 1.85
N ALA C 283 -47.42 -8.87 2.76
CA ALA C 283 -46.80 -8.78 4.08
C ALA C 283 -45.30 -9.03 4.02
N THR C 284 -44.86 -9.93 3.14
CA THR C 284 -43.42 -10.12 2.95
C THR C 284 -42.75 -8.85 2.44
N ALA C 285 -43.38 -8.20 1.45
CA ALA C 285 -42.82 -6.95 0.95
C ALA C 285 -42.81 -5.88 2.04
N GLN C 286 -43.85 -5.84 2.86
CA GLN C 286 -43.88 -4.89 3.97
C GLN C 286 -42.73 -5.13 4.95
N ARG C 287 -42.48 -6.39 5.29
CA ARG C 287 -41.36 -6.70 6.17
C ARG C 287 -40.03 -6.30 5.54
N ASP C 288 -39.88 -6.54 4.23
CA ASP C 288 -38.65 -6.16 3.54
C ASP C 288 -38.43 -4.65 3.60
N THR C 289 -39.50 -3.87 3.43
CA THR C 289 -39.35 -2.41 3.51
C THR C 289 -39.07 -1.97 4.95
N LEU C 290 -39.71 -2.60 5.92
CA LEU C 290 -39.49 -2.24 7.32
C LEU C 290 -38.05 -2.51 7.74
N ARG C 291 -37.43 -3.54 7.16
CA ARG C 291 -36.02 -3.81 7.46
C ARG C 291 -35.14 -2.60 7.13
N ILE C 292 -35.26 -2.07 5.91
CA ILE C 292 -34.42 -0.95 5.52
C ILE C 292 -34.84 0.32 6.24
N VAL C 293 -36.11 0.46 6.59
CA VAL C 293 -36.53 1.62 7.39
C VAL C 293 -35.81 1.61 8.73
N GLU C 294 -35.81 0.45 9.40
CA GLU C 294 -35.10 0.34 10.68
C GLU C 294 -33.61 0.56 10.50
N ALA C 295 -33.04 0.06 9.40
CA ALA C 295 -31.61 0.26 9.15
C ALA C 295 -31.27 1.74 9.01
N ILE C 296 -32.09 2.48 8.26
CA ILE C 296 -31.85 3.90 8.07
C ILE C 296 -31.95 4.65 9.40
N PHE C 297 -32.99 4.34 10.17
CA PHE C 297 -33.17 5.03 11.45
C PHE C 297 -32.01 4.73 12.41
N ALA C 298 -31.58 3.47 12.45
CA ALA C 298 -30.46 3.11 13.33
C ALA C 298 -29.17 3.80 12.88
N THR C 299 -28.93 3.87 11.57
CA THR C 299 -27.74 4.55 11.07
C THR C 299 -27.75 6.02 11.46
N ALA C 300 -28.90 6.68 11.29
CA ALA C 300 -29.00 8.09 11.68
C ALA C 300 -28.79 8.27 13.18
N THR C 301 -29.39 7.39 13.99
CA THR C 301 -29.23 7.49 15.44
C THR C 301 -27.77 7.34 15.85
N ARG C 302 -27.08 6.35 15.29
CA ARG C 302 -25.69 6.13 15.66
C ARG C 302 -24.79 7.25 15.15
N TYR C 303 -25.09 7.81 13.97
CA TYR C 303 -24.30 8.92 13.46
C TYR C 303 -24.44 10.14 14.37
N VAL C 304 -25.67 10.41 14.82
CA VAL C 304 -25.87 11.55 15.71
C VAL C 304 -25.23 11.30 17.07
N GLU C 305 -25.28 10.05 17.56
CA GLU C 305 -24.76 9.74 18.88
C GLU C 305 -23.25 9.97 18.99
N LEU C 306 -22.49 9.67 17.95
CA LEU C 306 -21.03 9.74 18.00
C LEU C 306 -20.48 11.15 17.87
N TYR C 307 -21.30 12.17 18.11
CA TYR C 307 -20.83 13.55 18.00
C TYR C 307 -19.89 13.88 19.14
N GLU C 308 -18.62 14.15 18.82
CA GLU C 308 -17.63 14.60 19.79
C GLU C 308 -17.51 13.60 20.94
N SER C 309 -17.49 12.31 20.60
CA SER C 309 -17.50 11.24 21.57
C SER C 309 -16.12 10.63 21.74
N ASP C 310 -15.91 10.00 22.90
CA ASP C 310 -14.65 9.33 23.18
C ASP C 310 -14.47 8.06 22.36
N GLU C 311 -15.57 7.43 21.96
CA GLU C 311 -15.52 6.18 21.20
C GLU C 311 -15.38 6.40 19.70
N ASP C 312 -15.28 7.65 19.24
CA ASP C 312 -15.15 7.95 17.82
C ASP C 312 -13.69 7.81 17.40
N VAL C 313 -13.25 6.56 17.30
CA VAL C 313 -11.89 6.24 16.92
C VAL C 313 -11.75 6.37 15.40
N ASN C 314 -10.51 6.46 14.92
CA ASN C 314 -10.23 6.64 13.51
C ASN C 314 -9.62 5.38 12.91
N VAL C 315 -10.21 4.89 11.83
CA VAL C 315 -9.75 3.68 11.16
C VAL C 315 -9.81 3.89 9.66
N GLU C 316 -8.87 3.25 8.94
CA GLU C 316 -8.82 3.29 7.48
C GLU C 316 -8.75 4.71 6.95
N GLY C 317 -7.97 5.56 7.62
CA GLY C 317 -7.83 6.94 7.19
C GLY C 317 -9.07 7.78 7.33
N LYS C 318 -10.04 7.35 8.13
CA LYS C 318 -11.27 8.09 8.34
C LYS C 318 -11.73 7.90 9.77
N THR C 319 -12.61 8.78 10.22
CA THR C 319 -13.20 8.64 11.54
C THR C 319 -14.35 7.65 11.50
N LEU C 320 -14.67 7.10 12.68
CA LEU C 320 -15.76 6.13 12.76
C LEU C 320 -17.10 6.77 12.38
N ARG C 321 -17.33 8.00 12.83
CA ARG C 321 -18.55 8.71 12.47
C ARG C 321 -18.63 9.01 10.98
N GLU C 322 -17.48 9.11 10.30
CA GLU C 322 -17.49 9.34 8.86
C GLU C 322 -17.98 8.10 8.12
N HIS C 323 -17.62 6.91 8.61
CA HIS C 323 -18.01 5.68 7.93
C HIS C 323 -19.52 5.53 7.86
N TYR C 324 -20.22 5.95 8.92
CA TYR C 324 -21.67 5.79 8.96
C TYR C 324 -22.36 6.66 7.91
N PHE C 325 -21.78 7.81 7.59
CA PHE C 325 -22.42 8.75 6.68
C PHE C 325 -22.49 8.23 5.25
N ALA C 326 -21.59 7.31 4.87
CA ALA C 326 -21.53 6.81 3.50
C ALA C 326 -22.60 5.76 3.20
N LEU C 327 -23.35 5.30 4.20
CA LEU C 327 -24.33 4.25 3.98
C LEU C 327 -25.60 4.76 3.32
N PHE C 328 -25.92 6.05 3.50
CA PHE C 328 -27.19 6.58 3.02
C PHE C 328 -27.40 6.48 1.50
N PRO C 329 -26.41 6.78 0.64
CA PRO C 329 -26.70 6.72 -0.81
C PRO C 329 -27.15 5.35 -1.30
N THR C 330 -26.60 4.26 -0.75
CA THR C 330 -27.02 2.92 -1.16
C THR C 330 -28.39 2.56 -0.59
N LEU C 331 -28.65 2.96 0.66
CA LEU C 331 -29.95 2.69 1.25
C LEU C 331 -31.06 3.44 0.51
N PHE C 332 -30.76 4.64 0.01
CA PHE C 332 -31.77 5.42 -0.70
C PHE C 332 -32.13 4.81 -2.05
N GLY C 333 -31.37 3.83 -2.53
CA GLY C 333 -31.72 3.12 -3.74
C GLY C 333 -32.32 1.77 -3.45
N ALA C 334 -31.78 1.09 -2.43
CA ALA C 334 -32.36 -0.19 -2.03
C ALA C 334 -33.79 -0.01 -1.52
N ALA C 335 -34.03 1.03 -0.72
CA ALA C 335 -35.38 1.31 -0.27
C ALA C 335 -36.28 1.72 -1.43
N SER C 336 -35.73 2.41 -2.44
CA SER C 336 -36.52 2.74 -3.61
C SER C 336 -36.97 1.48 -4.35
N PHE C 337 -36.07 0.51 -4.51
CA PHE C 337 -36.45 -0.75 -5.14
C PHE C 337 -37.49 -1.49 -4.31
N ASN C 338 -37.30 -1.54 -2.99
CA ASN C 338 -38.27 -2.23 -2.13
C ASN C 338 -39.63 -1.56 -2.18
N VAL C 339 -39.65 -0.22 -2.23
CA VAL C 339 -40.91 0.51 -2.32
C VAL C 339 -41.57 0.29 -3.67
N GLY C 340 -40.77 0.21 -4.74
CA GLY C 340 -41.34 -0.11 -6.05
C GLY C 340 -42.00 -1.47 -6.07
N VAL C 341 -41.40 -2.45 -5.38
CA VAL C 341 -42.03 -3.76 -5.27
C VAL C 341 -43.30 -3.69 -4.42
N LEU C 342 -43.21 -3.00 -3.28
CA LEU C 342 -44.34 -2.93 -2.35
C LEU C 342 -45.53 -2.18 -2.95
N ASN C 343 -45.29 -1.24 -3.85
CA ASN C 343 -46.41 -0.53 -4.48
C ASN C 343 -47.27 -1.48 -5.31
N THR C 344 -46.64 -2.32 -6.13
CA THR C 344 -47.39 -3.33 -6.87
C THR C 344 -48.02 -4.35 -5.94
N ALA C 345 -47.29 -4.75 -4.89
CA ALA C 345 -47.85 -5.70 -3.93
C ALA C 345 -49.11 -5.15 -3.27
N ASP C 346 -49.14 -3.83 -3.00
CA ASP C 346 -50.31 -3.20 -2.40
C ASP C 346 -51.44 -3.06 -3.42
N ASP C 347 -51.11 -2.65 -4.65
CA ASP C 347 -52.14 -2.44 -5.66
C ASP C 347 -52.80 -3.74 -6.08
N ALA C 348 -52.08 -4.87 -5.99
CA ALA C 348 -52.66 -6.14 -6.39
C ALA C 348 -53.83 -6.55 -5.50
N VAL C 349 -53.71 -6.30 -4.19
CA VAL C 349 -54.73 -6.77 -3.25
C VAL C 349 -56.02 -6.00 -3.42
N ILE C 350 -55.94 -4.68 -3.59
CA ILE C 350 -57.14 -3.85 -3.64
C ILE C 350 -58.03 -4.19 -4.83
N ASP C 351 -57.44 -4.47 -5.99
CA ASP C 351 -58.21 -4.71 -7.21
C ASP C 351 -58.75 -6.13 -7.32
N TYR C 352 -58.26 -7.07 -6.51
CA TYR C 352 -58.63 -8.48 -6.61
C TYR C 352 -59.03 -9.03 -5.26
N TYR C 353 -59.91 -8.33 -4.55
CA TYR C 353 -60.38 -8.85 -3.26
C TYR C 353 -61.51 -9.85 -3.43
N LEU C 354 -62.53 -9.51 -4.23
CA LEU C 354 -63.65 -10.41 -4.47
C LEU C 354 -64.15 -10.14 -5.90
N VAL C 355 -63.61 -10.91 -6.85
CA VAL C 355 -63.94 -10.72 -8.26
C VAL C 355 -63.49 -11.97 -9.00
N TRP C 356 -64.02 -12.16 -10.21
CA TRP C 356 -63.59 -13.27 -11.06
C TRP C 356 -62.10 -13.17 -11.34
N ASP C 357 -61.53 -14.29 -11.79
CA ASP C 357 -60.09 -14.55 -12.00
C ASP C 357 -59.40 -14.80 -10.67
N THR C 358 -60.08 -14.64 -9.54
CA THR C 358 -59.59 -15.12 -8.26
C THR C 358 -60.27 -16.40 -7.80
N ASP C 359 -61.56 -16.56 -8.11
CA ASP C 359 -62.24 -17.84 -8.04
C ASP C 359 -62.32 -18.39 -9.47
N LEU C 360 -62.27 -19.70 -9.60
CA LEU C 360 -62.04 -20.31 -10.90
C LEU C 360 -63.18 -21.27 -11.21
N GLU C 361 -62.99 -22.10 -12.25
CA GLU C 361 -64.09 -22.86 -12.84
C GLU C 361 -64.77 -23.78 -11.83
N THR C 362 -64.00 -24.41 -10.95
CA THR C 362 -64.56 -25.42 -10.07
C THR C 362 -64.05 -25.19 -8.65
N ASN C 363 -64.65 -25.92 -7.71
CA ASN C 363 -64.42 -25.72 -6.29
C ASN C 363 -63.01 -26.10 -5.84
N ASP C 364 -62.28 -26.91 -6.61
CA ASP C 364 -60.94 -27.32 -6.22
C ASP C 364 -60.04 -27.36 -7.44
N GLU C 365 -58.97 -26.57 -7.39
CA GLU C 365 -58.00 -26.54 -8.48
C GLU C 365 -56.66 -26.11 -7.93
N ASP C 366 -55.60 -26.80 -8.36
CA ASP C 366 -54.23 -26.46 -8.00
C ASP C 366 -53.41 -26.02 -9.21
N ALA C 367 -54.03 -25.92 -10.39
CA ALA C 367 -53.31 -25.47 -11.57
C ALA C 367 -52.99 -23.98 -11.50
N ALA C 368 -53.66 -23.24 -10.62
CA ALA C 368 -53.40 -21.82 -10.45
C ALA C 368 -52.57 -21.52 -9.20
N TYR C 369 -52.78 -22.26 -8.11
CA TYR C 369 -51.99 -22.05 -6.90
C TYR C 369 -50.53 -22.42 -7.13
N ALA C 370 -50.29 -23.49 -7.88
CA ALA C 370 -48.92 -23.94 -8.10
C ALA C 370 -48.10 -22.92 -8.87
N GLU C 371 -48.69 -22.32 -9.91
CA GLU C 371 -47.95 -21.33 -10.70
C GLU C 371 -47.63 -20.09 -9.87
N GLU C 372 -48.60 -19.60 -9.09
CA GLU C 372 -48.34 -18.43 -8.26
C GLU C 372 -47.32 -18.73 -7.18
N LYS C 373 -47.37 -19.93 -6.59
CA LYS C 373 -46.37 -20.32 -5.61
C LYS C 373 -44.99 -20.39 -6.24
N ARG C 374 -44.90 -20.91 -7.47
CA ARG C 374 -43.62 -20.98 -8.16
C ARG C 374 -43.06 -19.58 -8.40
N GLU C 375 -43.91 -18.66 -8.88
CA GLU C 375 -43.44 -17.29 -9.12
C GLU C 375 -43.01 -16.61 -7.83
N PHE C 376 -43.78 -16.80 -6.75
CA PHE C 376 -43.43 -16.17 -5.48
C PHE C 376 -42.12 -16.73 -4.93
N ALA C 377 -41.93 -18.05 -5.05
CA ALA C 377 -40.68 -18.65 -4.60
C ALA C 377 -39.50 -18.16 -5.43
N LEU C 378 -39.69 -18.04 -6.75
CA LEU C 378 -38.62 -17.53 -7.61
C LEU C 378 -38.25 -16.10 -7.23
N LEU C 379 -39.26 -15.26 -6.97
CA LEU C 379 -38.99 -13.88 -6.57
C LEU C 379 -38.29 -13.82 -5.21
N THR C 380 -38.69 -14.70 -4.28
CA THR C 380 -38.03 -14.75 -2.99
C THR C 380 -36.57 -15.17 -3.13
N TYR C 381 -36.31 -16.18 -3.97
CA TYR C 381 -34.93 -16.62 -4.19
C TYR C 381 -34.09 -15.53 -4.83
N ALA C 382 -34.67 -14.81 -5.79
CA ALA C 382 -33.90 -13.79 -6.52
C ALA C 382 -33.57 -12.61 -5.62
N LYS C 383 -34.47 -12.23 -4.72
CA LYS C 383 -34.26 -11.03 -3.92
C LYS C 383 -33.26 -11.24 -2.79
N ILE C 384 -32.92 -12.49 -2.46
CA ILE C 384 -31.97 -12.73 -1.39
C ILE C 384 -30.54 -12.36 -1.80
N PHE C 385 -30.30 -12.17 -3.10
CA PHE C 385 -29.00 -11.79 -3.61
C PHE C 385 -28.89 -10.30 -3.90
N ILE C 386 -29.87 -9.50 -3.48
CA ILE C 386 -29.89 -8.07 -3.73
C ILE C 386 -29.81 -7.28 -2.43
N ASN C 387 -30.62 -7.63 -1.44
CA ASN C 387 -30.56 -6.95 -0.15
C ASN C 387 -29.22 -7.18 0.54
N GLY C 388 -28.59 -8.32 0.27
CA GLY C 388 -27.28 -8.60 0.84
C GLY C 388 -26.23 -7.59 0.49
N GLN C 389 -26.37 -6.89 -0.64
CA GLN C 389 -25.40 -5.88 -1.04
C GLN C 389 -25.27 -4.79 0.03
N TRP C 390 -26.41 -4.25 0.48
CA TRP C 390 -26.37 -3.24 1.53
C TRP C 390 -26.25 -3.86 2.91
N GLN C 391 -26.75 -5.10 3.08
CA GLN C 391 -26.58 -5.79 4.36
C GLN C 391 -25.12 -5.95 4.70
N GLU C 392 -24.29 -6.26 3.69
CA GLU C 392 -22.87 -6.48 3.95
C GLU C 392 -22.15 -5.19 4.31
N LYS C 393 -22.53 -4.07 3.68
CA LYS C 393 -21.94 -2.79 4.04
C LYS C 393 -22.32 -2.40 5.47
N VAL C 394 -23.59 -2.57 5.83
CA VAL C 394 -24.02 -2.28 7.19
C VAL C 394 -23.26 -3.17 8.17
N LYS C 395 -23.11 -4.45 7.83
CA LYS C 395 -22.36 -5.38 8.68
C LYS C 395 -20.91 -4.96 8.81
N TYR C 396 -20.32 -4.47 7.73
CA TYR C 396 -18.92 -4.02 7.76
C TYR C 396 -18.74 -2.87 8.73
N VAL C 397 -19.59 -1.85 8.62
CA VAL C 397 -19.46 -0.70 9.52
C VAL C 397 -19.74 -1.10 10.96
N GLN C 398 -20.81 -1.88 11.18
CA GLN C 398 -21.11 -2.33 12.53
C GLN C 398 -19.97 -3.16 13.11
N ASN C 399 -19.34 -4.00 12.27
CA ASN C 399 -18.25 -4.84 12.71
C ASN C 399 -17.03 -4.02 13.11
N LEU C 400 -16.70 -3.00 12.31
CA LEU C 400 -15.67 -2.06 12.72
C LEU C 400 -15.99 -1.48 14.09
N ASP C 401 -17.26 -1.09 14.29
CA ASP C 401 -17.65 -0.46 15.55
C ASP C 401 -17.43 -1.39 16.74
N ASP C 402 -18.00 -2.60 16.70
CA ASP C 402 -17.91 -3.41 17.91
C ASP C 402 -16.52 -3.99 18.06
N GLY C 403 -15.78 -4.16 16.96
CA GLY C 403 -14.39 -4.57 17.08
C GLY C 403 -13.55 -3.55 17.83
N ALA C 404 -13.69 -2.27 17.47
CA ALA C 404 -12.98 -1.23 18.21
C ALA C 404 -13.42 -1.19 19.67
N ARG C 405 -14.74 -1.24 19.90
CA ARG C 405 -15.24 -1.11 21.27
C ARG C 405 -14.78 -2.28 22.14
N ALA C 406 -14.78 -3.49 21.60
CA ALA C 406 -14.38 -4.65 22.39
C ALA C 406 -12.86 -4.73 22.54
N GLU C 407 -12.12 -4.28 21.52
CA GLU C 407 -10.67 -4.30 21.64
C GLU C 407 -10.18 -3.26 22.62
N ALA C 408 -10.94 -2.18 22.83
CA ALA C 408 -10.54 -1.19 23.82
C ALA C 408 -11.03 -1.55 25.21
N ALA C 409 -10.87 -2.83 25.59
CA ALA C 409 -11.02 -3.27 26.97
C ALA C 409 -10.00 -4.34 27.38
N ARG C 410 -9.44 -5.09 26.44
CA ARG C 410 -8.55 -6.20 26.79
C ARG C 410 -7.23 -5.71 27.32
N ILE C 411 -6.73 -4.57 26.84
CA ILE C 411 -5.50 -4.01 27.39
C ILE C 411 -5.68 -3.67 28.86
N GLU C 412 -6.81 -3.04 29.19
CA GLU C 412 -7.07 -2.70 30.59
C GLU C 412 -7.23 -3.96 31.44
N ALA C 413 -7.96 -4.96 30.92
CA ALA C 413 -8.15 -6.20 31.68
C ALA C 413 -6.81 -6.89 31.94
N GLU C 414 -5.97 -7.00 30.92
CA GLU C 414 -4.69 -7.67 31.07
C GLU C 414 -3.75 -6.86 31.96
N ARG C 415 -3.82 -5.52 31.89
CA ARG C 415 -3.00 -4.70 32.77
C ARG C 415 -3.38 -4.91 34.22
N LEU C 416 -4.69 -4.93 34.52
CA LEU C 416 -5.12 -5.19 35.90
C LEU C 416 -4.70 -6.57 36.35
N ALA C 417 -4.86 -7.58 35.49
CA ALA C 417 -4.48 -8.94 35.85
C ALA C 417 -2.99 -9.04 36.12
N ASP C 418 -2.17 -8.42 35.27
CA ASP C 418 -0.72 -8.47 35.46
C ASP C 418 -0.30 -7.74 36.72
N GLU C 419 -0.92 -6.58 37.01
CA GLU C 419 -0.60 -5.86 38.23
C GLU C 419 -0.95 -6.69 39.46
N ALA C 420 -2.12 -7.32 39.46
CA ALA C 420 -2.51 -8.16 40.59
C ALA C 420 -1.55 -9.35 40.74
N TYR C 421 -1.18 -9.98 39.62
CA TYR C 421 -0.26 -11.11 39.67
C TYR C 421 1.09 -10.69 40.23
N ARG C 422 1.62 -9.56 39.77
CA ARG C 422 2.92 -9.09 40.25
C ARG C 422 2.86 -8.74 41.73
N ALA C 423 1.79 -8.07 42.16
CA ALA C 423 1.66 -7.73 43.57
C ALA C 423 1.58 -8.97 44.44
N GLU C 424 0.80 -9.98 44.01
CA GLU C 424 0.71 -11.21 44.78
C GLU C 424 2.04 -11.93 44.83
N GLN C 425 2.76 -11.97 43.71
CA GLN C 425 4.06 -12.63 43.67
C GLN C 425 5.04 -11.95 44.63
N LEU C 426 5.08 -10.62 44.61
CA LEU C 426 5.98 -9.90 45.51
C LEU C 426 5.59 -10.13 46.97
N ARG C 427 4.29 -10.13 47.27
CA ARG C 427 3.85 -10.35 48.65
C ARG C 427 4.25 -11.74 49.13
N ILE C 428 4.04 -12.76 48.28
CA ILE C 428 4.39 -14.12 48.67
C ILE C 428 5.89 -14.25 48.86
N ALA C 429 6.68 -13.66 47.95
CA ALA C 429 8.13 -13.73 48.08
C ALA C 429 8.60 -13.04 49.35
N GLN C 430 8.02 -11.88 49.67
CA GLN C 430 8.43 -11.14 50.87
C GLN C 430 8.07 -11.92 52.14
N GLU C 431 6.87 -12.51 52.19
CA GLU C 431 6.51 -13.27 53.39
C GLU C 431 7.32 -14.54 53.51
N ALA C 432 7.70 -15.16 52.39
CA ALA C 432 8.58 -16.32 52.46
C ALA C 432 9.97 -15.93 52.96
N ALA C 433 10.49 -14.79 52.51
CA ALA C 433 11.78 -14.31 53.02
C ALA C 433 11.69 -13.99 54.50
N ASP C 434 10.57 -13.41 54.93
CA ASP C 434 10.37 -13.17 56.36
C ASP C 434 10.33 -14.48 57.14
N ALA C 435 9.70 -15.52 56.59
CA ALA C 435 9.68 -16.81 57.27
C ALA C 435 11.07 -17.41 57.35
N GLN C 436 11.88 -17.25 56.30
CA GLN C 436 13.26 -17.73 56.34
C GLN C 436 14.07 -16.98 57.39
N LYS C 437 13.89 -15.66 57.48
CA LYS C 437 14.55 -14.90 58.54
C LYS C 437 14.05 -15.35 59.91
N ALA C 438 12.77 -15.73 59.99
CA ALA C 438 12.19 -16.18 61.24
C ALA C 438 12.85 -17.47 61.71
N ILE C 439 12.98 -18.45 60.83
CA ILE C 439 13.64 -19.70 61.23
C ILE C 439 15.10 -19.43 61.54
N ALA C 440 15.73 -18.52 60.79
CA ALA C 440 17.12 -18.16 61.07
C ALA C 440 17.28 -17.65 62.49
N ASP C 441 16.45 -16.68 62.88
CA ASP C 441 16.53 -16.13 64.24
C ASP C 441 16.14 -17.17 65.28
N ALA C 442 15.24 -18.10 64.92
CA ALA C 442 14.77 -19.08 65.89
C ALA C 442 15.84 -20.13 66.19
N LEU C 443 16.43 -20.73 65.16
CA LEU C 443 17.44 -21.76 65.41
C LEU C 443 18.81 -21.17 65.71
N ALA C 444 19.04 -19.89 65.40
CA ALA C 444 20.28 -19.25 65.83
C ALA C 444 20.28 -18.97 67.33
N LYS C 445 19.10 -18.93 67.95
CA LYS C 445 18.99 -18.65 69.37
C LYS C 445 19.34 -19.88 70.20
N THR D 33 39.09 0.26 10.07
CA THR D 33 38.05 -0.44 9.31
C THR D 33 38.04 0.01 7.86
N GLY D 34 38.50 -0.86 6.96
CA GLY D 34 38.52 -0.54 5.54
C GLY D 34 38.63 -1.75 4.65
N THR D 35 37.73 -1.87 3.69
CA THR D 35 37.67 -2.97 2.73
C THR D 35 36.86 -2.45 1.55
N TYR D 36 36.69 -3.29 0.53
CA TYR D 36 35.84 -2.92 -0.59
C TYR D 36 34.40 -2.68 -0.13
N ASN D 37 33.99 -3.32 0.96
CA ASN D 37 32.75 -3.01 1.64
C ASN D 37 33.07 -2.73 3.10
N ASN D 38 32.55 -1.61 3.62
CA ASN D 38 32.90 -1.17 4.96
C ASN D 38 31.76 -0.37 5.56
N THR D 39 31.75 -0.30 6.89
CA THR D 39 30.78 0.48 7.65
C THR D 39 31.50 1.34 8.67
N GLY D 40 32.59 1.99 8.26
CA GLY D 40 33.39 2.78 9.18
C GLY D 40 33.56 4.22 8.75
N GLY D 41 32.78 4.66 7.77
CA GLY D 41 32.85 6.04 7.31
C GLY D 41 33.96 6.29 6.32
N PHE D 42 34.73 7.36 6.53
CA PHE D 42 35.82 7.70 5.64
C PHE D 42 36.92 6.64 5.72
N ASN D 43 37.48 6.29 4.57
CA ASN D 43 38.49 5.25 4.47
C ASN D 43 39.70 5.76 3.70
N ASP D 44 40.90 5.36 4.15
CA ASP D 44 42.12 5.74 3.47
C ASP D 44 42.41 4.85 2.27
N ALA D 45 41.74 3.70 2.16
CA ALA D 45 41.95 2.80 1.03
C ALA D 45 41.30 3.32 -0.25
N ASP D 46 40.48 4.37 -0.17
CA ASP D 46 39.82 4.94 -1.34
C ASP D 46 40.28 6.35 -1.66
N GLY D 47 40.80 7.08 -0.68
CA GLY D 47 41.21 8.46 -0.90
C GLY D 47 40.17 9.45 -0.41
N SER D 48 39.65 9.21 0.80
CA SER D 48 38.64 10.08 1.39
C SER D 48 39.04 10.67 2.74
N THR D 49 40.06 10.13 3.40
CA THR D 49 40.49 10.65 4.69
C THR D 49 41.39 11.88 4.49
N ILE D 50 41.84 12.45 5.60
CA ILE D 50 42.70 13.62 5.58
C ILE D 50 44.16 13.16 5.59
N GLN D 51 45.00 13.88 4.85
CA GLN D 51 46.42 13.56 4.76
C GLN D 51 47.24 14.84 4.67
N PRO D 52 48.33 14.94 5.45
CA PRO D 52 49.18 16.14 5.36
C PRO D 52 49.89 16.25 4.02
N ALA D 53 50.46 17.42 3.74
CA ALA D 53 51.17 17.65 2.48
C ALA D 53 52.34 18.59 2.73
N PRO D 54 53.43 18.08 3.31
CA PRO D 54 54.62 18.90 3.47
C PRO D 54 55.25 19.24 2.13
N ALA D 55 55.97 20.35 2.08
CA ALA D 55 56.61 20.82 0.85
C ALA D 55 57.80 19.93 0.53
N VAL D 56 57.56 18.90 -0.28
CA VAL D 56 58.60 17.98 -0.71
C VAL D 56 58.63 17.96 -2.23
N ASP D 57 59.83 18.08 -2.80
CA ASP D 57 59.99 18.21 -4.25
C ASP D 57 59.93 16.85 -4.91
N HIS D 58 58.78 16.57 -5.54
CA HIS D 58 58.64 15.42 -6.43
C HIS D 58 58.63 15.94 -7.86
N SER D 59 59.57 15.47 -8.67
CA SER D 59 59.74 16.00 -10.02
C SER D 59 58.52 15.71 -10.87
N GLU D 60 58.29 16.59 -11.86
CA GLU D 60 57.17 16.42 -12.77
C GLU D 60 57.30 15.15 -13.61
N ALA D 61 58.51 14.70 -13.89
CA ALA D 61 58.69 13.43 -14.57
C ALA D 61 58.18 12.28 -13.71
N GLU D 62 58.41 12.34 -12.40
CA GLU D 62 57.86 11.33 -11.51
C GLU D 62 56.34 11.34 -11.54
N LEU D 63 55.75 12.53 -11.55
CA LEU D 63 54.29 12.63 -11.65
C LEU D 63 53.79 12.01 -12.96
N ARG D 64 54.46 12.33 -14.07
CA ARG D 64 54.03 11.79 -15.36
C ARG D 64 54.13 10.27 -15.38
N ASP D 65 55.22 9.72 -14.86
CA ASP D 65 55.39 8.27 -14.85
C ASP D 65 54.37 7.60 -13.94
N ALA D 66 54.13 8.14 -12.75
CA ALA D 66 53.18 7.53 -11.84
C ALA D 66 51.76 7.62 -12.38
N THR D 67 51.45 8.70 -13.11
CA THR D 67 50.10 8.81 -13.67
C THR D 67 49.93 7.90 -14.88
N ASP D 68 50.97 7.77 -15.72
CA ASP D 68 50.88 6.88 -16.86
C ASP D 68 50.87 5.41 -16.44
N ALA D 69 51.43 5.09 -15.28
CA ALA D 69 51.36 3.73 -14.77
C ALA D 69 49.92 3.30 -14.50
N THR D 70 49.04 4.26 -14.24
CA THR D 70 47.63 3.97 -14.04
C THR D 70 46.80 4.21 -15.30
N GLY D 71 47.21 5.18 -16.12
CA GLY D 71 46.45 5.48 -17.33
C GLY D 71 46.46 4.35 -18.34
N ASN D 72 47.45 3.45 -18.26
CA ASN D 72 47.45 2.28 -19.14
C ASN D 72 46.36 1.31 -18.75
N TYR D 73 45.99 1.26 -17.47
CA TYR D 73 44.95 0.36 -17.02
C TYR D 73 43.58 0.75 -17.56
N LEU D 74 43.38 2.05 -17.78
CA LEU D 74 42.07 2.55 -18.17
C LEU D 74 41.89 2.72 -19.67
N ALA D 75 42.89 2.37 -20.48
CA ALA D 75 42.75 2.51 -21.93
C ALA D 75 41.60 1.68 -22.46
N ALA D 76 41.52 0.42 -22.04
CA ALA D 76 40.44 -0.45 -22.49
C ALA D 76 39.09 0.05 -21.99
N PHE D 77 39.02 0.48 -20.74
CA PHE D 77 37.76 0.99 -20.20
C PHE D 77 37.35 2.30 -20.86
N GLN D 78 38.32 3.19 -21.11
CA GLN D 78 38.01 4.45 -21.76
C GLN D 78 37.64 4.28 -23.22
N SER D 79 38.11 3.20 -23.87
CA SER D 79 37.70 2.94 -25.25
C SER D 79 36.21 2.68 -25.33
N GLY D 80 35.65 1.94 -24.38
CA GLY D 80 34.24 1.69 -24.31
C GLY D 80 33.76 0.40 -24.94
N ASP D 81 34.62 -0.29 -25.70
CA ASP D 81 34.22 -1.54 -26.33
C ASP D 81 34.18 -2.67 -25.29
N ILE D 82 33.05 -3.39 -25.26
CA ILE D 82 32.89 -4.45 -24.28
C ILE D 82 33.84 -5.60 -24.55
N GLU D 83 34.09 -5.91 -25.82
CA GLU D 83 35.00 -7.00 -26.15
C GLU D 83 36.41 -6.71 -25.65
N ALA D 84 36.88 -5.48 -25.84
CA ALA D 84 38.20 -5.12 -25.34
C ALA D 84 38.25 -5.19 -23.81
N ILE D 85 37.17 -4.77 -23.15
CA ILE D 85 37.12 -4.82 -21.69
C ILE D 85 37.22 -6.25 -21.19
N VAL D 86 36.41 -7.15 -21.78
CA VAL D 86 36.41 -8.54 -21.31
C VAL D 86 37.72 -9.23 -21.68
N GLY D 87 38.36 -8.80 -22.78
CA GLY D 87 39.64 -9.38 -23.14
C GLY D 87 40.78 -8.91 -22.26
N ALA D 88 40.70 -7.67 -21.77
CA ALA D 88 41.81 -7.11 -20.99
C ALA D 88 41.68 -7.39 -19.49
N TYR D 89 40.50 -7.14 -18.91
CA TYR D 89 40.34 -7.20 -17.47
C TYR D 89 39.92 -8.58 -16.95
N ILE D 90 39.58 -9.52 -17.84
CA ILE D 90 39.11 -10.84 -17.43
C ILE D 90 40.06 -11.89 -17.98
N ASP D 91 40.44 -12.84 -17.13
CA ASP D 91 41.34 -13.92 -17.51
C ASP D 91 40.56 -15.06 -18.15
N ALA D 92 41.07 -15.56 -19.27
CA ALA D 92 40.43 -16.69 -19.94
C ALA D 92 40.49 -17.97 -19.13
N GLY D 93 41.62 -18.26 -18.49
CA GLY D 93 41.75 -19.42 -17.64
C GLY D 93 42.53 -20.56 -18.30
N VAL D 94 42.15 -21.77 -17.90
CA VAL D 94 42.78 -23.00 -18.38
C VAL D 94 42.53 -23.13 -19.89
N ASP D 95 43.42 -23.84 -20.59
CA ASP D 95 43.28 -24.02 -22.03
C ASP D 95 41.90 -24.57 -22.39
N GLY D 96 41.40 -25.52 -21.62
CA GLY D 96 40.04 -25.97 -21.78
C GLY D 96 39.08 -25.06 -21.02
N PHE D 97 38.38 -24.21 -21.76
CA PHE D 97 37.53 -23.19 -21.14
C PHE D 97 36.41 -23.82 -20.33
N ASP D 98 36.43 -23.61 -19.01
CA ASP D 98 35.41 -24.14 -18.13
C ASP D 98 34.21 -23.20 -18.12
N PRO D 99 33.04 -23.65 -18.56
CA PRO D 99 31.86 -22.77 -18.56
C PRO D 99 31.05 -22.77 -17.28
N SER D 100 31.54 -23.44 -16.23
CA SER D 100 30.82 -23.43 -14.95
C SER D 100 30.87 -22.04 -14.32
N GLU D 101 29.87 -21.76 -13.48
CA GLU D 101 29.75 -20.43 -12.89
C GLU D 101 30.88 -20.12 -11.92
N GLU D 102 31.47 -21.16 -11.32
CA GLU D 102 32.50 -20.92 -10.30
C GLU D 102 33.74 -20.25 -10.89
N ALA D 103 34.16 -20.69 -12.08
CA ALA D 103 35.31 -20.07 -12.73
C ALA D 103 35.02 -18.62 -13.10
N ILE D 104 33.80 -18.34 -13.55
CA ILE D 104 33.41 -16.97 -13.88
C ILE D 104 33.46 -16.10 -12.63
N PHE D 105 32.96 -16.63 -11.50
CA PHE D 105 33.00 -15.90 -10.24
C PHE D 105 34.44 -15.63 -9.81
N LYS D 106 35.32 -16.62 -9.95
CA LYS D 106 36.72 -16.43 -9.58
C LYS D 106 37.39 -15.36 -10.45
N ALA D 107 37.12 -15.38 -11.76
CA ALA D 107 37.70 -14.38 -12.64
C ALA D 107 37.22 -12.98 -12.30
N PHE D 108 35.92 -12.83 -12.04
CA PHE D 108 35.39 -11.53 -11.67
C PHE D 108 35.98 -11.05 -10.34
N GLU D 109 36.16 -11.97 -9.39
CA GLU D 109 36.77 -11.61 -8.12
C GLU D 109 38.20 -11.13 -8.30
N ALA D 110 38.97 -11.81 -9.17
CA ALA D 110 40.34 -11.38 -9.43
C ALA D 110 40.38 -10.00 -10.07
N ALA D 111 39.48 -9.75 -11.02
CA ALA D 111 39.43 -8.42 -11.64
C ALA D 111 39.08 -7.35 -10.62
N ARG D 112 38.15 -7.65 -9.72
CA ARG D 112 37.77 -6.70 -8.68
C ARG D 112 38.95 -6.40 -7.75
N ASP D 113 39.71 -7.43 -7.39
CA ASP D 113 40.87 -7.21 -6.52
C ASP D 113 41.92 -6.36 -7.23
N GLU D 114 42.15 -6.60 -8.52
CA GLU D 114 43.10 -5.78 -9.27
C GLU D 114 42.66 -4.32 -9.30
N ALA D 115 41.36 -4.09 -9.53
CA ALA D 115 40.85 -2.72 -9.52
C ALA D 115 41.02 -2.08 -8.14
N THR D 116 40.81 -2.84 -7.07
CA THR D 116 40.99 -2.31 -5.72
C THR D 116 42.43 -1.86 -5.50
N GLN D 117 43.40 -2.69 -5.92
CA GLN D 117 44.80 -2.30 -5.76
C GLN D 117 45.14 -1.07 -6.58
N GLN D 118 44.62 -0.98 -7.82
CA GLN D 118 44.87 0.20 -8.63
C GLN D 118 44.32 1.46 -7.95
N LEU D 119 43.13 1.34 -7.36
CA LEU D 119 42.57 2.48 -6.62
C LEU D 119 43.45 2.86 -5.43
N ALA D 120 43.99 1.86 -4.74
CA ALA D 120 44.86 2.14 -3.61
C ALA D 120 46.09 2.92 -4.04
N PHE D 121 46.65 2.61 -5.21
CA PHE D 121 47.82 3.36 -5.69
C PHE D 121 47.43 4.78 -6.13
N SER D 122 46.30 4.90 -6.83
CA SER D 122 45.84 6.21 -7.26
C SER D 122 45.53 7.11 -6.07
N ALA D 123 45.26 6.51 -4.90
CA ALA D 123 45.07 7.30 -3.69
C ALA D 123 46.35 8.05 -3.32
N GLU D 124 47.49 7.36 -3.31
CA GLU D 124 48.74 7.98 -2.87
C GLU D 124 49.27 8.95 -3.91
N THR D 125 48.94 8.72 -5.19
CA THR D 125 49.34 9.69 -6.22
C THR D 125 48.90 11.12 -5.88
N ILE D 126 47.72 11.25 -5.27
CA ILE D 126 47.19 12.57 -4.92
C ILE D 126 48.11 13.28 -3.94
N THR D 127 48.50 12.59 -2.87
CA THR D 127 49.37 13.20 -1.86
C THR D 127 50.72 13.56 -2.46
N LYS D 128 51.26 12.70 -3.32
CA LYS D 128 52.51 13.03 -3.99
C LYS D 128 52.40 14.35 -4.75
N THR D 129 51.34 14.48 -5.56
CA THR D 129 51.17 15.69 -6.36
C THR D 129 50.97 16.92 -5.48
N ARG D 130 50.23 16.79 -4.39
CA ARG D 130 49.99 17.93 -3.50
C ARG D 130 51.28 18.42 -2.87
N GLU D 131 52.13 17.48 -2.42
CA GLU D 131 53.43 17.88 -1.87
C GLU D 131 54.28 18.59 -2.92
N SER D 132 54.26 18.07 -4.15
CA SER D 132 55.00 18.74 -5.22
C SER D 132 54.53 20.18 -5.42
N VAL D 133 53.21 20.38 -5.41
CA VAL D 133 52.66 21.73 -5.58
C VAL D 133 53.10 22.64 -4.45
N ALA D 134 53.07 22.14 -3.21
CA ALA D 134 53.47 22.96 -2.07
C ALA D 134 54.93 23.41 -2.20
N TYR D 135 55.81 22.49 -2.58
CA TYR D 135 57.22 22.87 -2.77
C TYR D 135 57.37 23.91 -3.88
N ALA D 136 56.64 23.72 -4.98
CA ALA D 136 56.74 24.64 -6.11
C ALA D 136 56.27 26.04 -5.73
N LEU D 137 55.33 26.13 -4.79
CA LEU D 137 54.91 27.45 -4.31
C LEU D 137 55.94 28.07 -3.39
N LYS D 138 56.50 27.26 -2.48
CA LYS D 138 57.45 27.80 -1.51
C LYS D 138 58.68 28.38 -2.19
N VAL D 139 59.20 27.69 -3.22
CA VAL D 139 60.46 28.11 -3.82
C VAL D 139 60.34 29.51 -4.43
N ASP D 140 59.32 29.74 -5.26
CA ASP D 140 59.23 31.05 -5.90
C ASP D 140 58.73 32.11 -4.93
N GLN D 141 58.01 31.74 -3.87
CA GLN D 141 57.73 32.73 -2.83
C GLN D 141 59.04 33.28 -2.24
N GLU D 142 59.94 32.39 -1.85
CA GLU D 142 61.23 32.85 -1.33
C GLU D 142 62.01 33.64 -2.37
N ALA D 143 61.96 33.20 -3.63
CA ALA D 143 62.70 33.89 -4.69
C ALA D 143 62.22 35.33 -4.85
N THR D 144 60.90 35.54 -4.89
CA THR D 144 60.40 36.89 -5.06
C THR D 144 60.66 37.76 -3.84
N GLU D 145 60.64 37.16 -2.64
CA GLU D 145 61.00 37.94 -1.45
C GLU D 145 62.44 38.44 -1.55
N ALA D 146 63.36 37.55 -1.94
CA ALA D 146 64.76 37.95 -2.07
C ALA D 146 64.94 39.01 -3.15
N TYR D 147 64.23 38.87 -4.27
CA TYR D 147 64.34 39.87 -5.34
C TYR D 147 63.88 41.23 -4.86
N LEU D 148 62.75 41.27 -4.12
CA LEU D 148 62.27 42.54 -3.61
C LEU D 148 63.27 43.17 -2.65
N ALA D 149 63.86 42.37 -1.76
CA ALA D 149 64.85 42.90 -0.83
C ALA D 149 66.04 43.50 -1.56
N TYR D 150 66.56 42.78 -2.57
CA TYR D 150 67.72 43.27 -3.30
C TYR D 150 67.39 44.54 -4.07
N ARG D 151 66.20 44.60 -4.69
CA ARG D 151 65.82 45.81 -5.40
C ARG D 151 65.68 47.00 -4.47
N ASN D 152 65.14 46.77 -3.26
CA ASN D 152 65.04 47.87 -2.30
C ASN D 152 66.42 48.36 -1.87
N ALA D 153 67.37 47.43 -1.68
CA ALA D 153 68.72 47.85 -1.34
C ALA D 153 69.34 48.68 -2.46
N LEU D 154 69.14 48.26 -3.72
CA LEU D 154 69.67 49.04 -4.84
C LEU D 154 69.04 50.42 -4.91
N ARG D 155 67.73 50.51 -4.65
CA ARG D 155 67.06 51.80 -4.64
C ARG D 155 67.62 52.71 -3.55
N GLY D 156 67.87 52.16 -2.37
CA GLY D 156 68.47 52.95 -1.31
C GLY D 156 69.86 53.45 -1.66
N ALA D 157 70.67 52.59 -2.29
CA ALA D 157 72.00 53.03 -2.74
C ALA D 157 71.90 54.15 -3.77
N ALA D 158 70.95 54.01 -4.71
CA ALA D 158 70.75 55.07 -5.71
C ALA D 158 70.31 56.38 -5.06
N THR D 159 69.45 56.30 -4.05
CA THR D 159 69.04 57.51 -3.34
C THR D 159 70.23 58.16 -2.64
N SER D 160 71.07 57.35 -2.01
CA SER D 160 72.19 57.87 -1.22
C SER D 160 73.35 58.42 -2.06
N ILE D 161 73.56 57.90 -3.27
CA ILE D 161 74.80 58.22 -3.97
C ILE D 161 74.74 59.60 -4.64
N ASN D 162 73.64 59.91 -5.33
CA ASN D 162 73.60 61.02 -6.27
C ASN D 162 73.99 62.38 -5.69
N PRO D 163 73.52 62.79 -4.49
CA PRO D 163 73.91 64.13 -3.99
C PRO D 163 75.41 64.33 -3.88
N LEU D 164 76.16 63.31 -3.44
CA LEU D 164 77.60 63.44 -3.37
C LEU D 164 78.22 63.56 -4.77
N ILE D 165 77.66 62.87 -5.76
CA ILE D 165 78.13 63.01 -7.13
C ILE D 165 77.95 64.46 -7.60
N ASP D 166 76.78 65.03 -7.32
CA ASP D 166 76.54 66.42 -7.73
C ASP D 166 77.48 67.38 -7.00
N ALA D 167 77.69 67.15 -5.70
CA ALA D 167 78.59 68.02 -4.93
C ALA D 167 80.02 67.95 -5.47
N ALA D 168 80.50 66.74 -5.79
CA ALA D 168 81.84 66.61 -6.34
C ALA D 168 81.94 67.21 -7.74
N ASN D 169 80.89 67.10 -8.55
CA ASN D 169 80.91 67.70 -9.88
C ASN D 169 80.95 69.22 -9.78
N ALA D 170 80.24 69.80 -8.81
CA ALA D 170 80.19 71.26 -8.68
C ALA D 170 81.54 71.85 -8.30
N ALA D 171 82.42 71.08 -7.67
CA ALA D 171 83.70 71.60 -7.16
C ALA D 171 84.88 71.23 -8.04
N ASN D 172 84.70 71.19 -9.37
CA ASN D 172 85.77 70.83 -10.29
C ASN D 172 86.14 72.03 -11.14
N ARG D 173 87.45 72.28 -11.28
CA ARG D 173 87.94 73.39 -12.06
C ARG D 173 88.82 72.98 -13.24
N THR D 174 88.97 71.68 -13.49
CA THR D 174 89.84 71.20 -14.55
C THR D 174 89.18 71.41 -15.92
N ASP D 175 89.88 71.00 -16.97
CA ASP D 175 89.40 71.15 -18.34
C ASP D 175 88.36 70.10 -18.71
N GLY D 176 88.20 69.05 -17.91
CA GLY D 176 87.25 68.01 -18.20
C GLY D 176 87.70 66.98 -19.19
N SER D 177 89.00 66.93 -19.51
CA SER D 177 89.51 65.95 -20.48
C SER D 177 89.81 64.62 -19.82
N GLU D 178 90.69 64.61 -18.81
CA GLU D 178 90.99 63.37 -18.11
C GLU D 178 90.07 63.14 -16.93
N ILE D 179 89.79 64.18 -16.15
CA ILE D 179 88.79 64.12 -15.08
C ILE D 179 87.48 64.60 -15.69
N GLU D 180 86.65 63.65 -16.11
CA GLU D 180 85.47 63.92 -16.91
C GLU D 180 84.30 64.39 -16.04
N ILE D 181 83.29 64.93 -16.72
CA ILE D 181 82.07 65.38 -16.04
C ILE D 181 81.22 64.15 -15.73
N TYR D 182 80.89 63.96 -14.45
CA TYR D 182 80.12 62.80 -14.04
C TYR D 182 78.68 62.88 -14.56
N ASP D 183 78.08 61.71 -14.71
CA ASP D 183 76.68 61.60 -15.12
C ASP D 183 75.89 60.90 -14.02
N ASN D 184 74.59 61.17 -13.98
CA ASN D 184 73.74 60.55 -12.98
C ASN D 184 73.72 59.03 -13.14
N ILE D 185 73.71 58.33 -12.01
CA ILE D 185 73.80 56.87 -12.05
C ILE D 185 72.52 56.28 -12.63
N PHE D 186 72.67 55.07 -13.19
CA PHE D 186 71.57 54.32 -13.78
C PHE D 186 70.91 55.10 -14.91
N LEU D 187 71.71 55.43 -15.93
CA LEU D 187 71.22 56.25 -17.03
C LEU D 187 70.33 55.46 -17.98
N ALA D 188 70.52 54.14 -18.06
CA ALA D 188 69.78 53.30 -19.00
C ALA D 188 68.75 52.41 -18.32
N SER D 189 69.16 51.63 -17.32
CA SER D 189 68.26 50.71 -16.62
C SER D 189 67.56 51.48 -15.52
N ASP D 190 66.29 51.83 -15.76
CA ASP D 190 65.51 52.58 -14.78
C ASP D 190 65.15 51.69 -13.60
N VAL D 191 65.81 51.93 -12.45
CA VAL D 191 65.59 51.11 -11.26
C VAL D 191 64.27 51.40 -10.59
N PHE D 192 63.72 52.60 -10.75
CA PHE D 192 62.50 53.00 -10.04
C PHE D 192 61.25 52.27 -10.53
N THR D 193 61.34 51.52 -11.62
CA THR D 193 60.24 50.69 -12.04
C THR D 193 60.06 49.52 -11.07
N ASP D 194 58.89 48.89 -11.11
CA ASP D 194 58.59 47.82 -10.16
C ASP D 194 59.39 46.55 -10.46
N GLY D 195 59.50 46.17 -11.73
CA GLY D 195 60.16 44.93 -12.09
C GLY D 195 61.29 45.03 -13.10
N PRO D 196 62.19 45.99 -12.95
CA PRO D 196 63.22 46.19 -13.97
C PRO D 196 64.38 45.21 -13.81
N LEU D 197 65.28 45.25 -14.79
CA LEU D 197 66.52 44.50 -14.69
C LEU D 197 67.47 45.17 -13.71
N LEU D 198 68.31 44.37 -13.06
CA LEU D 198 69.13 44.87 -11.97
C LEU D 198 70.61 44.57 -12.09
N LEU D 199 71.05 43.81 -13.09
CA LEU D 199 72.48 43.56 -13.31
C LEU D 199 73.17 44.77 -13.95
N PRO D 200 72.60 45.39 -15.00
CA PRO D 200 73.27 46.55 -15.59
C PRO D 200 73.47 47.70 -14.60
N ALA D 201 72.54 47.89 -13.66
CA ALA D 201 72.72 48.93 -12.65
C ALA D 201 73.93 48.64 -11.76
N TYR D 202 74.08 47.38 -11.35
CA TYR D 202 75.23 47.01 -10.53
C TYR D 202 76.53 47.17 -11.31
N ARG D 203 76.52 46.79 -12.59
CA ARG D 203 77.73 46.97 -13.41
C ARG D 203 78.06 48.45 -13.59
N GLU D 204 77.04 49.30 -13.76
CA GLU D 204 77.28 50.73 -13.85
C GLU D 204 77.85 51.29 -12.55
N LEU D 205 77.35 50.80 -11.41
CA LEU D 205 77.91 51.23 -10.13
C LEU D 205 79.37 50.82 -9.99
N VAL D 206 79.70 49.60 -10.41
CA VAL D 206 81.08 49.13 -10.35
C VAL D 206 81.96 49.97 -11.27
N ALA D 207 81.47 50.29 -12.47
CA ALA D 207 82.23 51.12 -13.40
C ALA D 207 82.45 52.52 -12.83
N LEU D 208 81.43 53.06 -12.15
CA LEU D 208 81.58 54.37 -11.52
C LEU D 208 82.63 54.33 -10.42
N GLN D 209 82.64 53.26 -9.62
CA GLN D 209 83.66 53.11 -8.59
C GLN D 209 85.05 53.04 -9.20
N THR D 210 85.18 52.29 -10.30
CA THR D 210 86.47 52.19 -10.98
C THR D 210 86.92 53.54 -11.52
N GLU D 211 86.00 54.29 -12.12
CA GLU D 211 86.33 55.61 -12.65
C GLU D 211 86.74 56.57 -11.53
N VAL D 212 86.05 56.50 -10.38
CA VAL D 212 86.40 57.35 -9.25
C VAL D 212 87.79 57.02 -8.75
N ASN D 213 88.09 55.72 -8.61
CA ASN D 213 89.41 55.31 -8.15
C ASN D 213 90.50 55.69 -9.15
N GLU D 214 90.18 55.68 -10.45
CA GLU D 214 91.14 56.09 -11.47
C GLU D 214 91.41 57.60 -11.39
N ASP D 215 90.35 58.40 -11.31
CA ASP D 215 90.52 59.85 -11.27
C ASP D 215 91.09 60.34 -9.95
N LEU D 216 90.98 59.56 -8.88
CA LEU D 216 91.50 59.99 -7.59
C LEU D 216 93.03 60.05 -7.60
N GLU D 217 93.67 59.16 -8.37
CA GLU D 217 95.13 59.10 -8.35
C GLU D 217 95.77 60.28 -9.07
N TRP D 218 95.08 60.87 -10.05
CA TRP D 218 95.65 62.03 -10.74
C TRP D 218 95.60 63.29 -9.89
N LEU D 219 94.85 63.26 -8.78
CA LEU D 219 94.87 64.39 -7.86
C LEU D 219 96.16 64.46 -7.06
N GLY D 220 96.96 63.40 -7.05
CA GLY D 220 98.25 63.37 -6.40
C GLY D 220 99.42 63.75 -7.28
N GLU D 221 99.16 64.26 -8.48
CA GLU D 221 100.24 64.66 -9.37
C GLU D 221 100.87 65.98 -8.90
N PHE D 222 101.98 66.33 -9.54
CA PHE D 222 102.70 67.55 -9.19
C PHE D 222 102.52 68.67 -10.20
N ALA D 223 102.21 68.36 -11.46
CA ALA D 223 102.03 69.36 -12.49
C ALA D 223 100.58 69.42 -13.00
N ILE D 224 99.62 69.00 -12.17
CA ILE D 224 98.22 69.05 -12.58
C ILE D 224 97.75 70.49 -12.72
N ASP D 225 98.25 71.40 -11.87
CA ASP D 225 97.88 72.81 -11.92
C ASP D 225 98.58 73.46 -13.10
N ASN D 226 97.95 73.32 -14.28
CA ASN D 226 98.56 73.79 -15.51
C ASN D 226 98.44 75.31 -15.64
N ASP D 227 97.22 75.82 -15.68
CA ASP D 227 96.99 77.24 -15.86
C ASP D 227 95.66 77.61 -15.21
N ALA D 228 95.20 78.84 -15.46
CA ALA D 228 93.97 79.31 -14.84
C ALA D 228 92.75 78.60 -15.40
N ASP D 229 92.76 78.28 -16.70
CA ASP D 229 91.61 77.66 -17.33
C ASP D 229 91.37 76.23 -16.86
N ASN D 230 92.38 75.59 -16.26
CA ASN D 230 92.22 74.22 -15.78
C ASN D 230 93.22 73.98 -14.65
N TYR D 231 92.71 73.76 -13.45
CA TYR D 231 93.54 73.47 -12.28
C TYR D 231 92.65 72.83 -11.22
N VAL D 232 93.19 72.69 -10.01
CA VAL D 232 92.46 72.07 -8.91
C VAL D 232 92.41 73.04 -7.75
N GLN D 233 91.40 72.89 -6.89
CA GLN D 233 91.20 73.73 -5.72
C GLN D 233 91.28 72.87 -4.46
N ARG D 234 90.98 73.50 -3.32
CA ARG D 234 91.20 72.85 -2.03
C ARG D 234 90.12 71.82 -1.73
N TYR D 235 88.89 72.06 -2.17
CA TYR D 235 87.74 71.28 -1.72
C TYR D 235 87.37 70.13 -2.66
N HIS D 236 88.15 69.89 -3.72
CA HIS D 236 87.84 68.79 -4.63
C HIS D 236 88.16 67.45 -3.98
N ILE D 237 89.33 67.35 -3.36
CA ILE D 237 89.76 66.07 -2.77
C ILE D 237 88.81 65.58 -1.68
N PRO D 238 88.37 66.41 -0.73
CA PRO D 238 87.41 65.89 0.27
C PRO D 238 86.12 65.37 -0.34
N ALA D 239 85.60 66.05 -1.36
CA ALA D 239 84.37 65.59 -2.00
C ALA D 239 84.58 64.25 -2.70
N VAL D 240 85.70 64.12 -3.43
CA VAL D 240 85.98 62.85 -4.11
C VAL D 240 86.16 61.73 -3.07
N GLU D 241 86.84 62.01 -1.98
CA GLU D 241 87.05 61.01 -0.94
C GLU D 241 85.74 60.58 -0.30
N ALA D 242 84.85 61.55 -0.03
CA ALA D 242 83.56 61.21 0.54
C ALA D 242 82.74 60.35 -0.42
N LEU D 243 82.75 60.70 -1.71
CA LEU D 243 82.02 59.89 -2.70
C LEU D 243 82.56 58.47 -2.76
N LYS D 244 83.89 58.33 -2.77
CA LYS D 244 84.49 57.00 -2.82
C LYS D 244 84.16 56.19 -1.57
N ALA D 245 84.21 56.84 -0.40
CA ALA D 245 83.87 56.14 0.85
C ALA D 245 82.42 55.69 0.86
N GLU D 246 81.51 56.54 0.38
CA GLU D 246 80.10 56.15 0.32
C GLU D 246 79.90 54.98 -0.63
N ILE D 247 80.54 55.00 -1.79
CA ILE D 247 80.40 53.89 -2.74
C ILE D 247 80.93 52.59 -2.13
N ASP D 248 82.09 52.66 -1.48
CA ASP D 248 82.68 51.47 -0.89
C ASP D 248 81.84 50.94 0.27
N ALA D 249 81.20 51.83 1.02
CA ALA D 249 80.32 51.38 2.10
C ALA D 249 79.02 50.78 1.56
N ARG D 250 78.52 51.29 0.44
CA ARG D 250 77.27 50.78 -0.11
C ARG D 250 77.46 49.41 -0.74
N LEU D 251 78.55 49.23 -1.49
CA LEU D 251 78.75 47.96 -2.20
C LEU D 251 78.92 46.80 -1.23
N GLU D 252 79.58 47.04 -0.09
CA GLU D 252 79.83 45.98 0.87
C GLU D 252 78.53 45.39 1.40
N ALA D 253 77.51 46.22 1.59
CA ALA D 253 76.20 45.74 2.00
C ALA D 253 75.36 45.26 0.82
N ILE D 254 75.61 45.77 -0.38
CA ILE D 254 74.83 45.36 -1.54
C ILE D 254 75.15 43.92 -1.93
N GLU D 255 76.42 43.52 -1.80
CA GLU D 255 76.88 42.23 -2.34
C GLU D 255 76.06 41.02 -1.87
N PRO D 256 75.87 40.77 -0.56
CA PRO D 256 75.18 39.53 -0.17
C PRO D 256 73.76 39.44 -0.67
N LEU D 257 73.03 40.56 -0.70
CA LEU D 257 71.66 40.54 -1.19
C LEU D 257 71.61 40.20 -2.67
N ARG D 258 72.55 40.73 -3.46
CA ARG D 258 72.62 40.36 -4.87
C ARG D 258 72.91 38.87 -5.03
N ALA D 259 73.85 38.34 -4.24
CA ALA D 259 74.18 36.92 -4.33
C ALA D 259 72.96 36.05 -4.00
N ASP D 260 72.26 36.39 -2.91
CA ASP D 260 71.09 35.61 -2.51
C ASP D 260 69.97 35.71 -3.54
N SER D 261 69.76 36.91 -4.10
CA SER D 261 68.73 37.09 -5.11
C SER D 261 69.00 36.24 -6.33
N ALA D 262 70.25 36.27 -6.81
CA ALA D 262 70.60 35.45 -7.98
C ALA D 262 70.43 33.96 -7.68
N GLU D 263 70.90 33.51 -6.51
CA GLU D 263 70.82 32.09 -6.18
C GLU D 263 69.38 31.63 -6.08
N LYS D 264 68.51 32.44 -5.46
CA LYS D 264 67.12 32.04 -5.28
C LYS D 264 66.31 32.17 -6.57
N ASN D 265 66.67 33.12 -7.44
CA ASN D 265 65.98 33.22 -8.72
C ASN D 265 66.39 32.11 -9.67
N ARG D 266 67.61 31.59 -9.56
CA ARG D 266 68.00 30.45 -10.39
C ARG D 266 67.29 29.18 -9.96
N LEU D 267 67.10 28.99 -8.65
CA LEU D 267 66.49 27.76 -8.15
C LEU D 267 65.00 27.70 -8.50
N ALA D 268 64.30 28.83 -8.41
CA ALA D 268 62.86 28.82 -8.64
C ALA D 268 62.50 28.63 -10.11
N GLN D 269 63.48 28.72 -11.01
CA GLN D 269 63.22 28.48 -12.43
C GLN D 269 63.20 27.01 -12.79
N LYS D 270 63.54 26.12 -11.85
CA LYS D 270 63.61 24.69 -12.11
C LYS D 270 62.37 23.95 -11.63
N SER D 271 61.23 24.62 -11.54
CA SER D 271 60.00 23.98 -11.07
C SER D 271 58.82 24.84 -11.49
N ASP D 272 57.83 24.21 -12.13
CA ASP D 272 56.59 24.87 -12.52
C ASP D 272 55.45 24.26 -11.72
N VAL D 273 54.50 25.11 -11.31
CA VAL D 273 53.42 24.69 -10.42
C VAL D 273 52.15 24.40 -11.21
N LEU D 274 52.07 24.92 -12.44
CA LEU D 274 50.87 24.70 -13.24
C LEU D 274 50.76 23.25 -13.72
N VAL D 275 51.87 22.69 -14.21
CA VAL D 275 51.83 21.30 -14.67
C VAL D 275 51.52 20.36 -13.51
N ARG D 276 52.00 20.67 -12.31
CA ARG D 276 51.68 19.84 -11.14
C ARG D 276 50.20 19.93 -10.80
N GLN D 277 49.60 21.11 -10.95
CA GLN D 277 48.16 21.23 -10.77
C GLN D 277 47.40 20.39 -11.80
N LEU D 278 47.86 20.41 -13.05
CA LEU D 278 47.24 19.59 -14.09
C LEU D 278 47.35 18.11 -13.75
N PHE D 279 48.51 17.68 -13.24
CA PHE D 279 48.68 16.29 -12.85
C PHE D 279 47.77 15.92 -11.69
N LEU D 280 47.60 16.85 -10.74
CA LEU D 280 46.69 16.60 -9.62
C LEU D 280 45.25 16.42 -10.12
N GLU D 281 44.81 17.28 -11.05
CA GLU D 281 43.48 17.12 -11.62
C GLU D 281 43.34 15.79 -12.33
N ARG D 282 44.34 15.41 -13.12
CA ARG D 282 44.30 14.16 -13.87
C ARG D 282 44.22 12.96 -12.93
N ALA D 283 45.00 12.99 -11.84
CA ALA D 283 44.98 11.88 -10.90
C ALA D 283 43.66 11.82 -10.13
N THR D 284 43.07 12.96 -9.81
CA THR D 284 41.75 12.96 -9.18
C THR D 284 40.71 12.33 -10.10
N ALA D 285 40.73 12.71 -11.38
CA ALA D 285 39.79 12.12 -12.33
C ALA D 285 40.02 10.62 -12.46
N GLN D 286 41.29 10.20 -12.46
CA GLN D 286 41.59 8.77 -12.52
C GLN D 286 41.03 8.02 -11.32
N ARG D 287 41.18 8.59 -10.12
CA ARG D 287 40.61 7.96 -8.93
C ARG D 287 39.09 7.89 -9.02
N ASP D 288 38.46 8.96 -9.53
CA ASP D 288 37.01 8.95 -9.68
C ASP D 288 36.55 7.84 -10.63
N THR D 289 37.28 7.64 -11.72
CA THR D 289 36.91 6.57 -12.66
C THR D 289 37.17 5.19 -12.04
N LEU D 290 38.27 5.05 -11.30
CA LEU D 290 38.58 3.77 -10.68
C LEU D 290 37.53 3.38 -9.65
N ARG D 291 36.93 4.37 -8.98
CA ARG D 291 35.85 4.08 -8.04
C ARG D 291 34.70 3.33 -8.72
N ILE D 292 34.21 3.86 -9.84
CA ILE D 292 33.08 3.22 -10.51
C ILE D 292 33.51 1.92 -11.17
N VAL D 293 34.76 1.82 -11.61
CA VAL D 293 35.25 0.55 -12.15
C VAL D 293 35.17 -0.54 -11.09
N GLU D 294 35.67 -0.23 -9.88
CA GLU D 294 35.59 -1.18 -8.78
C GLU D 294 34.15 -1.50 -8.43
N ALA D 295 33.27 -0.49 -8.45
CA ALA D 295 31.87 -0.72 -8.13
C ALA D 295 31.23 -1.68 -9.12
N ILE D 296 31.50 -1.50 -10.42
CA ILE D 296 30.94 -2.36 -11.45
C ILE D 296 31.44 -3.80 -11.26
N PHE D 297 32.75 -3.94 -11.04
CA PHE D 297 33.31 -5.30 -10.87
C PHE D 297 32.74 -5.98 -9.63
N ALA D 298 32.60 -5.25 -8.53
CA ALA D 298 32.03 -5.83 -7.32
C ALA D 298 30.57 -6.22 -7.52
N THR D 299 29.80 -5.38 -8.22
CA THR D 299 28.41 -5.71 -8.50
C THR D 299 28.31 -6.99 -9.32
N ALA D 300 29.14 -7.10 -10.36
CA ALA D 300 29.11 -8.31 -11.19
C ALA D 300 29.52 -9.54 -10.37
N THR D 301 30.56 -9.41 -9.54
CA THR D 301 31.00 -10.54 -8.72
C THR D 301 29.90 -11.00 -7.78
N ARG D 302 29.24 -10.06 -7.11
CA ARG D 302 28.19 -10.44 -6.16
C ARG D 302 26.97 -10.99 -6.87
N TYR D 303 26.64 -10.48 -8.06
CA TYR D 303 25.52 -11.03 -8.81
C TYR D 303 25.79 -12.46 -9.23
N VAL D 304 27.02 -12.75 -9.67
CA VAL D 304 27.37 -14.11 -10.07
C VAL D 304 27.41 -15.03 -8.85
N GLU D 305 27.88 -14.53 -7.70
CA GLU D 305 28.02 -15.35 -6.51
C GLU D 305 26.69 -15.87 -5.99
N LEU D 306 25.63 -15.06 -6.04
CA LEU D 306 24.35 -15.42 -5.45
C LEU D 306 23.53 -16.39 -6.31
N TYR D 307 24.17 -17.10 -7.24
CA TYR D 307 23.45 -18.04 -8.09
C TYR D 307 23.02 -19.26 -7.28
N GLU D 308 21.70 -19.45 -7.14
CA GLU D 308 21.14 -20.63 -6.48
C GLU D 308 21.71 -20.79 -5.07
N SER D 309 21.78 -19.68 -4.35
CA SER D 309 22.41 -19.65 -3.04
C SER D 309 21.36 -19.61 -1.93
N ASP D 310 21.78 -20.05 -0.74
CA ASP D 310 20.90 -20.03 0.42
C ASP D 310 20.64 -18.62 0.92
N GLU D 311 21.57 -17.69 0.69
CA GLU D 311 21.44 -16.33 1.17
C GLU D 311 20.65 -15.44 0.23
N ASP D 312 20.13 -15.98 -0.88
CA ASP D 312 19.37 -15.19 -1.85
C ASP D 312 17.92 -15.07 -1.39
N VAL D 313 17.73 -14.24 -0.36
CA VAL D 313 16.41 -14.01 0.22
C VAL D 313 15.64 -13.06 -0.68
N ASN D 314 14.32 -13.00 -0.51
CA ASN D 314 13.44 -12.17 -1.32
C ASN D 314 12.90 -11.02 -0.50
N VAL D 315 13.06 -9.79 -1.01
CA VAL D 315 12.61 -8.59 -0.33
C VAL D 315 11.99 -7.65 -1.37
N GLU D 316 10.99 -6.89 -0.93
CA GLU D 316 10.33 -5.88 -1.76
C GLU D 316 9.77 -6.48 -3.05
N GLY D 317 9.21 -7.68 -2.95
CA GLY D 317 8.63 -8.34 -4.10
C GLY D 317 9.64 -8.78 -5.14
N LYS D 318 10.91 -8.86 -4.79
CA LYS D 318 11.95 -9.28 -5.71
C LYS D 318 12.99 -10.08 -4.96
N THR D 319 13.80 -10.84 -5.69
CA THR D 319 14.90 -11.57 -5.09
C THR D 319 16.09 -10.66 -4.89
N LEU D 320 16.97 -11.05 -3.96
CA LEU D 320 18.16 -10.26 -3.68
C LEU D 320 19.07 -10.16 -4.90
N ARG D 321 19.23 -11.27 -5.63
CA ARG D 321 20.03 -11.27 -6.84
C ARG D 321 19.42 -10.40 -7.92
N GLU D 322 18.10 -10.20 -7.90
CA GLU D 322 17.47 -9.33 -8.89
C GLU D 322 17.83 -7.87 -8.64
N HIS D 323 17.93 -7.48 -7.36
CA HIS D 323 18.23 -6.09 -7.03
C HIS D 323 19.57 -5.65 -7.59
N TYR D 324 20.56 -6.56 -7.58
CA TYR D 324 21.90 -6.20 -8.04
C TYR D 324 21.91 -5.91 -9.54
N PHE D 325 21.04 -6.58 -10.30
CA PHE D 325 21.06 -6.44 -11.76
C PHE D 325 20.62 -5.06 -12.22
N ALA D 326 19.84 -4.34 -11.41
CA ALA D 326 19.31 -3.04 -11.81
C ALA D 326 20.33 -1.91 -11.68
N LEU D 327 21.50 -2.17 -11.09
CA LEU D 327 22.49 -1.11 -10.88
C LEU D 327 23.24 -0.75 -12.15
N PHE D 328 23.35 -1.69 -13.09
CA PHE D 328 24.18 -1.46 -14.27
C PHE D 328 23.76 -0.29 -15.14
N PRO D 329 22.47 -0.06 -15.44
CA PRO D 329 22.13 1.07 -16.33
C PRO D 329 22.59 2.43 -15.82
N THR D 330 22.53 2.67 -14.52
CA THR D 330 22.99 3.95 -13.96
C THR D 330 24.51 4.05 -13.96
N LEU D 331 25.19 2.94 -13.64
CA LEU D 331 26.65 2.93 -13.66
C LEU D 331 27.17 3.18 -15.07
N PHE D 332 26.48 2.66 -16.08
CA PHE D 332 26.94 2.82 -17.46
C PHE D 332 26.81 4.26 -17.95
N GLY D 333 26.11 5.12 -17.19
CA GLY D 333 26.05 6.53 -17.53
C GLY D 333 26.97 7.35 -16.66
N ALA D 334 27.04 6.99 -15.37
CA ALA D 334 27.97 7.68 -14.47
C ALA D 334 29.42 7.47 -14.90
N ALA D 335 29.77 6.25 -15.29
CA ALA D 335 31.10 5.98 -15.80
C ALA D 335 31.34 6.70 -17.12
N SER D 336 30.30 6.85 -17.95
CA SER D 336 30.46 7.61 -19.18
C SER D 336 30.79 9.06 -18.89
N PHE D 337 30.11 9.67 -17.92
CA PHE D 337 30.41 11.04 -17.54
C PHE D 337 31.83 11.15 -16.97
N ASN D 338 32.22 10.21 -16.11
CA ASN D 338 33.56 10.25 -15.53
C ASN D 338 34.63 10.09 -16.60
N VAL D 339 34.38 9.22 -17.59
CA VAL D 339 35.32 9.03 -18.69
C VAL D 339 35.38 10.27 -19.57
N GLY D 340 34.25 10.93 -19.79
CA GLY D 340 34.26 12.17 -20.54
C GLY D 340 35.09 13.24 -19.85
N VAL D 341 35.03 13.30 -18.52
CA VAL D 341 35.89 14.24 -17.79
C VAL D 341 37.37 13.81 -17.89
N LEU D 342 37.64 12.52 -17.70
CA LEU D 342 39.00 12.03 -17.68
C LEU D 342 39.68 12.17 -19.05
N ASN D 343 38.91 12.12 -20.14
CA ASN D 343 39.51 12.31 -21.45
C ASN D 343 40.11 13.70 -21.61
N THR D 344 39.37 14.73 -21.22
CA THR D 344 39.91 16.09 -21.23
C THR D 344 41.05 16.24 -20.24
N ALA D 345 40.92 15.63 -19.06
CA ALA D 345 42.00 15.69 -18.07
C ALA D 345 43.28 15.08 -18.61
N ASP D 346 43.17 14.01 -19.41
CA ASP D 346 44.35 13.38 -20.00
C ASP D 346 44.90 14.21 -21.15
N ASP D 347 44.02 14.75 -21.99
CA ASP D 347 44.47 15.52 -23.15
C ASP D 347 45.14 16.83 -22.74
N ALA D 348 44.75 17.38 -21.59
CA ALA D 348 45.33 18.65 -21.15
C ALA D 348 46.82 18.51 -20.84
N VAL D 349 47.21 17.39 -20.23
CA VAL D 349 48.60 17.23 -19.78
C VAL D 349 49.54 17.07 -20.97
N ILE D 350 49.14 16.28 -21.97
CA ILE D 350 50.03 15.98 -23.09
C ILE D 350 50.40 17.23 -23.89
N ASP D 351 49.44 18.13 -24.10
CA ASP D 351 49.67 19.30 -24.94
C ASP D 351 50.36 20.45 -24.22
N TYR D 352 50.44 20.42 -22.89
CA TYR D 352 50.99 21.51 -22.10
C TYR D 352 52.02 21.00 -21.10
N TYR D 353 52.97 20.19 -21.56
CA TYR D 353 54.01 19.71 -20.65
C TYR D 353 55.14 20.72 -20.52
N LEU D 354 55.65 21.25 -21.63
CA LEU D 354 56.72 22.25 -21.60
C LEU D 354 56.51 23.18 -22.80
N VAL D 355 55.79 24.27 -22.58
CA VAL D 355 55.46 25.21 -23.64
C VAL D 355 54.99 26.50 -22.99
N TRP D 356 54.99 27.59 -23.76
CA TRP D 356 54.47 28.85 -23.27
C TRP D 356 52.99 28.71 -22.88
N ASP D 357 52.51 29.68 -22.11
CA ASP D 357 51.21 29.73 -21.45
C ASP D 357 51.18 28.83 -20.21
N THR D 358 52.23 28.04 -19.97
CA THR D 358 52.41 27.36 -18.70
C THR D 358 53.46 28.03 -17.82
N ASP D 359 54.50 28.61 -18.42
CA ASP D 359 55.38 29.56 -17.75
C ASP D 359 54.95 30.95 -18.20
N LEU D 360 55.11 31.93 -17.32
CA LEU D 360 54.47 33.23 -17.53
C LEU D 360 55.55 34.31 -17.50
N GLU D 361 55.09 35.57 -17.42
CA GLU D 361 55.97 36.70 -17.67
C GLU D 361 57.17 36.74 -16.73
N THR D 362 56.97 36.41 -15.46
CA THR D 362 58.03 36.57 -14.47
C THR D 362 58.12 35.30 -13.62
N ASN D 363 59.18 35.24 -12.81
CA ASN D 363 59.53 34.06 -12.06
C ASN D 363 58.53 33.73 -10.95
N ASP D 364 57.72 34.68 -10.51
CA ASP D 364 56.77 34.43 -9.44
C ASP D 364 55.47 35.15 -9.72
N GLU D 365 54.38 34.39 -9.81
CA GLU D 365 53.07 34.96 -10.05
C GLU D 365 52.01 34.01 -9.48
N ASP D 366 51.03 34.59 -8.80
CA ASP D 366 49.89 33.84 -8.27
C ASP D 366 48.58 34.26 -8.92
N ALA D 367 48.62 35.13 -9.92
CA ALA D 367 47.40 35.54 -10.61
C ALA D 367 46.86 34.42 -11.50
N ALA D 368 47.69 33.42 -11.81
CA ALA D 368 47.25 32.28 -12.61
C ALA D 368 46.99 31.04 -11.77
N TYR D 369 47.77 30.81 -10.71
CA TYR D 369 47.53 29.66 -9.85
C TYR D 369 46.20 29.79 -9.11
N ALA D 370 45.88 31.01 -8.67
CA ALA D 370 44.65 31.22 -7.90
C ALA D 370 43.41 30.90 -8.73
N GLU D 371 43.38 31.35 -9.99
CA GLU D 371 42.22 31.10 -10.83
C GLU D 371 42.04 29.61 -11.11
N GLU D 372 43.13 28.91 -11.43
CA GLU D 372 43.04 27.48 -11.68
C GLU D 372 42.63 26.72 -10.42
N LYS D 373 43.15 27.13 -9.26
CA LYS D 373 42.74 26.51 -8.01
C LYS D 373 41.26 26.74 -7.75
N ARG D 374 40.77 27.95 -8.03
CA ARG D 374 39.35 28.25 -7.84
C ARG D 374 38.49 27.36 -8.74
N GLU D 375 38.88 27.24 -10.02
CA GLU D 375 38.10 26.41 -10.94
C GLU D 375 38.12 24.94 -10.51
N PHE D 376 39.29 24.45 -10.09
CA PHE D 376 39.40 23.05 -9.66
C PHE D 376 38.56 22.79 -8.42
N ALA D 377 38.59 23.72 -7.46
CA ALA D 377 37.78 23.59 -6.26
C ALA D 377 36.29 23.62 -6.59
N LEU D 378 35.88 24.51 -7.51
CA LEU D 378 34.48 24.57 -7.91
C LEU D 378 34.04 23.27 -8.55
N LEU D 379 34.88 22.70 -9.43
CA LEU D 379 34.55 21.43 -10.06
C LEU D 379 34.49 20.30 -9.05
N THR D 380 35.40 20.31 -8.06
CA THR D 380 35.36 19.29 -7.01
C THR D 380 34.08 19.40 -6.19
N TYR D 381 33.68 20.63 -5.83
CA TYR D 381 32.45 20.83 -5.08
C TYR D 381 31.24 20.39 -5.87
N ALA D 382 31.21 20.70 -7.17
CA ALA D 382 30.04 20.38 -7.98
C ALA D 382 29.89 18.87 -8.18
N LYS D 383 31.00 18.15 -8.31
CA LYS D 383 30.92 16.72 -8.61
C LYS D 383 30.54 15.87 -7.41
N ILE D 384 30.61 16.42 -6.19
CA ILE D 384 30.25 15.64 -5.02
C ILE D 384 28.74 15.42 -4.93
N PHE D 385 27.95 16.17 -5.71
CA PHE D 385 26.50 16.02 -5.71
C PHE D 385 26.01 15.21 -6.90
N ILE D 386 26.91 14.55 -7.63
CA ILE D 386 26.55 13.77 -8.81
C ILE D 386 26.86 12.29 -8.60
N ASN D 387 28.07 11.97 -8.12
CA ASN D 387 28.42 10.59 -7.85
C ASN D 387 27.56 10.00 -6.74
N GLY D 388 27.10 10.84 -5.82
CA GLY D 388 26.23 10.38 -4.75
C GLY D 388 24.94 9.73 -5.23
N GLN D 389 24.48 10.10 -6.43
CA GLN D 389 23.26 9.51 -6.96
C GLN D 389 23.38 8.00 -7.09
N TRP D 390 24.48 7.52 -7.69
CA TRP D 390 24.69 6.09 -7.79
C TRP D 390 25.28 5.50 -6.52
N GLN D 391 26.03 6.31 -5.75
CA GLN D 391 26.54 5.84 -4.47
C GLN D 391 25.40 5.44 -3.54
N GLU D 392 24.31 6.20 -3.55
CA GLU D 392 23.19 5.90 -2.65
C GLU D 392 22.46 4.64 -3.08
N LYS D 393 22.33 4.40 -4.38
CA LYS D 393 21.71 3.16 -4.85
C LYS D 393 22.56 1.95 -4.47
N VAL D 394 23.87 2.04 -4.68
CA VAL D 394 24.77 0.97 -4.28
C VAL D 394 24.68 0.73 -2.78
N LYS D 395 24.64 1.82 -2.00
CA LYS D 395 24.51 1.69 -0.55
C LYS D 395 23.19 1.05 -0.17
N TYR D 396 22.11 1.37 -0.89
CA TYR D 396 20.80 0.78 -0.60
C TYR D 396 20.83 -0.74 -0.80
N VAL D 397 21.35 -1.18 -1.95
CA VAL D 397 21.39 -2.62 -2.20
C VAL D 397 22.31 -3.32 -1.21
N GLN D 398 23.50 -2.75 -0.97
CA GLN D 398 24.41 -3.34 -0.01
C GLN D 398 23.80 -3.41 1.38
N ASN D 399 23.04 -2.37 1.75
CA ASN D 399 22.41 -2.31 3.07
C ASN D 399 21.35 -3.39 3.21
N LEU D 400 20.54 -3.56 2.17
CA LEU D 400 19.60 -4.69 2.16
C LEU D 400 20.34 -6.00 2.39
N ASP D 401 21.48 -6.16 1.71
CA ASP D 401 22.24 -7.41 1.81
C ASP D 401 22.71 -7.67 3.23
N ASP D 402 23.44 -6.71 3.84
CA ASP D 402 24.02 -7.04 5.14
C ASP D 402 22.94 -7.02 6.21
N GLY D 403 21.86 -6.26 6.02
CA GLY D 403 20.75 -6.33 6.95
C GLY D 403 20.13 -7.71 7.00
N ALA D 404 19.86 -8.30 5.83
CA ALA D 404 19.34 -9.67 5.80
C ALA D 404 20.33 -10.64 6.41
N ARG D 405 21.61 -10.53 6.04
CA ARG D 405 22.61 -11.49 6.51
C ARG D 405 22.77 -11.41 8.03
N ALA D 406 22.79 -10.20 8.59
CA ALA D 406 22.97 -10.06 10.02
C ALA D 406 21.70 -10.40 10.79
N GLU D 407 20.53 -10.11 10.22
CA GLU D 407 19.29 -10.45 10.90
C GLU D 407 19.06 -11.95 10.91
N ALA D 408 19.63 -12.68 9.94
CA ALA D 408 19.48 -14.14 9.98
C ALA D 408 20.57 -14.80 10.82
N ALA D 409 20.83 -14.24 12.01
CA ALA D 409 21.61 -14.88 13.05
C ALA D 409 21.08 -14.64 14.45
N ARG D 410 20.34 -13.56 14.69
CA ARG D 410 19.91 -13.23 16.04
C ARG D 410 18.85 -14.21 16.55
N ILE D 411 17.99 -14.72 15.67
CA ILE D 411 17.02 -15.72 16.09
C ILE D 411 17.73 -16.96 16.61
N GLU D 412 18.75 -17.42 15.88
CA GLU D 412 19.51 -18.58 16.32
C GLU D 412 20.24 -18.30 17.64
N ALA D 413 20.85 -17.13 17.76
CA ALA D 413 21.57 -16.79 18.99
C ALA D 413 20.63 -16.76 20.17
N GLU D 414 19.48 -16.11 20.03
CA GLU D 414 18.51 -16.02 21.12
C GLU D 414 17.90 -17.37 21.45
N ARG D 415 17.69 -18.21 20.42
CA ARG D 415 17.17 -19.55 20.68
C ARG D 415 18.15 -20.37 21.50
N LEU D 416 19.44 -20.32 21.13
CA LEU D 416 20.44 -21.04 21.91
C LEU D 416 20.53 -20.50 23.33
N ALA D 417 20.50 -19.18 23.49
CA ALA D 417 20.57 -18.59 24.82
C ALA D 417 19.37 -19.00 25.67
N ASP D 418 18.17 -18.97 25.09
CA ASP D 418 16.97 -19.34 25.83
C ASP D 418 16.98 -20.82 26.20
N GLU D 419 17.44 -21.68 25.29
CA GLU D 419 17.52 -23.10 25.60
C GLU D 419 18.51 -23.35 26.74
N ALA D 420 19.67 -22.70 26.69
CA ALA D 420 20.63 -22.85 27.78
C ALA D 420 20.07 -22.34 29.10
N TYR D 421 19.39 -21.20 29.07
CA TYR D 421 18.81 -20.63 30.28
C TYR D 421 17.76 -21.56 30.87
N ARG D 422 16.88 -22.11 30.02
CA ARG D 422 15.85 -23.01 30.51
C ARG D 422 16.44 -24.29 31.07
N ALA D 423 17.45 -24.84 30.39
CA ALA D 423 18.08 -26.06 30.89
C ALA D 423 18.75 -25.81 32.24
N GLU D 424 19.45 -24.69 32.38
CA GLU D 424 20.09 -24.38 33.65
C GLU D 424 19.06 -24.17 34.75
N GLN D 425 17.96 -23.48 34.44
CA GLN D 425 16.92 -23.26 35.44
C GLN D 425 16.32 -24.59 35.90
N LEU D 426 16.01 -25.48 34.96
CA LEU D 426 15.46 -26.78 35.33
C LEU D 426 16.45 -27.58 36.15
N ARG D 427 17.73 -27.56 35.79
CA ARG D 427 18.74 -28.30 36.54
C ARG D 427 18.85 -27.78 37.97
N ILE D 428 18.88 -26.45 38.13
CA ILE D 428 18.98 -25.87 39.46
C ILE D 428 17.75 -26.20 40.29
N ALA D 429 16.56 -26.10 39.68
CA ALA D 429 15.34 -26.42 40.41
C ALA D 429 15.31 -27.89 40.84
N GLN D 430 15.74 -28.78 39.94
CA GLN D 430 15.74 -30.21 40.27
C GLN D 430 16.73 -30.52 41.39
N GLU D 431 17.93 -29.92 41.34
CA GLU D 431 18.90 -30.20 42.41
C GLU D 431 18.46 -29.57 43.73
N ALA D 432 17.78 -28.43 43.69
CA ALA D 432 17.23 -27.86 44.92
C ALA D 432 16.14 -28.75 45.50
N ALA D 433 15.27 -29.30 44.65
CA ALA D 433 14.24 -30.22 45.14
C ALA D 433 14.89 -31.48 45.71
N ASP D 434 15.96 -31.96 45.09
CA ASP D 434 16.68 -33.11 45.63
C ASP D 434 17.29 -32.78 46.99
N ALA D 435 17.82 -31.56 47.15
CA ALA D 435 18.36 -31.16 48.45
C ALA D 435 17.27 -31.08 49.52
N GLN D 436 16.08 -30.59 49.13
CA GLN D 436 14.96 -30.56 50.06
C GLN D 436 14.53 -31.97 50.46
N LYS D 437 14.48 -32.89 49.50
CA LYS D 437 14.19 -34.27 49.84
C LYS D 437 15.30 -34.85 50.73
N ALA D 438 16.54 -34.41 50.50
CA ALA D 438 17.66 -34.88 51.30
C ALA D 438 17.50 -34.47 52.76
N ILE D 439 17.21 -33.20 53.01
CA ILE D 439 17.02 -32.77 54.39
C ILE D 439 15.80 -33.44 54.99
N ALA D 440 14.76 -33.65 54.18
CA ALA D 440 13.58 -34.35 54.66
C ALA D 440 13.93 -35.74 55.17
N ASP D 441 14.64 -36.52 54.35
CA ASP D 441 15.03 -37.87 54.76
C ASP D 441 16.01 -37.83 55.93
N ALA D 442 16.83 -36.78 56.01
CA ALA D 442 17.84 -36.71 57.06
C ALA D 442 17.21 -36.42 58.43
N LEU D 443 16.37 -35.39 58.52
CA LEU D 443 15.77 -35.06 59.81
C LEU D 443 14.57 -35.93 60.14
N ALA D 444 13.99 -36.62 59.14
CA ALA D 444 12.95 -37.59 59.45
C ALA D 444 13.53 -38.85 60.10
N LYS D 445 14.82 -39.09 59.93
CA LYS D 445 15.45 -40.28 60.49
C LYS D 445 15.71 -40.09 61.98
N THR E 33 -9.54 -38.91 5.20
CA THR E 33 -10.04 -37.54 5.23
C THR E 33 -10.71 -37.17 3.92
N GLY E 34 -12.03 -37.06 3.93
CA GLY E 34 -12.78 -36.69 2.74
C GLY E 34 -14.18 -36.20 3.03
N THR E 35 -14.50 -35.02 2.49
CA THR E 35 -15.79 -34.37 2.66
C THR E 35 -15.92 -33.38 1.51
N TYR E 36 -17.05 -32.67 1.45
CA TYR E 36 -17.20 -31.62 0.45
C TYR E 36 -16.14 -30.53 0.63
N ASN E 37 -15.65 -30.35 1.86
CA ASN E 37 -14.49 -29.52 2.15
C ASN E 37 -13.48 -30.38 2.90
N ASN E 38 -12.22 -30.36 2.45
CA ASN E 38 -11.21 -31.24 3.01
C ASN E 38 -9.84 -30.61 2.87
N THR E 39 -8.92 -31.05 3.72
CA THR E 39 -7.53 -30.63 3.69
C THR E 39 -6.60 -31.85 3.73
N GLY E 40 -6.93 -32.87 2.93
CA GLY E 40 -6.16 -34.09 2.94
C GLY E 40 -5.62 -34.49 1.58
N GLY E 41 -5.66 -33.56 0.62
CA GLY E 41 -5.13 -33.83 -0.70
C GLY E 41 -6.09 -34.57 -1.60
N PHE E 42 -5.60 -35.61 -2.27
CA PHE E 42 -6.45 -36.40 -3.16
C PHE E 42 -7.50 -37.15 -2.37
N ASN E 43 -8.71 -37.19 -2.91
CA ASN E 43 -9.85 -37.81 -2.24
C ASN E 43 -10.54 -38.78 -3.19
N ASP E 44 -10.99 -39.91 -2.63
CA ASP E 44 -11.73 -40.90 -3.41
C ASP E 44 -13.20 -40.53 -3.59
N ALA E 45 -13.71 -39.59 -2.78
CA ALA E 45 -15.10 -39.18 -2.90
C ALA E 45 -15.35 -38.30 -4.12
N ASP E 46 -14.29 -37.85 -4.81
CA ASP E 46 -14.44 -37.02 -5.98
C ASP E 46 -13.96 -37.69 -7.27
N GLY E 47 -13.06 -38.67 -7.16
CA GLY E 47 -12.51 -39.33 -8.34
C GLY E 47 -11.15 -38.81 -8.70
N SER E 48 -10.28 -38.67 -7.69
CA SER E 48 -8.92 -38.17 -7.89
C SER E 48 -7.84 -39.13 -7.43
N THR E 49 -8.16 -40.14 -6.63
CA THR E 49 -7.17 -41.09 -6.16
C THR E 49 -6.90 -42.15 -7.22
N ILE E 50 -6.01 -43.07 -6.92
CA ILE E 50 -5.64 -44.16 -7.82
C ILE E 50 -6.53 -45.36 -7.53
N GLN E 51 -6.93 -46.08 -8.58
CA GLN E 51 -7.78 -47.25 -8.46
C GLN E 51 -7.37 -48.30 -9.49
N PRO E 52 -7.25 -49.56 -9.09
CA PRO E 52 -6.92 -50.62 -10.06
C PRO E 52 -8.03 -50.85 -11.06
N ALA E 53 -7.72 -51.57 -12.15
CA ALA E 53 -8.70 -51.86 -13.20
C ALA E 53 -8.45 -53.25 -13.76
N PRO E 54 -8.83 -54.30 -13.03
CA PRO E 54 -8.71 -55.65 -13.57
C PRO E 54 -9.64 -55.85 -14.75
N ALA E 55 -9.28 -56.79 -15.62
CA ALA E 55 -10.07 -57.07 -16.82
C ALA E 55 -11.33 -57.82 -16.43
N VAL E 56 -12.41 -57.07 -16.21
CA VAL E 56 -13.71 -57.63 -15.86
C VAL E 56 -14.73 -57.16 -16.87
N ASP E 57 -15.54 -58.09 -17.39
CA ASP E 57 -16.47 -57.80 -18.47
C ASP E 57 -17.73 -57.16 -17.91
N HIS E 58 -17.84 -55.85 -18.08
CA HIS E 58 -19.08 -55.13 -17.84
C HIS E 58 -19.70 -54.77 -19.18
N SER E 59 -20.93 -55.24 -19.42
CA SER E 59 -21.56 -55.09 -20.72
C SER E 59 -21.79 -53.62 -21.05
N GLU E 60 -21.79 -53.32 -22.35
CA GLU E 60 -22.03 -51.95 -22.81
C GLU E 60 -23.43 -51.46 -22.44
N ALA E 61 -24.41 -52.37 -22.33
CA ALA E 61 -25.72 -51.97 -21.87
C ALA E 61 -25.67 -51.49 -20.42
N GLU E 62 -24.87 -52.15 -19.59
CA GLU E 62 -24.67 -51.68 -18.22
C GLU E 62 -24.05 -50.29 -18.20
N LEU E 63 -23.06 -50.06 -19.06
CA LEU E 63 -22.46 -48.73 -19.15
C LEU E 63 -23.49 -47.69 -19.56
N ARG E 64 -24.31 -48.00 -20.56
CA ARG E 64 -25.33 -47.05 -21.03
C ARG E 64 -26.33 -46.74 -19.92
N ASP E 65 -26.78 -47.77 -19.21
CA ASP E 65 -27.76 -47.56 -18.14
C ASP E 65 -27.16 -46.74 -17.00
N ALA E 66 -25.93 -47.07 -16.58
CA ALA E 66 -25.31 -46.35 -15.48
C ALA E 66 -25.02 -44.90 -15.86
N THR E 67 -24.69 -44.65 -17.12
CA THR E 67 -24.44 -43.28 -17.55
C THR E 67 -25.73 -42.49 -17.68
N ASP E 68 -26.80 -43.12 -18.19
CA ASP E 68 -28.08 -42.43 -18.30
C ASP E 68 -28.70 -42.18 -16.94
N ALA E 69 -28.37 -43.00 -15.94
CA ALA E 69 -28.87 -42.74 -14.59
C ALA E 69 -28.35 -41.42 -14.04
N THR E 70 -27.20 -40.95 -14.54
CA THR E 70 -26.67 -39.66 -14.14
C THR E 70 -27.01 -38.56 -15.14
N GLY E 71 -27.11 -38.90 -16.42
CA GLY E 71 -27.41 -37.90 -17.44
C GLY E 71 -28.78 -37.27 -17.29
N ASN E 72 -29.70 -37.97 -16.60
CA ASN E 72 -31.01 -37.38 -16.34
C ASN E 72 -30.91 -36.26 -15.32
N TYR E 73 -29.95 -36.34 -14.41
CA TYR E 73 -29.78 -35.32 -13.39
C TYR E 73 -29.32 -34.00 -14.00
N LEU E 74 -28.56 -34.06 -15.09
CA LEU E 74 -27.95 -32.88 -15.68
C LEU E 74 -28.77 -32.26 -16.81
N ALA E 75 -29.95 -32.81 -17.13
CA ALA E 75 -30.74 -32.26 -18.22
C ALA E 75 -31.14 -30.82 -17.92
N ALA E 76 -31.62 -30.55 -16.70
CA ALA E 76 -32.01 -29.19 -16.33
C ALA E 76 -30.80 -28.27 -16.32
N PHE E 77 -29.67 -28.73 -15.78
CA PHE E 77 -28.47 -27.89 -15.74
C PHE E 77 -27.93 -27.64 -17.14
N GLN E 78 -27.93 -28.67 -18.00
CA GLN E 78 -27.45 -28.50 -19.36
C GLN E 78 -28.37 -27.64 -20.20
N SER E 79 -29.66 -27.58 -19.87
CA SER E 79 -30.56 -26.68 -20.59
C SER E 79 -30.15 -25.23 -20.40
N GLY E 80 -29.76 -24.85 -19.19
CA GLY E 80 -29.27 -23.52 -18.91
C GLY E 80 -30.30 -22.55 -18.37
N ASP E 81 -31.60 -22.90 -18.40
CA ASP E 81 -32.62 -22.01 -17.89
C ASP E 81 -32.62 -22.02 -16.37
N ILE E 82 -32.60 -20.83 -15.76
CA ILE E 82 -32.53 -20.72 -14.31
C ILE E 82 -33.83 -21.21 -13.68
N GLU E 83 -34.96 -20.94 -14.33
CA GLU E 83 -36.25 -21.37 -13.79
C GLU E 83 -36.33 -22.89 -13.71
N ALA E 84 -35.88 -23.56 -14.76
CA ALA E 84 -35.87 -25.03 -14.73
C ALA E 84 -34.93 -25.55 -13.65
N ILE E 85 -33.79 -24.90 -13.47
CA ILE E 85 -32.83 -25.33 -12.45
C ILE E 85 -33.43 -25.21 -11.06
N VAL E 86 -34.04 -24.06 -10.76
CA VAL E 86 -34.61 -23.85 -9.43
C VAL E 86 -35.83 -24.74 -9.22
N GLY E 87 -36.55 -25.06 -10.30
CA GLY E 87 -37.68 -25.95 -10.17
C GLY E 87 -37.29 -27.41 -9.96
N ALA E 88 -36.16 -27.82 -10.53
CA ALA E 88 -35.75 -29.21 -10.47
C ALA E 88 -34.89 -29.53 -9.24
N TYR E 89 -33.87 -28.71 -8.99
CA TYR E 89 -32.88 -29.03 -7.96
C TYR E 89 -33.23 -28.46 -6.58
N ILE E 90 -34.24 -27.62 -6.48
CA ILE E 90 -34.61 -26.99 -5.22
C ILE E 90 -36.03 -27.40 -4.85
N ASP E 91 -36.23 -27.77 -3.58
CA ASP E 91 -37.52 -28.19 -3.08
C ASP E 91 -38.33 -26.98 -2.64
N ALA E 92 -39.60 -26.94 -3.04
CA ALA E 92 -40.48 -25.84 -2.64
C ALA E 92 -40.76 -25.84 -1.15
N GLY E 93 -41.00 -27.00 -0.55
CA GLY E 93 -41.23 -27.10 0.87
C GLY E 93 -42.68 -27.30 1.24
N VAL E 94 -43.04 -26.77 2.41
CA VAL E 94 -44.38 -26.88 2.97
C VAL E 94 -45.34 -26.11 2.06
N ASP E 95 -46.62 -26.50 2.07
CA ASP E 95 -47.63 -25.85 1.24
C ASP E 95 -47.63 -24.35 1.44
N GLY E 96 -47.52 -23.90 2.69
CA GLY E 96 -47.33 -22.49 2.96
C GLY E 96 -45.87 -22.11 2.84
N PHE E 97 -45.52 -21.45 1.73
CA PHE E 97 -44.12 -21.14 1.43
C PHE E 97 -43.51 -20.23 2.50
N ASP E 98 -42.52 -20.74 3.23
CA ASP E 98 -41.85 -19.97 4.26
C ASP E 98 -40.75 -19.13 3.61
N PRO E 99 -40.83 -17.80 3.67
CA PRO E 99 -39.80 -16.94 3.07
C PRO E 99 -38.61 -16.65 3.98
N SER E 100 -38.52 -17.26 5.16
CA SER E 100 -37.40 -17.03 6.04
C SER E 100 -36.13 -17.64 5.45
N GLU E 101 -34.98 -17.09 5.84
CA GLU E 101 -33.72 -17.51 5.26
C GLU E 101 -33.35 -18.94 5.65
N GLU E 102 -33.85 -19.41 6.79
CA GLU E 102 -33.46 -20.74 7.27
C GLU E 102 -33.94 -21.84 6.33
N ALA E 103 -35.18 -21.73 5.84
CA ALA E 103 -35.70 -22.71 4.90
C ALA E 103 -34.91 -22.70 3.60
N ILE E 104 -34.53 -21.51 3.13
CA ILE E 104 -33.71 -21.40 1.92
C ILE E 104 -32.38 -22.09 2.12
N PHE E 105 -31.76 -21.87 3.28
CA PHE E 105 -30.49 -22.51 3.60
C PHE E 105 -30.63 -24.03 3.63
N LYS E 106 -31.72 -24.52 4.23
CA LYS E 106 -31.94 -25.96 4.29
C LYS E 106 -32.12 -26.56 2.90
N ALA E 107 -32.88 -25.88 2.04
CA ALA E 107 -33.08 -26.38 0.68
C ALA E 107 -31.78 -26.42 -0.10
N PHE E 108 -30.98 -25.35 0.01
CA PHE E 108 -29.69 -25.34 -0.67
C PHE E 108 -28.77 -26.44 -0.15
N GLU E 109 -28.79 -26.68 1.16
CA GLU E 109 -27.97 -27.75 1.73
C GLU E 109 -28.40 -29.11 1.20
N ALA E 110 -29.71 -29.34 1.09
CA ALA E 110 -30.19 -30.61 0.56
C ALA E 110 -29.76 -30.79 -0.90
N ALA E 111 -29.86 -29.72 -1.71
CA ALA E 111 -29.41 -29.81 -3.10
C ALA E 111 -27.93 -30.11 -3.18
N ARG E 112 -27.13 -29.47 -2.32
CA ARG E 112 -25.69 -29.73 -2.30
C ARG E 112 -25.39 -31.18 -1.93
N ASP E 113 -26.11 -31.73 -0.96
CA ASP E 113 -25.89 -33.13 -0.58
C ASP E 113 -26.25 -34.06 -1.72
N GLU E 114 -27.35 -33.78 -2.42
CA GLU E 114 -27.73 -34.61 -3.56
C GLU E 114 -26.66 -34.58 -4.65
N ALA E 115 -26.12 -33.39 -4.93
CA ALA E 115 -25.04 -33.27 -5.91
C ALA E 115 -23.80 -34.05 -5.46
N THR E 116 -23.49 -34.02 -4.16
CA THR E 116 -22.34 -34.77 -3.65
C THR E 116 -22.52 -36.25 -3.89
N GLN E 117 -23.71 -36.78 -3.60
CA GLN E 117 -23.95 -38.21 -3.83
C GLN E 117 -23.87 -38.57 -5.30
N GLN E 118 -24.41 -37.71 -6.18
CA GLN E 118 -24.31 -37.97 -7.61
C GLN E 118 -22.85 -38.01 -8.06
N LEU E 119 -22.03 -37.11 -7.54
CA LEU E 119 -20.60 -37.12 -7.84
C LEU E 119 -19.95 -38.42 -7.36
N ALA E 120 -20.34 -38.88 -6.16
CA ALA E 120 -19.79 -40.13 -5.64
C ALA E 120 -20.08 -41.30 -6.55
N PHE E 121 -21.29 -41.34 -7.14
CA PHE E 121 -21.62 -42.43 -8.06
C PHE E 121 -20.86 -42.30 -9.38
N SER E 122 -20.79 -41.08 -9.92
CA SER E 122 -20.05 -40.85 -11.15
C SER E 122 -18.57 -41.20 -10.99
N ALA E 123 -18.07 -41.18 -9.76
CA ALA E 123 -16.70 -41.61 -9.51
C ALA E 123 -16.51 -43.08 -9.85
N GLU E 124 -17.42 -43.95 -9.38
CA GLU E 124 -17.26 -45.39 -9.59
C GLU E 124 -17.57 -45.79 -11.03
N THR E 125 -18.41 -45.00 -11.72
CA THR E 125 -18.66 -45.28 -13.13
C THR E 125 -17.36 -45.36 -13.93
N ILE E 126 -16.37 -44.51 -13.59
CA ILE E 126 -15.10 -44.49 -14.30
C ILE E 126 -14.39 -45.84 -14.20
N THR E 127 -14.27 -46.37 -12.98
CA THR E 127 -13.60 -47.64 -12.77
C THR E 127 -14.32 -48.76 -13.50
N LYS E 128 -15.66 -48.75 -13.46
CA LYS E 128 -16.42 -49.76 -14.20
C LYS E 128 -16.06 -49.73 -15.68
N THR E 129 -16.06 -48.54 -16.29
CA THR E 129 -15.76 -48.44 -17.71
C THR E 129 -14.32 -48.86 -18.03
N ARG E 130 -13.38 -48.51 -17.16
CA ARG E 130 -11.97 -48.88 -17.39
C ARG E 130 -11.80 -50.39 -17.37
N GLU E 131 -12.44 -51.07 -16.41
CA GLU E 131 -12.37 -52.54 -16.37
C GLU E 131 -12.98 -53.14 -17.64
N SER E 132 -14.10 -52.59 -18.09
CA SER E 132 -14.70 -53.07 -19.33
C SER E 132 -13.74 -52.95 -20.50
N VAL E 133 -13.05 -51.81 -20.61
CA VAL E 133 -12.10 -51.60 -21.69
C VAL E 133 -10.96 -52.61 -21.61
N ALA E 134 -10.44 -52.86 -20.41
CA ALA E 134 -9.35 -53.81 -20.26
C ALA E 134 -9.75 -55.20 -20.73
N TYR E 135 -10.95 -55.66 -20.34
CA TYR E 135 -11.42 -56.96 -20.79
C TYR E 135 -11.57 -57.00 -22.32
N ALA E 136 -12.12 -55.92 -22.89
CA ALA E 136 -12.32 -55.88 -24.33
C ALA E 136 -11.00 -55.95 -25.09
N LEU E 137 -9.93 -55.42 -24.50
CA LEU E 137 -8.62 -55.53 -25.14
C LEU E 137 -8.06 -56.94 -25.00
N LYS E 138 -8.19 -57.54 -23.81
CA LYS E 138 -7.61 -58.86 -23.58
C LYS E 138 -8.21 -59.91 -24.52
N VAL E 139 -9.53 -59.85 -24.73
CA VAL E 139 -10.19 -60.91 -25.49
C VAL E 139 -9.67 -60.96 -26.92
N ASP E 140 -9.65 -59.82 -27.61
CA ASP E 140 -9.22 -59.87 -29.00
C ASP E 140 -7.70 -60.00 -29.13
N GLN E 141 -6.93 -59.61 -28.10
CA GLN E 141 -5.51 -59.96 -28.12
C GLN E 141 -5.33 -61.47 -28.18
N GLU E 142 -6.01 -62.19 -27.29
CA GLU E 142 -5.92 -63.66 -27.32
C GLU E 142 -6.43 -64.23 -28.64
N ALA E 143 -7.51 -63.65 -29.16
CA ALA E 143 -8.09 -64.15 -30.41
C ALA E 143 -7.10 -64.04 -31.56
N THR E 144 -6.44 -62.87 -31.69
CA THR E 144 -5.50 -62.70 -32.79
C THR E 144 -4.26 -63.57 -32.61
N GLU E 145 -3.82 -63.79 -31.36
CA GLU E 145 -2.72 -64.71 -31.14
C GLU E 145 -3.07 -66.12 -31.63
N ALA E 146 -4.26 -66.60 -31.27
CA ALA E 146 -4.68 -67.92 -31.71
C ALA E 146 -4.80 -68.01 -33.23
N TYR E 147 -5.34 -66.96 -33.85
CA TYR E 147 -5.47 -66.96 -35.31
C TYR E 147 -4.10 -67.05 -35.97
N LEU E 148 -3.12 -66.29 -35.47
CA LEU E 148 -1.78 -66.34 -36.04
C LEU E 148 -1.18 -67.73 -35.89
N ALA E 149 -1.34 -68.35 -34.72
CA ALA E 149 -0.80 -69.70 -34.52
C ALA E 149 -1.41 -70.69 -35.50
N TYR E 150 -2.73 -70.64 -35.67
CA TYR E 150 -3.40 -71.58 -36.57
C TYR E 150 -2.98 -71.36 -38.01
N ARG E 151 -2.84 -70.09 -38.42
CA ARG E 151 -2.41 -69.82 -39.79
C ARG E 151 -0.98 -70.31 -40.03
N ASN E 152 -0.11 -70.15 -39.03
CA ASN E 152 1.25 -70.66 -39.17
C ASN E 152 1.26 -72.19 -39.30
N ALA E 153 0.42 -72.87 -38.53
CA ALA E 153 0.34 -74.32 -38.65
C ALA E 153 -0.14 -74.73 -40.05
N LEU E 154 -1.14 -74.03 -40.57
CA LEU E 154 -1.62 -74.33 -41.92
C LEU E 154 -0.55 -74.09 -42.96
N ARG E 155 0.22 -73.01 -42.80
CA ARG E 155 1.32 -72.74 -43.73
C ARG E 155 2.38 -73.84 -43.68
N GLY E 156 2.70 -74.32 -42.48
CA GLY E 156 3.65 -75.42 -42.37
C GLY E 156 3.14 -76.69 -43.04
N ALA E 157 1.86 -77.00 -42.87
CA ALA E 157 1.28 -78.17 -43.53
C ALA E 157 1.35 -78.02 -45.04
N ALA E 158 1.04 -76.82 -45.55
CA ALA E 158 1.13 -76.58 -46.98
C ALA E 158 2.55 -76.74 -47.50
N THR E 159 3.53 -76.27 -46.74
CA THR E 159 4.92 -76.45 -47.13
C THR E 159 5.29 -77.92 -47.18
N SER E 160 4.85 -78.69 -46.19
CA SER E 160 5.24 -80.09 -46.08
C SER E 160 4.54 -81.01 -47.09
N ILE E 161 3.33 -80.68 -47.53
CA ILE E 161 2.54 -81.64 -48.29
C ILE E 161 2.99 -81.72 -49.75
N ASN E 162 3.19 -80.58 -50.40
CA ASN E 162 3.28 -80.52 -51.86
C ASN E 162 4.35 -81.42 -52.48
N PRO E 163 5.60 -81.49 -51.96
CA PRO E 163 6.60 -82.36 -52.62
C PRO E 163 6.18 -83.81 -52.75
N LEU E 164 5.51 -84.36 -51.73
CA LEU E 164 5.03 -85.73 -51.83
C LEU E 164 3.94 -85.86 -52.89
N ILE E 165 3.09 -84.84 -53.02
CA ILE E 165 2.08 -84.86 -54.07
C ILE E 165 2.74 -84.91 -55.45
N ASP E 166 3.78 -84.08 -55.64
CA ASP E 166 4.48 -84.09 -56.93
C ASP E 166 5.16 -85.43 -57.17
N ALA E 167 5.79 -86.01 -56.14
CA ALA E 167 6.46 -87.29 -56.29
C ALA E 167 5.47 -88.40 -56.66
N ALA E 168 4.30 -88.41 -56.00
CA ALA E 168 3.29 -89.41 -56.33
C ALA E 168 2.71 -89.21 -57.72
N ASN E 169 2.54 -87.95 -58.14
CA ASN E 169 2.04 -87.68 -59.48
C ASN E 169 3.04 -88.14 -60.54
N ALA E 170 4.33 -87.97 -60.28
CA ALA E 170 5.34 -88.35 -61.27
C ALA E 170 5.41 -89.85 -61.51
N ALA E 171 4.98 -90.67 -60.54
CA ALA E 171 5.10 -92.12 -60.62
C ALA E 171 3.79 -92.81 -60.98
N ASN E 172 2.97 -92.21 -61.85
CA ASN E 172 1.69 -92.77 -62.24
C ASN E 172 1.72 -93.13 -63.72
N ARG E 173 1.25 -94.33 -64.04
CA ARG E 173 1.22 -94.82 -65.42
C ARG E 173 -0.18 -95.12 -65.93
N THR E 174 -1.23 -94.84 -65.15
CA THR E 174 -2.59 -95.15 -65.55
C THR E 174 -3.08 -94.15 -66.59
N ASP E 175 -4.32 -94.35 -67.04
CA ASP E 175 -4.92 -93.49 -68.05
C ASP E 175 -5.39 -92.15 -67.49
N GLY E 176 -5.46 -92.01 -66.18
CA GLY E 176 -5.90 -90.77 -65.56
C GLY E 176 -7.40 -90.59 -65.49
N SER E 177 -8.18 -91.65 -65.72
CA SER E 177 -9.64 -91.54 -65.67
C SER E 177 -10.16 -91.69 -64.25
N GLU E 178 -9.86 -92.81 -63.60
CA GLU E 178 -10.32 -93.00 -62.22
C GLU E 178 -9.29 -92.49 -61.22
N ILE E 179 -8.01 -92.76 -61.45
CA ILE E 179 -6.92 -92.20 -60.66
C ILE E 179 -6.49 -90.93 -61.37
N GLU E 180 -7.00 -89.79 -60.91
CA GLU E 180 -6.86 -88.53 -61.61
C GLU E 180 -5.52 -87.88 -61.34
N ILE E 181 -5.20 -86.87 -62.14
CA ILE E 181 -3.97 -86.11 -61.97
C ILE E 181 -4.17 -85.11 -60.83
N TYR E 182 -3.31 -85.19 -59.82
CA TYR E 182 -3.45 -84.33 -58.66
C TYR E 182 -3.14 -82.88 -59.01
N ASP E 183 -3.71 -81.97 -58.24
CA ASP E 183 -3.48 -80.54 -58.37
C ASP E 183 -2.86 -80.01 -57.09
N ASN E 184 -2.12 -78.90 -57.21
CA ASN E 184 -1.49 -78.30 -56.05
C ASN E 184 -2.54 -77.84 -55.05
N ILE E 185 -2.23 -78.03 -53.76
CA ILE E 185 -3.20 -77.73 -52.71
C ILE E 185 -3.43 -76.22 -52.63
N PHE E 186 -4.61 -75.86 -52.12
CA PHE E 186 -5.01 -74.46 -51.92
C PHE E 186 -4.99 -73.70 -53.24
N LEU E 187 -5.79 -74.17 -54.19
CA LEU E 187 -5.80 -73.57 -55.52
C LEU E 187 -6.55 -72.25 -55.54
N ALA E 188 -7.51 -72.05 -54.64
CA ALA E 188 -8.34 -70.86 -54.63
C ALA E 188 -8.02 -69.92 -53.48
N SER E 189 -8.02 -70.42 -52.24
CA SER E 189 -7.76 -69.60 -51.06
C SER E 189 -6.25 -69.52 -50.86
N ASP E 190 -5.66 -68.38 -51.23
CA ASP E 190 -4.23 -68.19 -51.10
C ASP E 190 -3.85 -68.03 -49.62
N VAL E 191 -3.22 -69.06 -49.05
CA VAL E 191 -2.86 -69.04 -47.64
C VAL E 191 -1.68 -68.13 -47.34
N PHE E 192 -0.81 -67.89 -48.33
CA PHE E 192 0.42 -67.13 -48.09
C PHE E 192 0.16 -65.64 -47.84
N THR E 193 -1.07 -65.17 -48.04
CA THR E 193 -1.40 -63.81 -47.67
C THR E 193 -1.42 -63.68 -46.14
N ASP E 194 -1.35 -62.44 -45.66
CA ASP E 194 -1.27 -62.20 -44.23
C ASP E 194 -2.59 -62.50 -43.52
N GLY E 195 -3.72 -62.09 -44.09
CA GLY E 195 -5.00 -62.24 -43.45
C GLY E 195 -6.08 -62.96 -44.24
N PRO E 196 -5.75 -64.08 -44.88
CA PRO E 196 -6.73 -64.72 -45.75
C PRO E 196 -7.72 -65.57 -44.97
N LEU E 197 -8.72 -66.08 -45.70
CA LEU E 197 -9.65 -67.05 -45.12
C LEU E 197 -8.97 -68.41 -44.99
N LEU E 198 -9.39 -69.18 -43.98
CA LEU E 198 -8.70 -70.42 -43.65
C LEU E 198 -9.60 -71.65 -43.57
N LEU E 199 -10.92 -71.51 -43.70
CA LEU E 199 -11.80 -72.68 -43.71
C LEU E 199 -11.76 -73.40 -45.06
N PRO E 200 -11.83 -72.69 -46.20
CA PRO E 200 -11.76 -73.42 -47.49
C PRO E 200 -10.49 -74.22 -47.67
N ALA E 201 -9.36 -73.74 -47.14
CA ALA E 201 -8.12 -74.49 -47.23
C ALA E 201 -8.22 -75.80 -46.46
N TYR E 202 -8.79 -75.76 -45.26
CA TYR E 202 -8.97 -76.98 -44.48
C TYR E 202 -9.92 -77.95 -45.17
N ARG E 203 -11.00 -77.42 -45.75
CA ARG E 203 -11.92 -78.28 -46.48
C ARG E 203 -11.27 -78.91 -47.71
N GLU E 204 -10.42 -78.14 -48.41
CA GLU E 204 -9.68 -78.70 -49.53
C GLU E 204 -8.72 -79.79 -49.08
N LEU E 205 -8.07 -79.60 -47.94
CA LEU E 205 -7.18 -80.63 -47.41
C LEU E 205 -7.96 -81.89 -47.08
N VAL E 206 -9.14 -81.74 -46.47
CA VAL E 206 -9.96 -82.90 -46.13
C VAL E 206 -10.42 -83.62 -47.40
N ALA E 207 -10.80 -82.85 -48.43
CA ALA E 207 -11.21 -83.45 -49.69
C ALA E 207 -10.05 -84.19 -50.35
N LEU E 208 -8.83 -83.63 -50.27
CA LEU E 208 -7.66 -84.32 -50.80
C LEU E 208 -7.41 -85.62 -50.06
N GLN E 209 -7.55 -85.62 -48.73
CA GLN E 209 -7.39 -86.85 -47.97
C GLN E 209 -8.41 -87.88 -48.39
N THR E 210 -9.67 -87.45 -48.57
CA THR E 210 -10.72 -88.37 -49.00
C THR E 210 -10.42 -88.95 -50.39
N GLU E 211 -9.95 -88.11 -51.31
CA GLU E 211 -9.62 -88.58 -52.64
C GLU E 211 -8.45 -89.57 -52.61
N VAL E 212 -7.45 -89.30 -51.76
CA VAL E 212 -6.32 -90.21 -51.64
C VAL E 212 -6.78 -91.56 -51.10
N ASN E 213 -7.62 -91.53 -50.06
CA ASN E 213 -8.12 -92.79 -49.51
C ASN E 213 -9.01 -93.53 -50.50
N GLU E 214 -9.73 -92.80 -51.36
CA GLU E 214 -10.54 -93.46 -52.38
C GLU E 214 -9.67 -94.12 -53.44
N ASP E 215 -8.66 -93.39 -53.95
CA ASP E 215 -7.81 -93.93 -54.99
C ASP E 215 -6.86 -95.01 -54.49
N LEU E 216 -6.60 -95.06 -53.18
CA LEU E 216 -5.70 -96.08 -52.65
C LEU E 216 -6.31 -97.47 -52.75
N GLU E 217 -7.63 -97.57 -52.64
CA GLU E 217 -8.28 -98.89 -52.63
C GLU E 217 -8.28 -99.53 -54.01
N TRP E 218 -8.27 -98.74 -55.09
CA TRP E 218 -8.24 -99.32 -56.42
C TRP E 218 -6.86 -99.88 -56.78
N LEU E 219 -5.84 -99.56 -55.98
CA LEU E 219 -4.54 -100.17 -56.18
C LEU E 219 -4.50 -101.63 -55.75
N GLY E 220 -5.50 -102.09 -54.99
CA GLY E 220 -5.63 -103.46 -54.58
C GLY E 220 -6.45 -104.33 -55.49
N GLU E 221 -6.82 -103.84 -56.67
CA GLU E 221 -7.60 -104.62 -57.60
C GLU E 221 -6.74 -105.68 -58.28
N PHE E 222 -7.39 -106.58 -59.02
CA PHE E 222 -6.71 -107.67 -59.70
C PHE E 222 -6.59 -107.45 -61.21
N ALA E 223 -7.48 -106.67 -61.81
CA ALA E 223 -7.46 -106.42 -63.24
C ALA E 223 -7.17 -104.96 -63.57
N ILE E 224 -6.48 -104.25 -62.68
CA ILE E 224 -6.13 -102.86 -62.94
C ILE E 224 -5.12 -102.76 -64.08
N ASP E 225 -4.21 -103.73 -64.18
CA ASP E 225 -3.20 -103.74 -65.24
C ASP E 225 -3.87 -104.15 -66.55
N ASN E 226 -4.48 -103.15 -67.21
CA ASN E 226 -5.24 -103.43 -68.43
C ASN E 226 -4.33 -103.67 -69.61
N ASP E 227 -3.53 -102.68 -69.98
CA ASP E 227 -2.65 -102.78 -71.15
C ASP E 227 -1.44 -101.87 -70.92
N ALA E 228 -0.65 -101.70 -71.98
CA ALA E 228 0.57 -100.90 -71.86
C ALA E 228 0.26 -99.42 -71.67
N ASP E 229 -0.80 -98.92 -72.32
CA ASP E 229 -1.11 -97.51 -72.24
C ASP E 229 -1.60 -97.08 -70.86
N ASN E 230 -2.04 -98.03 -70.02
CA ASN E 230 -2.50 -97.68 -68.68
C ASN E 230 -2.33 -98.91 -67.79
N TYR E 231 -1.47 -98.78 -66.79
CA TYR E 231 -1.22 -99.85 -65.81
C TYR E 231 -0.55 -99.23 -64.60
N VAL E 232 -0.06 -100.07 -63.69
CA VAL E 232 0.58 -99.62 -62.47
C VAL E 232 1.98 -100.22 -62.40
N GLN E 233 2.86 -99.53 -61.67
CA GLN E 233 4.24 -99.96 -61.49
C GLN E 233 4.51 -100.24 -60.02
N ARG E 234 5.78 -100.49 -59.69
CA ARG E 234 6.13 -100.95 -58.35
C ARG E 234 6.14 -99.80 -57.35
N TYR E 235 6.51 -98.60 -57.78
CA TYR E 235 6.80 -97.50 -56.86
C TYR E 235 5.62 -96.57 -56.64
N HIS E 236 4.45 -96.86 -57.20
CA HIS E 236 3.29 -95.99 -57.00
C HIS E 236 2.73 -96.15 -55.58
N ILE E 237 2.60 -97.40 -55.12
CA ILE E 237 2.01 -97.65 -53.80
C ILE E 237 2.81 -97.02 -52.67
N PRO E 238 4.15 -97.14 -52.62
CA PRO E 238 4.88 -96.47 -51.54
C PRO E 238 4.68 -94.97 -51.51
N ALA E 239 4.66 -94.32 -52.68
CA ALA E 239 4.46 -92.88 -52.73
C ALA E 239 3.07 -92.50 -52.22
N VAL E 240 2.05 -93.23 -52.66
CA VAL E 240 0.69 -92.95 -52.19
C VAL E 240 0.59 -93.15 -50.69
N GLU E 241 1.21 -94.22 -50.17
CA GLU E 241 1.17 -94.49 -48.75
C GLU E 241 1.87 -93.40 -47.95
N ALA E 242 3.02 -92.93 -48.44
CA ALA E 242 3.74 -91.85 -47.77
C ALA E 242 2.91 -90.57 -47.75
N LEU E 243 2.27 -90.24 -48.87
CA LEU E 243 1.43 -89.05 -48.92
C LEU E 243 0.27 -89.16 -47.94
N LYS E 244 -0.38 -90.32 -47.89
CA LYS E 244 -1.50 -90.51 -46.97
C LYS E 244 -1.04 -90.41 -45.52
N ALA E 245 0.11 -91.01 -45.20
CA ALA E 245 0.64 -90.95 -43.84
C ALA E 245 0.97 -89.51 -43.45
N GLU E 246 1.55 -88.74 -44.36
CA GLU E 246 1.87 -87.34 -44.06
C GLU E 246 0.60 -86.54 -43.82
N ILE E 247 -0.43 -86.75 -44.65
CA ILE E 247 -1.68 -86.02 -44.47
C ILE E 247 -2.31 -86.36 -43.13
N ASP E 248 -2.33 -87.65 -42.78
CA ASP E 248 -2.93 -88.08 -41.53
C ASP E 248 -2.15 -87.56 -40.32
N ALA E 249 -0.83 -87.45 -40.44
CA ALA E 249 -0.04 -86.90 -39.35
C ALA E 249 -0.22 -85.39 -39.23
N ARG E 250 -0.43 -84.70 -40.35
CA ARG E 250 -0.59 -83.24 -40.29
C ARG E 250 -1.95 -82.85 -39.72
N LEU E 251 -3.01 -83.55 -40.13
CA LEU E 251 -4.35 -83.17 -39.68
C LEU E 251 -4.51 -83.35 -38.17
N GLU E 252 -3.88 -84.38 -37.61
CA GLU E 252 -4.02 -84.66 -36.18
C GLU E 252 -3.49 -83.49 -35.34
N ALA E 253 -2.42 -82.85 -35.80
CA ALA E 253 -1.91 -81.67 -35.12
C ALA E 253 -2.63 -80.39 -35.53
N ILE E 254 -3.20 -80.36 -36.73
CA ILE E 254 -3.91 -79.16 -37.17
C ILE E 254 -5.20 -78.96 -36.39
N GLU E 255 -5.89 -80.05 -36.05
CA GLU E 255 -7.24 -79.95 -35.48
C GLU E 255 -7.35 -79.06 -34.25
N PRO E 256 -6.56 -79.25 -33.17
CA PRO E 256 -6.79 -78.43 -31.96
C PRO E 256 -6.58 -76.94 -32.18
N LEU E 257 -5.61 -76.57 -33.01
CA LEU E 257 -5.36 -75.16 -33.27
C LEU E 257 -6.54 -74.53 -34.02
N ARG E 258 -7.11 -75.26 -34.98
CA ARG E 258 -8.31 -74.76 -35.66
C ARG E 258 -9.46 -74.59 -34.68
N ALA E 259 -9.66 -75.57 -33.80
CA ALA E 259 -10.74 -75.47 -32.82
C ALA E 259 -10.56 -74.25 -31.92
N ASP E 260 -9.34 -74.06 -31.40
CA ASP E 260 -9.08 -72.92 -30.52
C ASP E 260 -9.23 -71.61 -31.26
N SER E 261 -8.75 -71.54 -32.49
CA SER E 261 -8.87 -70.31 -33.27
C SER E 261 -10.34 -69.94 -33.48
N ALA E 262 -11.16 -70.92 -33.87
CA ALA E 262 -12.58 -70.64 -34.06
C ALA E 262 -13.24 -70.20 -32.76
N GLU E 263 -12.96 -70.90 -31.66
CA GLU E 263 -13.58 -70.57 -30.39
C GLU E 263 -13.21 -69.16 -29.93
N LYS E 264 -11.93 -68.80 -30.07
CA LYS E 264 -11.49 -67.49 -29.61
C LYS E 264 -11.92 -66.37 -30.55
N ASN E 265 -12.03 -66.64 -31.85
CA ASN E 265 -12.54 -65.63 -32.76
C ASN E 265 -14.03 -65.40 -32.61
N ARG E 266 -14.79 -66.41 -32.18
CA ARG E 266 -16.20 -66.19 -31.93
C ARG E 266 -16.42 -65.36 -30.67
N LEU E 267 -15.59 -65.57 -29.64
CA LEU E 267 -15.78 -64.87 -28.38
C LEU E 267 -15.43 -63.38 -28.51
N ALA E 268 -14.37 -63.06 -29.24
CA ALA E 268 -13.92 -61.69 -29.36
C ALA E 268 -14.86 -60.82 -30.19
N GLN E 269 -15.82 -61.43 -30.90
CA GLN E 269 -16.79 -60.67 -31.67
C GLN E 269 -17.94 -60.16 -30.83
N LYS E 270 -18.03 -60.54 -29.56
CA LYS E 270 -19.12 -60.15 -28.68
C LYS E 270 -18.75 -58.99 -27.76
N SER E 271 -17.78 -58.16 -28.15
CA SER E 271 -17.37 -57.03 -27.33
C SER E 271 -16.61 -56.04 -28.20
N ASP E 272 -17.02 -54.78 -28.13
CA ASP E 272 -16.34 -53.69 -28.83
C ASP E 272 -15.71 -52.75 -27.81
N VAL E 273 -14.52 -52.25 -28.12
CA VAL E 273 -13.75 -51.46 -27.17
C VAL E 273 -13.92 -49.97 -27.44
N LEU E 274 -14.38 -49.62 -28.65
CA LEU E 274 -14.54 -48.21 -28.98
C LEU E 274 -15.71 -47.58 -28.24
N VAL E 275 -16.85 -48.27 -28.19
CA VAL E 275 -18.01 -47.74 -27.47
C VAL E 275 -17.70 -47.60 -25.99
N ARG E 276 -16.91 -48.51 -25.43
CA ARG E 276 -16.53 -48.39 -24.03
C ARG E 276 -15.63 -47.18 -23.80
N GLN E 277 -14.73 -46.89 -24.75
CA GLN E 277 -13.94 -45.67 -24.66
C GLN E 277 -14.83 -44.43 -24.72
N LEU E 278 -15.83 -44.44 -25.60
CA LEU E 278 -16.77 -43.32 -25.66
C LEU E 278 -17.51 -43.14 -24.34
N PHE E 279 -17.94 -44.26 -23.73
CA PHE E 279 -18.62 -44.18 -22.44
C PHE E 279 -17.70 -43.65 -21.36
N LEU E 280 -16.43 -44.04 -21.39
CA LEU E 280 -15.46 -43.52 -20.43
C LEU E 280 -15.31 -42.01 -20.57
N GLU E 281 -15.20 -41.53 -21.82
CA GLU E 281 -15.12 -40.09 -22.05
C GLU E 281 -16.37 -39.37 -21.54
N ARG E 282 -17.54 -39.93 -21.83
CA ARG E 282 -18.79 -39.31 -21.41
C ARG E 282 -18.89 -39.25 -19.89
N ALA E 283 -18.48 -40.32 -19.20
CA ALA E 283 -18.55 -40.34 -17.74
C ALA E 283 -17.54 -39.36 -17.13
N THR E 284 -16.35 -39.24 -17.74
CA THR E 284 -15.39 -38.25 -17.26
C THR E 284 -15.94 -36.83 -17.39
N ALA E 285 -16.58 -36.53 -18.53
CA ALA E 285 -17.18 -35.21 -18.70
C ALA E 285 -18.30 -34.99 -17.70
N GLN E 286 -19.09 -36.03 -17.42
CA GLN E 286 -20.16 -35.92 -16.42
C GLN E 286 -19.59 -35.62 -15.04
N ARG E 287 -18.50 -36.29 -14.66
CA ARG E 287 -17.88 -36.00 -13.37
C ARG E 287 -17.35 -34.57 -13.32
N ASP E 288 -16.76 -34.10 -14.43
CA ASP E 288 -16.25 -32.74 -14.48
C ASP E 288 -17.37 -31.73 -14.28
N THR E 289 -18.53 -31.98 -14.90
CA THR E 289 -19.67 -31.06 -14.73
C THR E 289 -20.22 -31.14 -13.31
N LEU E 290 -20.29 -32.34 -12.74
CA LEU E 290 -20.81 -32.51 -11.39
C LEU E 290 -19.92 -31.78 -10.37
N ARG E 291 -18.61 -31.72 -10.63
CA ARG E 291 -17.73 -30.97 -9.74
C ARG E 291 -18.17 -29.52 -9.60
N ILE E 292 -18.36 -28.83 -10.73
CA ILE E 292 -18.74 -27.42 -10.67
C ILE E 292 -20.17 -27.26 -10.18
N VAL E 293 -21.05 -28.23 -10.44
CA VAL E 293 -22.40 -28.16 -9.90
C VAL E 293 -22.35 -28.17 -8.36
N GLU E 294 -21.56 -29.10 -7.79
CA GLU E 294 -21.40 -29.13 -6.35
C GLU E 294 -20.76 -27.86 -5.82
N ALA E 295 -19.78 -27.33 -6.56
CA ALA E 295 -19.13 -26.09 -6.13
C ALA E 295 -20.12 -24.93 -6.06
N ILE E 296 -20.96 -24.81 -7.08
CA ILE E 296 -21.96 -23.73 -7.10
C ILE E 296 -22.94 -23.88 -5.95
N PHE E 297 -23.43 -25.10 -5.73
CA PHE E 297 -24.39 -25.31 -4.66
C PHE E 297 -23.77 -25.03 -3.29
N ALA E 298 -22.53 -25.46 -3.09
CA ALA E 298 -21.86 -25.20 -1.81
C ALA E 298 -21.63 -23.71 -1.61
N THR E 299 -21.24 -22.99 -2.67
CA THR E 299 -21.05 -21.55 -2.56
C THR E 299 -22.35 -20.85 -2.18
N ALA E 300 -23.45 -21.23 -2.83
CA ALA E 300 -24.74 -20.63 -2.49
C ALA E 300 -25.14 -20.95 -1.05
N THR E 301 -24.95 -22.19 -0.62
CA THR E 301 -25.30 -22.57 0.75
C THR E 301 -24.51 -21.77 1.76
N ARG E 302 -23.19 -21.64 1.55
CA ARG E 302 -22.38 -20.91 2.50
C ARG E 302 -22.68 -19.41 2.48
N TYR E 303 -23.00 -18.86 1.31
CA TYR E 303 -23.37 -17.44 1.25
C TYR E 303 -24.66 -17.19 2.02
N VAL E 304 -25.65 -18.08 1.87
CA VAL E 304 -26.90 -17.91 2.60
C VAL E 304 -26.69 -18.11 4.10
N GLU E 305 -25.82 -19.06 4.48
CA GLU E 305 -25.60 -19.36 5.89
C GLU E 305 -25.03 -18.20 6.67
N LEU E 306 -24.12 -17.41 6.09
CA LEU E 306 -23.42 -16.35 6.79
C LEU E 306 -24.25 -15.08 6.95
N TYR E 307 -25.57 -15.17 6.83
CA TYR E 307 -26.42 -14.00 6.97
C TYR E 307 -26.47 -13.56 8.43
N GLU E 308 -25.94 -12.36 8.72
CA GLU E 308 -26.02 -11.76 10.05
C GLU E 308 -25.43 -12.69 11.10
N SER E 309 -24.29 -13.29 10.77
CA SER E 309 -23.66 -14.30 11.61
C SER E 309 -22.47 -13.73 12.36
N ASP E 310 -22.14 -14.39 13.48
CA ASP E 310 -20.99 -13.98 14.29
C ASP E 310 -19.66 -14.27 13.60
N GLU E 311 -19.63 -15.28 12.72
CA GLU E 311 -18.40 -15.66 12.04
C GLU E 311 -18.14 -14.86 10.78
N ASP E 312 -18.99 -13.90 10.45
CA ASP E 312 -18.82 -13.09 9.23
C ASP E 312 -17.84 -11.95 9.52
N VAL E 313 -16.56 -12.33 9.60
CA VAL E 313 -15.49 -11.39 9.88
C VAL E 313 -15.16 -10.64 8.59
N ASN E 314 -14.46 -9.51 8.72
CA ASN E 314 -14.11 -8.66 7.58
C ASN E 314 -12.61 -8.73 7.31
N VAL E 315 -12.27 -9.03 6.06
CA VAL E 315 -10.87 -9.15 5.65
C VAL E 315 -10.71 -8.49 4.27
N GLU E 316 -9.53 -7.92 4.05
CA GLU E 316 -9.16 -7.31 2.76
C GLU E 316 -10.16 -6.22 2.36
N GLY E 317 -10.61 -5.44 3.34
CA GLY E 317 -11.54 -4.36 3.06
C GLY E 317 -12.92 -4.82 2.64
N LYS E 318 -13.27 -6.07 2.90
CA LYS E 318 -14.57 -6.60 2.54
C LYS E 318 -15.01 -7.60 3.61
N THR E 319 -16.30 -7.88 3.63
CA THR E 319 -16.82 -8.88 4.54
C THR E 319 -16.62 -10.28 3.96
N LEU E 320 -16.63 -11.28 4.85
CA LEU E 320 -16.44 -12.66 4.41
C LEU E 320 -17.56 -13.10 3.48
N ARG E 321 -18.80 -12.73 3.81
CA ARG E 321 -19.93 -13.06 2.95
C ARG E 321 -19.85 -12.37 1.60
N GLU E 322 -19.17 -11.23 1.51
CA GLU E 322 -18.99 -10.54 0.24
C GLU E 322 -18.07 -11.34 -0.68
N HIS E 323 -17.03 -11.95 -0.12
CA HIS E 323 -16.07 -12.70 -0.92
C HIS E 323 -16.73 -13.84 -1.68
N TYR E 324 -17.70 -14.51 -1.03
CA TYR E 324 -18.35 -15.66 -1.66
C TYR E 324 -19.16 -15.24 -2.89
N PHE E 325 -19.71 -14.03 -2.88
CA PHE E 325 -20.58 -13.61 -3.96
C PHE E 325 -19.84 -13.40 -5.27
N ALA E 326 -18.54 -13.16 -5.22
CA ALA E 326 -17.77 -12.88 -6.44
C ALA E 326 -17.40 -14.14 -7.21
N LEU E 327 -17.66 -15.32 -6.68
CA LEU E 327 -17.28 -16.56 -7.34
C LEU E 327 -18.20 -16.92 -8.49
N PHE E 328 -19.45 -16.47 -8.44
CA PHE E 328 -20.44 -16.90 -9.44
C PHE E 328 -20.10 -16.53 -10.88
N PRO E 329 -19.61 -15.32 -11.20
CA PRO E 329 -19.35 -15.00 -12.61
C PRO E 329 -18.37 -15.93 -13.30
N THR E 330 -17.32 -16.38 -12.59
CA THR E 330 -16.36 -17.31 -13.17
C THR E 330 -16.92 -18.72 -13.30
N LEU E 331 -17.68 -19.15 -12.30
CA LEU E 331 -18.31 -20.47 -12.36
C LEU E 331 -19.31 -20.54 -13.50
N PHE E 332 -20.02 -19.44 -13.77
CA PHE E 332 -21.01 -19.44 -14.85
C PHE E 332 -20.38 -19.54 -16.23
N GLY E 333 -19.06 -19.38 -16.34
CA GLY E 333 -18.37 -19.58 -17.60
C GLY E 333 -17.66 -20.91 -17.65
N ALA E 334 -17.06 -21.31 -16.51
CA ALA E 334 -16.43 -22.62 -16.44
C ALA E 334 -17.45 -23.74 -16.64
N ALA E 335 -18.62 -23.61 -16.01
CA ALA E 335 -19.68 -24.59 -16.20
C ALA E 335 -20.19 -24.56 -17.63
N SER E 336 -20.21 -23.38 -18.27
CA SER E 336 -20.62 -23.31 -19.66
C SER E 336 -19.66 -24.08 -20.55
N PHE E 337 -18.35 -23.94 -20.32
CA PHE E 337 -17.37 -24.70 -21.07
C PHE E 337 -17.52 -26.21 -20.83
N ASN E 338 -17.70 -26.60 -19.57
CA ASN E 338 -17.85 -28.01 -19.26
C ASN E 338 -19.11 -28.59 -19.90
N VAL E 339 -20.20 -27.81 -19.92
CA VAL E 339 -21.43 -28.25 -20.55
C VAL E 339 -21.26 -28.34 -22.06
N GLY E 340 -20.53 -27.40 -22.66
CA GLY E 340 -20.24 -27.50 -24.09
C GLY E 340 -19.48 -28.75 -24.44
N VAL E 341 -18.54 -29.16 -23.57
CA VAL E 341 -17.82 -30.41 -23.80
C VAL E 341 -18.76 -31.60 -23.62
N LEU E 342 -19.56 -31.58 -22.55
CA LEU E 342 -20.45 -32.70 -22.22
C LEU E 342 -21.52 -32.90 -23.27
N ASN E 343 -21.95 -31.83 -23.95
CA ASN E 343 -22.96 -31.98 -24.99
C ASN E 343 -22.44 -32.84 -26.14
N THR E 344 -21.23 -32.56 -26.62
CA THR E 344 -20.62 -33.40 -27.65
C THR E 344 -20.34 -34.80 -27.12
N ALA E 345 -19.89 -34.92 -25.87
CA ALA E 345 -19.65 -36.24 -25.30
C ALA E 345 -20.93 -37.07 -25.25
N ASP E 346 -22.07 -36.43 -24.99
CA ASP E 346 -23.35 -37.14 -24.98
C ASP E 346 -23.82 -37.48 -26.39
N ASP E 347 -23.67 -36.54 -27.33
CA ASP E 347 -24.14 -36.77 -28.69
C ASP E 347 -23.33 -37.84 -29.39
N ALA E 348 -22.06 -38.01 -29.01
CA ALA E 348 -21.22 -39.01 -29.66
C ALA E 348 -21.73 -40.42 -29.41
N VAL E 349 -22.19 -40.70 -28.19
CA VAL E 349 -22.57 -42.05 -27.82
C VAL E 349 -23.84 -42.49 -28.54
N ILE E 350 -24.83 -41.59 -28.62
CA ILE E 350 -26.13 -41.95 -29.19
C ILE E 350 -26.03 -42.34 -30.66
N ASP E 351 -25.21 -41.63 -31.44
CA ASP E 351 -25.12 -41.88 -32.87
C ASP E 351 -24.21 -43.03 -33.25
N TYR E 352 -23.40 -43.53 -32.33
CA TYR E 352 -22.42 -44.57 -32.63
C TYR E 352 -22.50 -45.71 -31.61
N TYR E 353 -23.71 -46.21 -31.36
CA TYR E 353 -23.86 -47.33 -30.44
C TYR E 353 -23.60 -48.67 -31.13
N LEU E 354 -24.22 -48.89 -32.28
CA LEU E 354 -24.02 -50.13 -33.04
C LEU E 354 -24.15 -49.79 -34.53
N VAL E 355 -23.02 -49.49 -35.16
CA VAL E 355 -22.99 -49.06 -36.55
C VAL E 355 -21.55 -49.19 -37.05
N TRP E 356 -21.38 -49.22 -38.37
CA TRP E 356 -20.05 -49.23 -38.96
C TRP E 356 -19.27 -47.99 -38.53
N ASP E 357 -17.96 -48.05 -38.70
CA ASP E 357 -16.94 -47.10 -38.25
C ASP E 357 -16.68 -47.26 -36.75
N THR E 358 -17.45 -48.08 -36.04
CA THR E 358 -17.12 -48.50 -34.69
C THR E 358 -16.56 -49.91 -34.63
N ASP E 359 -17.02 -50.81 -35.49
CA ASP E 359 -16.36 -52.07 -35.77
C ASP E 359 -15.60 -51.90 -37.09
N LEU E 360 -14.48 -52.58 -37.22
CA LEU E 360 -13.54 -52.26 -38.30
C LEU E 360 -13.29 -53.53 -39.12
N GLU E 361 -12.26 -53.47 -39.97
CA GLU E 361 -12.08 -54.48 -41.01
C GLU E 361 -11.93 -55.88 -40.45
N THR E 362 -11.23 -56.04 -39.33
CA THR E 362 -10.91 -57.36 -38.81
C THR E 362 -11.19 -57.41 -37.33
N ASN E 363 -11.13 -58.62 -36.77
CA ASN E 363 -11.52 -58.88 -35.39
C ASN E 363 -10.58 -58.25 -34.37
N ASP E 364 -9.35 -57.91 -34.74
CA ASP E 364 -8.40 -57.34 -33.80
C ASP E 364 -7.60 -56.24 -34.47
N GLU E 365 -7.69 -55.03 -33.94
CA GLU E 365 -6.93 -53.90 -34.47
C GLU E 365 -6.71 -52.89 -33.35
N ASP E 366 -5.49 -52.37 -33.28
CA ASP E 366 -5.13 -51.32 -32.33
C ASP E 366 -4.75 -50.02 -33.02
N ALA E 367 -4.89 -49.95 -34.35
CA ALA E 367 -4.58 -48.73 -35.07
C ALA E 367 -5.64 -47.65 -34.82
N ALA E 368 -6.80 -48.04 -34.33
CA ALA E 368 -7.87 -47.10 -34.01
C ALA E 368 -7.98 -46.81 -32.53
N TYR E 369 -7.75 -47.80 -31.67
CA TYR E 369 -7.80 -47.57 -30.22
C TYR E 369 -6.69 -46.66 -29.78
N ALA E 370 -5.49 -46.81 -30.37
CA ALA E 370 -4.35 -46.01 -29.95
C ALA E 370 -4.57 -44.53 -30.24
N GLU E 371 -5.10 -44.20 -31.42
CA GLU E 371 -5.34 -42.81 -31.76
C GLU E 371 -6.37 -42.17 -30.85
N GLU E 372 -7.48 -42.87 -30.58
CA GLU E 372 -8.50 -42.33 -29.69
C GLU E 372 -7.97 -42.18 -28.27
N LYS E 373 -7.17 -43.15 -27.80
CA LYS E 373 -6.56 -43.01 -26.48
C LYS E 373 -5.63 -41.82 -26.43
N ARG E 374 -4.85 -41.60 -27.49
CA ARG E 374 -3.96 -40.44 -27.53
C ARG E 374 -4.73 -39.14 -27.46
N GLU E 375 -5.82 -39.04 -28.24
CA GLU E 375 -6.62 -37.82 -28.22
C GLU E 375 -7.27 -37.60 -26.85
N PHE E 376 -7.78 -38.68 -26.24
CA PHE E 376 -8.42 -38.55 -24.93
C PHE E 376 -7.41 -38.14 -23.87
N ALA E 377 -6.21 -38.72 -23.91
CA ALA E 377 -5.16 -38.34 -22.97
C ALA E 377 -4.73 -36.90 -23.16
N LEU E 378 -4.63 -36.45 -24.42
CA LEU E 378 -4.26 -35.07 -24.68
C LEU E 378 -5.32 -34.12 -24.15
N LEU E 379 -6.60 -34.45 -24.35
CA LEU E 379 -7.67 -33.60 -23.83
C LEU E 379 -7.68 -33.59 -22.31
N THR E 380 -7.41 -34.74 -21.68
CA THR E 380 -7.33 -34.78 -20.23
C THR E 380 -6.19 -33.93 -19.71
N TYR E 381 -5.03 -34.01 -20.36
CA TYR E 381 -3.88 -33.19 -19.94
C TYR E 381 -4.17 -31.71 -20.12
N ALA E 382 -4.83 -31.34 -21.22
CA ALA E 382 -5.08 -29.92 -21.49
C ALA E 382 -6.08 -29.33 -20.51
N LYS E 383 -7.09 -30.11 -20.10
CA LYS E 383 -8.15 -29.57 -19.25
C LYS E 383 -7.72 -29.40 -17.81
N ILE E 384 -6.61 -30.01 -17.39
CA ILE E 384 -6.17 -29.87 -16.01
C ILE E 384 -5.63 -28.48 -15.73
N PHE E 385 -5.33 -27.69 -16.78
CA PHE E 385 -4.82 -26.34 -16.63
C PHE E 385 -5.91 -25.28 -16.81
N ILE E 386 -7.18 -25.68 -16.84
CA ILE E 386 -8.30 -24.78 -17.05
C ILE E 386 -9.22 -24.74 -15.83
N ASN E 387 -9.60 -25.92 -15.33
CA ASN E 387 -10.44 -25.97 -14.13
C ASN E 387 -9.72 -25.41 -12.91
N GLY E 388 -8.38 -25.50 -12.89
CA GLY E 388 -7.60 -24.95 -11.80
C GLY E 388 -7.79 -23.46 -11.61
N GLN E 389 -8.15 -22.74 -12.67
CA GLN E 389 -8.37 -21.30 -12.56
C GLN E 389 -9.45 -20.98 -11.53
N TRP E 390 -10.59 -21.66 -11.62
CA TRP E 390 -11.66 -21.44 -10.64
C TRP E 390 -11.42 -22.25 -9.37
N GLN E 391 -10.73 -23.38 -9.48
CA GLN E 391 -10.39 -24.15 -8.28
C GLN E 391 -9.55 -23.32 -7.31
N GLU E 392 -8.62 -22.52 -7.84
CA GLU E 392 -7.75 -21.73 -6.97
C GLU E 392 -8.53 -20.60 -6.31
N LYS E 393 -9.48 -19.99 -7.01
CA LYS E 393 -10.31 -18.95 -6.39
C LYS E 393 -11.16 -19.53 -5.27
N VAL E 394 -11.79 -20.69 -5.53
CA VAL E 394 -12.57 -21.36 -4.50
C VAL E 394 -11.69 -21.70 -3.30
N LYS E 395 -10.48 -22.21 -3.57
CA LYS E 395 -9.55 -22.54 -2.51
C LYS E 395 -9.15 -21.30 -1.73
N TYR E 396 -8.97 -20.17 -2.41
CA TYR E 396 -8.61 -18.92 -1.73
C TYR E 396 -9.70 -18.48 -0.76
N VAL E 397 -10.95 -18.46 -1.22
CA VAL E 397 -12.04 -18.04 -0.33
C VAL E 397 -12.20 -19.03 0.82
N GLN E 398 -12.19 -20.33 0.52
CA GLN E 398 -12.31 -21.33 1.57
C GLN E 398 -11.17 -21.21 2.57
N ASN E 399 -9.96 -20.93 2.10
CA ASN E 399 -8.79 -20.81 2.96
C ASN E 399 -8.93 -19.60 3.89
N LEU E 400 -9.38 -18.47 3.35
CA LEU E 400 -9.71 -17.33 4.20
C LEU E 400 -10.68 -17.74 5.30
N ASP E 401 -11.71 -18.51 4.92
CA ASP E 401 -12.74 -18.91 5.87
C ASP E 401 -12.16 -19.74 7.01
N ASP E 402 -11.47 -20.84 6.69
CA ASP E 402 -11.06 -21.71 7.79
C ASP E 402 -9.89 -21.10 8.55
N GLY E 403 -9.09 -20.25 7.89
CA GLY E 403 -8.06 -19.53 8.61
C GLY E 403 -8.63 -18.62 9.68
N ALA E 404 -9.66 -17.85 9.33
CA ALA E 404 -10.31 -17.00 10.34
C ALA E 404 -10.93 -17.86 11.43
N ARG E 405 -11.64 -18.93 11.05
CA ARG E 405 -12.35 -19.74 12.04
C ARG E 405 -11.36 -20.41 13.00
N ALA E 406 -10.25 -20.93 12.49
CA ALA E 406 -9.28 -21.60 13.34
C ALA E 406 -8.46 -20.61 14.16
N GLU E 407 -8.17 -19.43 13.60
CA GLU E 407 -7.42 -18.44 14.36
C GLU E 407 -8.26 -17.85 15.49
N ALA E 408 -9.58 -17.86 15.35
CA ALA E 408 -10.42 -17.37 16.45
C ALA E 408 -10.73 -18.47 17.47
N ALA E 409 -9.70 -19.23 17.84
CA ALA E 409 -9.74 -20.13 18.99
C ALA E 409 -8.45 -20.17 19.78
N ARG E 410 -7.30 -19.85 19.18
CA ARG E 410 -6.02 -19.99 19.85
C ARG E 410 -5.86 -18.95 20.96
N ILE E 411 -6.40 -17.74 20.77
CA ILE E 411 -6.35 -16.74 21.83
C ILE E 411 -7.07 -17.24 23.08
N GLU E 412 -8.27 -17.80 22.88
CA GLU E 412 -9.02 -18.34 24.01
C GLU E 412 -8.28 -19.51 24.66
N ALA E 413 -7.73 -20.41 23.85
CA ALA E 413 -7.01 -21.56 24.41
C ALA E 413 -5.81 -21.11 25.23
N GLU E 414 -5.02 -20.17 24.69
CA GLU E 414 -3.84 -19.69 25.40
C GLU E 414 -4.22 -18.88 26.63
N ARG E 415 -5.32 -18.14 26.57
CA ARG E 415 -5.78 -17.40 27.74
C ARG E 415 -6.16 -18.36 28.87
N LEU E 416 -6.91 -19.42 28.54
CA LEU E 416 -7.26 -20.40 29.55
C LEU E 416 -6.02 -21.09 30.12
N ALA E 417 -5.07 -21.45 29.24
CA ALA E 417 -3.86 -22.11 29.71
C ALA E 417 -3.05 -21.20 30.63
N ASP E 418 -2.92 -19.92 30.26
CA ASP E 418 -2.16 -18.97 31.07
C ASP E 418 -2.85 -18.73 32.42
N GLU E 419 -4.18 -18.62 32.41
CA GLU E 419 -4.90 -18.44 33.67
C GLU E 419 -4.71 -19.63 34.59
N ALA E 420 -4.82 -20.85 34.04
CA ALA E 420 -4.61 -22.04 34.85
C ALA E 420 -3.18 -22.10 35.38
N TYR E 421 -2.20 -21.77 34.55
CA TYR E 421 -0.80 -21.79 34.97
C TYR E 421 -0.55 -20.79 36.09
N ARG E 422 -1.09 -19.58 35.95
CA ARG E 422 -0.90 -18.55 36.98
C ARG E 422 -1.58 -18.96 38.28
N ALA E 423 -2.80 -19.50 38.19
CA ALA E 423 -3.49 -19.93 39.40
C ALA E 423 -2.73 -21.04 40.12
N GLU E 424 -2.23 -22.02 39.35
CA GLU E 424 -1.46 -23.10 39.96
C GLU E 424 -0.17 -22.58 40.59
N GLN E 425 0.51 -21.65 39.91
CA GLN E 425 1.74 -21.09 40.46
C GLN E 425 1.47 -20.36 41.76
N LEU E 426 0.41 -19.55 41.80
CA LEU E 426 0.07 -18.83 43.03
C LEU E 426 -0.30 -19.80 44.15
N ARG E 427 -1.06 -20.84 43.83
CA ARG E 427 -1.45 -21.81 44.85
C ARG E 427 -0.22 -22.52 45.42
N ILE E 428 0.70 -22.94 44.56
CA ILE E 428 1.91 -23.62 45.01
C ILE E 428 2.75 -22.69 45.87
N ALA E 429 2.91 -21.44 45.43
CA ALA E 429 3.70 -20.49 46.20
C ALA E 429 3.07 -20.23 47.56
N GLN E 430 1.74 -20.10 47.62
CA GLN E 430 1.07 -19.84 48.88
C GLN E 430 1.21 -21.02 49.83
N GLU E 431 1.04 -22.24 49.33
CA GLU E 431 1.17 -23.40 50.20
C GLU E 431 2.62 -23.60 50.65
N ALA E 432 3.59 -23.26 49.80
CA ALA E 432 4.98 -23.33 50.24
C ALA E 432 5.26 -22.30 51.33
N ALA E 433 4.73 -21.09 51.19
CA ALA E 433 4.90 -20.08 52.23
C ALA E 433 4.23 -20.52 53.52
N ASP E 434 3.06 -21.17 53.41
CA ASP E 434 2.40 -21.71 54.60
C ASP E 434 3.26 -22.79 55.26
N ALA E 435 3.90 -23.64 54.45
CA ALA E 435 4.78 -24.66 55.01
C ALA E 435 5.98 -24.04 55.71
N GLN E 436 6.53 -22.97 55.13
CA GLN E 436 7.64 -22.26 55.78
C GLN E 436 7.20 -21.65 57.10
N LYS E 437 6.01 -21.04 57.13
CA LYS E 437 5.49 -20.54 58.40
C LYS E 437 5.25 -21.69 59.38
N ALA E 438 4.86 -22.85 58.86
CA ALA E 438 4.62 -24.01 59.71
C ALA E 438 5.90 -24.46 60.40
N ILE E 439 6.99 -24.61 59.63
CA ILE E 439 8.25 -25.00 60.26
C ILE E 439 8.74 -23.92 61.20
N ALA E 440 8.49 -22.64 60.84
CA ALA E 440 8.86 -21.55 61.72
C ALA E 440 8.19 -21.68 63.09
N ASP E 441 6.87 -21.86 63.08
CA ASP E 441 6.14 -22.01 64.34
C ASP E 441 6.52 -23.28 65.06
N ALA E 442 6.89 -24.33 64.32
CA ALA E 442 7.21 -25.61 64.94
C ALA E 442 8.55 -25.56 65.67
N LEU E 443 9.61 -25.10 65.00
CA LEU E 443 10.91 -25.06 65.65
C LEU E 443 11.08 -23.85 66.55
N ALA E 444 10.24 -22.83 66.41
CA ALA E 444 10.26 -21.73 67.37
C ALA E 444 9.67 -22.13 68.71
N LYS E 445 8.86 -23.19 68.73
CA LYS E 445 8.23 -23.66 69.96
C LYS E 445 9.21 -24.43 70.83
N THR F 33 25.39 -31.38 -0.73
CA THR F 33 24.00 -30.97 -0.89
C THR F 33 23.66 -30.73 -2.36
N GLY F 34 22.86 -31.63 -2.94
CA GLY F 34 22.48 -31.50 -4.33
C GLY F 34 21.25 -32.32 -4.70
N THR F 35 20.26 -31.67 -5.29
CA THR F 35 19.00 -32.29 -5.70
C THR F 35 18.42 -31.36 -6.76
N TYR F 36 17.26 -31.74 -7.31
CA TYR F 36 16.57 -30.86 -8.24
C TYR F 36 16.19 -29.54 -7.58
N ASN F 37 16.01 -29.55 -6.26
CA ASN F 37 15.88 -28.34 -5.46
C ASN F 37 16.93 -28.40 -4.35
N ASN F 38 17.67 -27.31 -4.19
CA ASN F 38 18.78 -27.31 -3.24
C ASN F 38 19.04 -25.89 -2.75
N THR F 39 19.67 -25.81 -1.58
CA THR F 39 20.07 -24.55 -0.96
C THR F 39 21.54 -24.62 -0.55
N GLY F 40 22.38 -25.13 -1.43
CA GLY F 40 23.79 -25.30 -1.10
C GLY F 40 24.73 -24.62 -2.08
N GLY F 41 24.19 -23.75 -2.94
CA GLY F 41 25.00 -23.02 -3.88
C GLY F 41 25.33 -23.80 -5.14
N PHE F 42 26.60 -23.80 -5.53
CA PHE F 42 27.01 -24.52 -6.73
C PHE F 42 26.87 -26.02 -6.51
N ASN F 43 26.40 -26.72 -7.55
CA ASN F 43 26.13 -28.14 -7.48
C ASN F 43 26.81 -28.85 -8.66
N ASP F 44 27.34 -30.04 -8.38
CA ASP F 44 27.95 -30.84 -9.45
C ASP F 44 26.92 -31.61 -10.25
N ALA F 45 25.70 -31.75 -9.74
CA ALA F 45 24.65 -32.46 -10.46
C ALA F 45 24.11 -31.67 -11.64
N ASP F 46 24.46 -30.40 -11.77
CA ASP F 46 24.00 -29.56 -12.87
C ASP F 46 25.11 -29.12 -13.80
N GLY F 47 26.36 -29.09 -13.34
CA GLY F 47 27.46 -28.63 -14.16
C GLY F 47 27.85 -27.20 -13.85
N SER F 48 27.95 -26.88 -12.56
CA SER F 48 28.31 -25.54 -12.11
C SER F 48 29.55 -25.49 -11.23
N THR F 49 30.00 -26.61 -10.68
CA THR F 49 31.18 -26.63 -9.84
C THR F 49 32.44 -26.65 -10.69
N ILE F 50 33.60 -26.66 -10.03
CA ILE F 50 34.90 -26.69 -10.71
C ILE F 50 35.33 -28.13 -10.88
N GLN F 51 35.96 -28.43 -12.01
CA GLN F 51 36.44 -29.77 -12.31
C GLN F 51 37.75 -29.69 -13.08
N PRO F 52 38.75 -30.50 -12.69
CA PRO F 52 40.02 -30.50 -13.43
C PRO F 52 39.87 -31.05 -14.84
N ALA F 53 40.89 -30.84 -15.68
CA ALA F 53 40.86 -31.32 -17.06
C ALA F 53 42.27 -31.73 -17.48
N PRO F 54 42.73 -32.88 -17.02
CA PRO F 54 44.03 -33.38 -17.49
C PRO F 54 44.00 -33.73 -18.98
N ALA F 55 45.16 -33.67 -19.61
CA ALA F 55 45.28 -33.94 -21.04
C ALA F 55 45.12 -35.45 -21.27
N VAL F 56 43.89 -35.87 -21.55
CA VAL F 56 43.58 -37.26 -21.84
C VAL F 56 42.90 -37.34 -23.19
N ASP F 57 43.36 -38.27 -24.04
CA ASP F 57 42.89 -38.35 -25.43
C ASP F 57 41.56 -39.11 -25.47
N HIS F 58 40.49 -38.36 -25.65
CA HIS F 58 39.19 -38.93 -25.97
C HIS F 58 38.90 -38.66 -27.44
N SER F 59 38.69 -39.72 -28.21
CA SER F 59 38.56 -39.59 -29.65
C SER F 59 37.32 -38.78 -30.02
N GLU F 60 37.39 -38.11 -31.18
CA GLU F 60 36.27 -37.32 -31.65
C GLU F 60 35.04 -38.18 -31.94
N ALA F 61 35.24 -39.44 -32.32
CA ALA F 61 34.10 -40.35 -32.48
C ALA F 61 33.39 -40.58 -31.16
N GLU F 62 34.15 -40.70 -30.07
CA GLU F 62 33.53 -40.81 -28.75
C GLU F 62 32.72 -39.56 -28.42
N LEU F 63 33.26 -38.39 -28.74
CA LEU F 63 32.52 -37.15 -28.51
C LEU F 63 31.23 -37.13 -29.32
N ARG F 64 31.30 -37.52 -30.59
CA ARG F 64 30.11 -37.52 -31.44
C ARG F 64 29.06 -38.48 -30.90
N ASP F 65 29.48 -39.68 -30.49
CA ASP F 65 28.52 -40.66 -29.97
C ASP F 65 27.90 -40.19 -28.67
N ALA F 66 28.71 -39.65 -27.74
CA ALA F 66 28.19 -39.20 -26.46
C ALA F 66 27.26 -38.01 -26.63
N THR F 67 27.53 -37.15 -27.61
CA THR F 67 26.65 -36.01 -27.85
C THR F 67 25.36 -36.43 -28.53
N ASP F 68 25.44 -37.37 -29.48
CA ASP F 68 24.23 -37.85 -30.14
C ASP F 68 23.36 -38.68 -29.20
N ALA F 69 23.96 -39.29 -28.18
CA ALA F 69 23.16 -40.01 -27.19
C ALA F 69 22.22 -39.08 -26.44
N THR F 70 22.56 -37.79 -26.35
CA THR F 70 21.69 -36.80 -25.73
C THR F 70 20.87 -36.04 -26.74
N GLY F 71 21.40 -35.82 -27.95
CA GLY F 71 20.67 -35.07 -28.95
C GLY F 71 19.42 -35.75 -29.42
N ASN F 72 19.33 -37.07 -29.26
CA ASN F 72 18.10 -37.78 -29.59
C ASN F 72 16.98 -37.44 -28.61
N TYR F 73 17.34 -37.15 -27.36
CA TYR F 73 16.34 -36.81 -26.36
C TYR F 73 15.66 -35.48 -26.66
N LEU F 74 16.38 -34.56 -27.30
CA LEU F 74 15.88 -33.21 -27.52
C LEU F 74 15.23 -33.02 -28.88
N ALA F 75 15.13 -34.06 -29.71
CA ALA F 75 14.52 -33.90 -31.02
C ALA F 75 13.06 -33.46 -30.91
N ALA F 76 12.30 -34.11 -30.02
CA ALA F 76 10.90 -33.75 -29.84
C ALA F 76 10.78 -32.35 -29.26
N PHE F 77 11.62 -32.00 -28.29
CA PHE F 77 11.56 -30.66 -27.69
C PHE F 77 11.99 -29.60 -28.69
N GLN F 78 13.03 -29.87 -29.48
CA GLN F 78 13.49 -28.91 -30.47
C GLN F 78 12.50 -28.75 -31.62
N SER F 79 11.69 -29.77 -31.90
CA SER F 79 10.67 -29.63 -32.93
C SER F 79 9.65 -28.56 -32.55
N GLY F 80 9.25 -28.52 -31.27
CA GLY F 80 8.35 -27.50 -30.77
C GLY F 80 6.89 -27.89 -30.73
N ASP F 81 6.51 -29.01 -31.34
CA ASP F 81 5.11 -29.42 -31.34
C ASP F 81 4.74 -30.01 -29.97
N ILE F 82 3.64 -29.52 -29.40
CA ILE F 82 3.24 -29.97 -28.08
C ILE F 82 2.79 -31.43 -28.11
N GLU F 83 2.13 -31.83 -29.19
CA GLU F 83 1.67 -33.23 -29.29
C GLU F 83 2.84 -34.19 -29.30
N ALA F 84 3.90 -33.87 -30.06
CA ALA F 84 5.09 -34.72 -30.06
C ALA F 84 5.74 -34.76 -28.69
N ILE F 85 5.77 -33.62 -27.99
CA ILE F 85 6.38 -33.56 -26.66
C ILE F 85 5.61 -34.46 -25.69
N VAL F 86 4.29 -34.34 -25.67
CA VAL F 86 3.50 -35.14 -24.73
C VAL F 86 3.52 -36.61 -25.11
N GLY F 87 3.67 -36.90 -26.41
CA GLY F 87 3.77 -38.29 -26.83
C GLY F 87 5.10 -38.93 -26.50
N ALA F 88 6.18 -38.14 -26.51
CA ALA F 88 7.51 -38.68 -26.30
C ALA F 88 7.92 -38.70 -24.82
N TYR F 89 7.74 -37.59 -24.12
CA TYR F 89 8.26 -37.45 -22.76
C TYR F 89 7.28 -37.90 -21.67
N ILE F 90 6.03 -38.19 -22.02
CA ILE F 90 5.01 -38.56 -21.05
C ILE F 90 4.51 -39.96 -21.37
N ASP F 91 4.40 -40.79 -20.34
CA ASP F 91 3.94 -42.17 -20.48
C ASP F 91 2.41 -42.21 -20.43
N ALA F 92 1.81 -42.95 -21.37
CA ALA F 92 0.36 -43.10 -21.38
C ALA F 92 -0.16 -43.87 -20.17
N GLY F 93 0.52 -44.93 -19.77
CA GLY F 93 0.13 -45.70 -18.61
C GLY F 93 -0.57 -47.00 -18.95
N VAL F 94 -1.47 -47.39 -18.04
CA VAL F 94 -2.23 -48.63 -18.15
C VAL F 94 -3.14 -48.54 -19.38
N ASP F 95 -3.49 -49.70 -19.96
CA ASP F 95 -4.35 -49.73 -21.13
C ASP F 95 -5.63 -48.93 -20.92
N GLY F 96 -6.24 -49.06 -19.74
CA GLY F 96 -7.35 -48.21 -19.38
C GLY F 96 -6.86 -46.89 -18.83
N PHE F 97 -6.95 -45.83 -19.64
CA PHE F 97 -6.38 -44.54 -19.27
C PHE F 97 -7.06 -43.97 -18.02
N ASP F 98 -6.31 -43.83 -16.95
CA ASP F 98 -6.83 -43.29 -15.70
C ASP F 98 -6.79 -41.77 -15.76
N PRO F 99 -7.92 -41.08 -15.71
CA PRO F 99 -7.92 -39.61 -15.75
C PRO F 99 -7.76 -38.93 -14.40
N SER F 100 -7.52 -39.67 -13.33
CA SER F 100 -7.31 -39.06 -12.02
C SER F 100 -6.01 -38.27 -12.00
N GLU F 101 -5.94 -37.27 -11.11
CA GLU F 101 -4.79 -36.39 -11.07
C GLU F 101 -3.53 -37.10 -10.59
N GLU F 102 -3.69 -38.17 -9.81
CA GLU F 102 -2.52 -38.84 -9.24
C GLU F 102 -1.65 -39.48 -10.32
N ALA F 103 -2.27 -40.11 -11.32
CA ALA F 103 -1.51 -40.70 -12.41
C ALA F 103 -0.79 -39.62 -13.22
N ILE F 104 -1.44 -38.48 -13.45
CA ILE F 104 -0.81 -37.38 -14.15
C ILE F 104 0.41 -36.89 -13.38
N PHE F 105 0.28 -36.76 -12.06
CA PHE F 105 1.38 -36.34 -11.22
C PHE F 105 2.54 -37.34 -11.29
N LYS F 106 2.22 -38.63 -11.25
CA LYS F 106 3.26 -39.65 -11.33
C LYS F 106 3.99 -39.59 -12.67
N ALA F 107 3.25 -39.43 -13.78
CA ALA F 107 3.88 -39.35 -15.08
C ALA F 107 4.79 -38.13 -15.19
N PHE F 108 4.32 -36.98 -14.71
CA PHE F 108 5.16 -35.78 -14.74
C PHE F 108 6.41 -35.95 -13.88
N GLU F 109 6.27 -36.61 -12.73
CA GLU F 109 7.42 -36.86 -11.87
C GLU F 109 8.44 -37.75 -12.57
N ALA F 110 7.96 -38.79 -13.27
CA ALA F 110 8.88 -39.66 -14.00
C ALA F 110 9.60 -38.91 -15.10
N ALA F 111 8.88 -38.06 -15.84
CA ALA F 111 9.52 -37.27 -16.88
C ALA F 111 10.58 -36.33 -16.29
N ARG F 112 10.27 -35.72 -15.14
CA ARG F 112 11.23 -34.83 -14.49
C ARG F 112 12.48 -35.59 -14.06
N ASP F 113 12.31 -36.81 -13.52
CA ASP F 113 13.47 -37.61 -13.12
C ASP F 113 14.33 -37.98 -14.33
N GLU F 114 13.69 -38.34 -15.44
CA GLU F 114 14.44 -38.66 -16.66
C GLU F 114 15.24 -37.45 -17.14
N ALA F 115 14.62 -36.27 -17.11
CA ALA F 115 15.34 -35.05 -17.49
C ALA F 115 16.52 -34.79 -16.56
N THR F 116 16.33 -35.02 -15.26
CA THR F 116 17.42 -34.84 -14.30
C THR F 116 18.61 -35.74 -14.63
N GLN F 117 18.33 -37.01 -14.92
CA GLN F 117 19.42 -37.93 -15.26
C GLN F 117 20.13 -37.52 -16.56
N GLN F 118 19.35 -37.07 -17.56
CA GLN F 118 19.97 -36.60 -18.80
C GLN F 118 20.88 -35.41 -18.54
N LEU F 119 20.44 -34.49 -17.68
CA LEU F 119 21.29 -33.36 -17.31
C LEU F 119 22.57 -33.82 -16.62
N ALA F 120 22.44 -34.83 -15.74
CA ALA F 120 23.61 -35.35 -15.05
C ALA F 120 24.64 -35.90 -16.03
N PHE F 121 24.18 -36.58 -17.09
CA PHE F 121 25.12 -37.10 -18.09
C PHE F 121 25.74 -35.97 -18.92
N SER F 122 24.91 -35.01 -19.34
CA SER F 122 25.43 -33.87 -20.10
C SER F 122 26.44 -33.07 -19.30
N ALA F 123 26.39 -33.17 -17.97
CA ALA F 123 27.41 -32.52 -17.14
C ALA F 123 28.79 -33.11 -17.39
N GLU F 124 28.90 -34.45 -17.41
CA GLU F 124 30.20 -35.09 -17.56
C GLU F 124 30.72 -35.00 -19.00
N THR F 125 29.80 -34.89 -19.96
CA THR F 125 30.24 -34.68 -21.35
C THR F 125 31.18 -33.49 -21.47
N ILE F 126 30.94 -32.43 -20.70
CA ILE F 126 31.77 -31.22 -20.76
C ILE F 126 33.21 -31.54 -20.38
N THR F 127 33.40 -32.22 -19.25
CA THR F 127 34.75 -32.55 -18.80
C THR F 127 35.45 -33.45 -19.80
N LYS F 128 34.72 -34.42 -20.36
CA LYS F 128 35.32 -35.27 -21.39
C LYS F 128 35.87 -34.43 -22.55
N THR F 129 35.04 -33.51 -23.06
CA THR F 129 35.46 -32.69 -24.19
C THR F 129 36.65 -31.79 -23.84
N ARG F 130 36.65 -31.24 -22.63
CA ARG F 130 37.74 -30.35 -22.22
C ARG F 130 39.06 -31.11 -22.15
N GLU F 131 39.04 -32.34 -21.60
CA GLU F 131 40.26 -33.14 -21.57
C GLU F 131 40.74 -33.46 -22.98
N SER F 132 39.80 -33.76 -23.89
CA SER F 132 40.20 -34.01 -25.28
C SER F 132 40.89 -32.79 -25.88
N VAL F 133 40.35 -31.61 -25.63
CA VAL F 133 40.94 -30.38 -26.17
C VAL F 133 42.35 -30.17 -25.61
N ALA F 134 42.53 -30.41 -24.31
CA ALA F 134 43.85 -30.23 -23.71
C ALA F 134 44.88 -31.16 -24.34
N TYR F 135 44.52 -32.42 -24.54
CA TYR F 135 45.44 -33.36 -25.19
C TYR F 135 45.77 -32.91 -26.62
N ALA F 136 44.74 -32.45 -27.35
CA ALA F 136 44.96 -32.03 -28.73
C ALA F 136 45.89 -30.83 -28.80
N LEU F 137 45.88 -29.98 -27.78
CA LEU F 137 46.82 -28.86 -27.76
C LEU F 137 48.23 -29.32 -27.42
N LYS F 138 48.36 -30.21 -26.43
CA LYS F 138 49.68 -30.64 -26.00
C LYS F 138 50.44 -31.34 -27.14
N VAL F 139 49.75 -32.18 -27.91
CA VAL F 139 50.46 -32.98 -28.92
C VAL F 139 51.12 -32.09 -29.96
N ASP F 140 50.37 -31.15 -30.55
CA ASP F 140 50.98 -30.33 -31.59
C ASP F 140 51.91 -29.28 -31.01
N GLN F 141 51.75 -28.87 -29.74
CA GLN F 141 52.79 -28.06 -29.13
C GLN F 141 54.13 -28.78 -29.13
N GLU F 142 54.15 -30.03 -28.67
CA GLU F 142 55.39 -30.79 -28.68
C GLU F 142 55.91 -31.00 -30.11
N ALA F 143 55.00 -31.25 -31.05
CA ALA F 143 55.40 -31.47 -32.43
C ALA F 143 56.11 -30.25 -33.01
N THR F 144 55.55 -29.06 -32.80
CA THR F 144 56.18 -27.87 -33.37
C THR F 144 57.49 -27.55 -32.66
N GLU F 145 57.60 -27.84 -31.36
CA GLU F 145 58.88 -27.66 -30.68
C GLU F 145 59.96 -28.54 -31.31
N ALA F 146 59.63 -29.82 -31.54
CA ALA F 146 60.60 -30.73 -32.14
C ALA F 146 60.97 -30.28 -33.55
N TYR F 147 59.99 -29.82 -34.34
CA TYR F 147 60.28 -29.36 -35.69
C TYR F 147 61.22 -28.17 -35.67
N LEU F 148 60.99 -27.22 -34.76
CA LEU F 148 61.89 -26.07 -34.66
C LEU F 148 63.30 -26.49 -34.29
N ALA F 149 63.44 -27.42 -33.34
CA ALA F 149 64.77 -27.89 -32.95
C ALA F 149 65.50 -28.54 -34.12
N TYR F 150 64.79 -29.39 -34.87
CA TYR F 150 65.43 -30.08 -35.99
C TYR F 150 65.82 -29.09 -37.08
N ARG F 151 64.97 -28.11 -37.37
CA ARG F 151 65.31 -27.11 -38.37
C ARG F 151 66.52 -26.28 -37.96
N ASN F 152 66.61 -25.94 -36.66
CA ASN F 152 67.77 -25.20 -36.19
C ASN F 152 69.05 -26.03 -36.33
N ALA F 153 68.98 -27.32 -36.04
CA ALA F 153 70.14 -28.19 -36.23
C ALA F 153 70.56 -28.24 -37.69
N LEU F 154 69.59 -28.35 -38.60
CA LEU F 154 69.91 -28.36 -40.03
C LEU F 154 70.54 -27.04 -40.47
N ARG F 155 70.03 -25.93 -39.95
CA ARG F 155 70.62 -24.63 -40.27
C ARG F 155 72.06 -24.52 -39.78
N GLY F 156 72.33 -25.02 -38.58
CA GLY F 156 73.69 -25.03 -38.08
C GLY F 156 74.63 -25.87 -38.93
N ALA F 157 74.16 -27.05 -39.36
CA ALA F 157 74.97 -27.89 -40.24
C ALA F 157 75.25 -27.17 -41.56
N ALA F 158 74.24 -26.52 -42.12
CA ALA F 158 74.44 -25.77 -43.36
C ALA F 158 75.44 -24.63 -43.18
N THR F 159 75.39 -23.94 -42.05
CA THR F 159 76.36 -22.89 -41.77
C THR F 159 77.78 -23.47 -41.68
N SER F 160 77.92 -24.60 -41.01
CA SER F 160 79.24 -25.19 -40.78
C SER F 160 79.86 -25.84 -42.01
N ILE F 161 79.06 -26.34 -42.95
CA ILE F 161 79.62 -27.19 -44.01
C ILE F 161 80.28 -26.36 -45.10
N ASN F 162 79.62 -25.30 -45.58
CA ASN F 162 79.98 -24.64 -46.83
C ASN F 162 81.43 -24.15 -46.92
N PRO F 163 82.01 -23.51 -45.90
CA PRO F 163 83.39 -23.03 -46.05
C PRO F 163 84.40 -24.13 -46.39
N LEU F 164 84.24 -25.32 -45.79
CA LEU F 164 85.14 -26.42 -46.14
C LEU F 164 84.92 -26.88 -47.58
N ILE F 165 83.67 -26.86 -48.06
CA ILE F 165 83.41 -27.20 -49.46
C ILE F 165 84.14 -26.22 -50.37
N ASP F 166 84.06 -24.93 -50.07
CA ASP F 166 84.75 -23.94 -50.88
C ASP F 166 86.27 -24.13 -50.84
N ALA F 167 86.81 -24.41 -49.66
CA ALA F 167 88.24 -24.61 -49.52
C ALA F 167 88.71 -25.83 -50.31
N ALA F 168 87.94 -26.92 -50.25
CA ALA F 168 88.31 -28.12 -51.02
C ALA F 168 88.18 -27.88 -52.52
N ASN F 169 87.17 -27.11 -52.95
CA ASN F 169 87.01 -26.81 -54.36
C ASN F 169 88.17 -25.96 -54.87
N ALA F 170 88.65 -25.02 -54.05
CA ALA F 170 89.73 -24.14 -54.48
C ALA F 170 91.05 -24.88 -54.70
N ALA F 171 91.25 -26.02 -54.04
CA ALA F 171 92.51 -26.74 -54.09
C ALA F 171 92.48 -27.95 -55.03
N ASN F 172 91.76 -27.86 -56.15
CA ASN F 172 91.64 -28.97 -57.10
C ASN F 172 92.32 -28.59 -58.41
N ARG F 173 93.13 -29.51 -58.94
CA ARG F 173 93.85 -29.29 -60.19
C ARG F 173 93.47 -30.28 -61.29
N THR F 174 92.50 -31.16 -61.06
CA THR F 174 92.14 -32.17 -62.04
C THR F 174 91.33 -31.55 -63.17
N ASP F 175 90.94 -32.39 -64.13
CA ASP F 175 90.17 -31.94 -65.28
C ASP F 175 88.69 -31.71 -64.96
N GLY F 176 88.22 -32.17 -63.82
CA GLY F 176 86.83 -32.01 -63.44
C GLY F 176 85.87 -33.01 -64.05
N SER F 177 86.38 -34.10 -64.63
CA SER F 177 85.52 -35.11 -65.24
C SER F 177 85.00 -36.11 -64.21
N GLU F 178 85.93 -36.80 -63.52
CA GLU F 178 85.50 -37.75 -62.51
C GLU F 178 85.39 -37.10 -61.13
N ILE F 179 86.34 -36.25 -60.76
CA ILE F 179 86.26 -35.43 -59.55
C ILE F 179 85.62 -34.11 -59.96
N GLU F 180 84.32 -34.00 -59.77
CA GLU F 180 83.53 -32.90 -60.30
C GLU F 180 83.65 -31.66 -59.43
N ILE F 181 83.19 -30.54 -59.97
CA ILE F 181 83.17 -29.27 -59.25
C ILE F 181 81.98 -29.28 -58.31
N TYR F 182 82.24 -29.09 -57.02
CA TYR F 182 81.19 -29.12 -56.02
C TYR F 182 80.26 -27.92 -56.16
N ASP F 183 79.03 -28.11 -55.71
CA ASP F 183 78.02 -27.05 -55.69
C ASP F 183 77.60 -26.78 -54.25
N ASN F 184 77.12 -25.57 -54.01
CA ASN F 184 76.68 -25.20 -52.66
C ASN F 184 75.50 -26.07 -52.23
N ILE F 185 75.51 -26.45 -50.95
CA ILE F 185 74.50 -27.37 -50.44
C ILE F 185 73.13 -26.69 -50.44
N PHE F 186 72.09 -27.53 -50.51
CA PHE F 186 70.69 -27.08 -50.48
C PHE F 186 70.40 -26.12 -51.64
N LEU F 187 70.60 -26.60 -52.86
CA LEU F 187 70.43 -25.76 -54.03
C LEU F 187 68.96 -25.52 -54.36
N ALA F 188 68.08 -26.44 -53.98
CA ALA F 188 66.66 -26.36 -54.31
C ALA F 188 65.78 -26.01 -53.12
N SER F 189 65.89 -26.78 -52.04
CA SER F 189 65.07 -26.56 -50.84
C SER F 189 65.75 -25.50 -49.97
N ASP F 190 65.22 -24.28 -50.02
CA ASP F 190 65.79 -23.18 -49.25
C ASP F 190 65.50 -23.37 -47.76
N VAL F 191 66.53 -23.74 -46.99
CA VAL F 191 66.36 -24.01 -45.56
C VAL F 191 66.18 -22.74 -44.74
N PHE F 192 66.68 -21.60 -45.22
CA PHE F 192 66.64 -20.37 -44.45
C PHE F 192 65.24 -19.78 -44.30
N THR F 193 64.26 -20.32 -45.01
CA THR F 193 62.88 -19.91 -44.81
C THR F 193 62.39 -20.43 -43.45
N ASP F 194 61.29 -19.84 -42.97
CA ASP F 194 60.80 -20.18 -41.63
C ASP F 194 60.17 -21.58 -41.61
N GLY F 195 59.38 -21.93 -42.62
CA GLY F 195 58.67 -23.19 -42.63
C GLY F 195 58.88 -24.08 -43.84
N PRO F 196 60.12 -24.25 -44.30
CA PRO F 196 60.34 -25.01 -45.53
C PRO F 196 60.33 -26.51 -45.30
N LEU F 197 60.39 -27.24 -46.40
CA LEU F 197 60.54 -28.69 -46.33
C LEU F 197 61.97 -29.05 -45.95
N LEU F 198 62.13 -30.18 -45.25
CA LEU F 198 63.42 -30.53 -44.67
C LEU F 198 63.94 -31.91 -45.04
N LEU F 199 63.16 -32.73 -45.74
CA LEU F 199 63.64 -34.04 -46.18
C LEU F 199 64.58 -33.93 -47.38
N PRO F 200 64.25 -33.14 -48.41
CA PRO F 200 65.19 -33.02 -49.55
C PRO F 200 66.56 -32.49 -49.15
N ALA F 201 66.63 -31.60 -48.16
CA ALA F 201 67.93 -31.11 -47.70
C ALA F 201 68.75 -32.23 -47.09
N TYR F 202 68.12 -33.09 -46.27
CA TYR F 202 68.83 -34.22 -45.69
C TYR F 202 69.28 -35.20 -46.76
N ARG F 203 68.43 -35.45 -47.76
CA ARG F 203 68.83 -36.34 -48.84
C ARG F 203 69.98 -35.76 -49.65
N GLU F 204 69.97 -34.45 -49.87
CA GLU F 204 71.09 -33.81 -50.57
C GLU F 204 72.38 -33.91 -49.76
N LEU F 205 72.28 -33.77 -48.43
CA LEU F 205 73.46 -33.93 -47.59
C LEU F 205 74.00 -35.36 -47.67
N VAL F 206 73.10 -36.34 -47.65
CA VAL F 206 73.53 -37.74 -47.75
C VAL F 206 74.18 -38.00 -49.11
N ALA F 207 73.60 -37.44 -50.17
CA ALA F 207 74.20 -37.60 -51.51
C ALA F 207 75.57 -36.95 -51.59
N LEU F 208 75.73 -35.78 -50.94
CA LEU F 208 77.03 -35.13 -50.91
C LEU F 208 78.05 -35.99 -50.17
N GLN F 209 77.65 -36.59 -49.05
CA GLN F 209 78.55 -37.48 -48.32
C GLN F 209 78.95 -38.67 -49.19
N THR F 210 77.98 -39.24 -49.90
CA THR F 210 78.28 -40.37 -50.79
C THR F 210 79.24 -39.97 -51.89
N GLU F 211 79.03 -38.79 -52.50
CA GLU F 211 79.92 -38.32 -53.55
C GLU F 211 81.33 -38.07 -53.01
N VAL F 212 81.44 -37.52 -51.80
CA VAL F 212 82.75 -37.27 -51.20
C VAL F 212 83.47 -38.59 -50.95
N ASN F 213 82.75 -39.57 -50.40
CA ASN F 213 83.37 -40.88 -50.17
C ASN F 213 83.76 -41.57 -51.47
N GLU F 214 82.99 -41.34 -52.54
CA GLU F 214 83.35 -41.91 -53.84
C GLU F 214 84.60 -41.27 -54.41
N ASP F 215 84.66 -39.93 -54.38
CA ASP F 215 85.81 -39.23 -54.95
C ASP F 215 87.06 -39.37 -54.10
N LEU F 216 86.92 -39.71 -52.81
CA LEU F 216 88.10 -39.85 -51.96
C LEU F 216 88.93 -41.06 -52.36
N GLU F 217 88.29 -42.11 -52.86
CA GLU F 217 89.02 -43.34 -53.17
C GLU F 217 89.88 -43.20 -54.42
N TRP F 218 89.50 -42.31 -55.35
CA TRP F 218 90.32 -42.13 -56.54
C TRP F 218 91.58 -41.33 -56.26
N LEU F 219 91.67 -40.71 -55.07
CA LEU F 219 92.91 -40.05 -54.68
C LEU F 219 94.01 -41.03 -54.32
N GLY F 220 93.66 -42.30 -54.10
CA GLY F 220 94.62 -43.35 -53.81
C GLY F 220 95.11 -44.11 -55.02
N GLU F 221 94.81 -43.64 -56.23
CA GLU F 221 95.26 -44.30 -57.44
C GLU F 221 96.74 -44.03 -57.68
N PHE F 222 97.30 -44.75 -58.65
CA PHE F 222 98.71 -44.63 -58.97
C PHE F 222 98.98 -43.85 -60.26
N ALA F 223 98.02 -43.82 -61.18
CA ALA F 223 98.17 -43.11 -62.45
C ALA F 223 97.23 -41.92 -62.57
N ILE F 224 96.80 -41.35 -61.44
CA ILE F 224 95.91 -40.19 -61.49
C ILE F 224 96.64 -38.97 -62.04
N ASP F 225 97.93 -38.84 -61.76
CA ASP F 225 98.73 -37.72 -62.24
C ASP F 225 99.03 -37.94 -63.72
N ASN F 226 98.07 -37.55 -64.57
CA ASN F 226 98.18 -37.80 -66.00
C ASN F 226 99.15 -36.83 -66.65
N ASP F 227 98.85 -35.54 -66.60
CA ASP F 227 99.68 -34.53 -67.24
C ASP F 227 99.53 -33.21 -66.46
N ALA F 228 100.07 -32.13 -67.05
CA ALA F 228 100.03 -30.83 -66.38
C ALA F 228 98.61 -30.28 -66.31
N ASP F 229 97.81 -30.50 -67.36
CA ASP F 229 96.47 -29.94 -67.40
C ASP F 229 95.53 -30.57 -66.37
N ASN F 230 95.87 -31.74 -65.84
CA ASN F 230 95.01 -32.40 -64.85
C ASN F 230 95.88 -33.32 -64.01
N TYR F 231 95.99 -33.01 -62.72
CA TYR F 231 96.75 -33.81 -61.77
C TYR F 231 96.29 -33.44 -60.36
N VAL F 232 97.02 -33.92 -59.36
CA VAL F 232 96.69 -33.65 -57.97
C VAL F 232 97.89 -33.02 -57.29
N GLN F 233 97.63 -32.26 -56.22
CA GLN F 233 98.65 -31.58 -55.45
C GLN F 233 98.66 -32.12 -54.02
N ARG F 234 99.46 -31.48 -53.16
CA ARG F 234 99.69 -31.99 -51.82
C ARG F 234 98.52 -31.70 -50.89
N TYR F 235 97.84 -30.57 -51.09
CA TYR F 235 96.88 -30.08 -50.11
C TYR F 235 95.44 -30.47 -50.42
N HIS F 236 95.19 -31.27 -51.46
CA HIS F 236 93.83 -31.69 -51.77
C HIS F 236 93.31 -32.70 -50.77
N ILE F 237 94.14 -33.70 -50.45
CA ILE F 237 93.72 -34.77 -49.55
C ILE F 237 93.35 -34.26 -48.16
N PRO F 238 94.15 -33.39 -47.51
CA PRO F 238 93.72 -32.88 -46.20
C PRO F 238 92.38 -32.15 -46.24
N ALA F 239 92.13 -31.35 -47.27
CA ALA F 239 90.87 -30.65 -47.38
C ALA F 239 89.71 -31.61 -47.54
N VAL F 240 89.86 -32.62 -48.40
CA VAL F 240 88.80 -33.60 -48.59
C VAL F 240 88.55 -34.36 -47.29
N GLU F 241 89.62 -34.73 -46.58
CA GLU F 241 89.47 -35.46 -45.34
C GLU F 241 88.76 -34.63 -44.28
N ALA F 242 89.10 -33.33 -44.19
CA ALA F 242 88.43 -32.45 -43.24
C ALA F 242 86.95 -32.31 -43.57
N LEU F 243 86.62 -32.16 -44.85
CA LEU F 243 85.22 -32.05 -45.25
C LEU F 243 84.45 -33.32 -44.90
N LYS F 244 85.04 -34.48 -45.17
CA LYS F 244 84.38 -35.74 -44.86
C LYS F 244 84.19 -35.91 -43.36
N ALA F 245 85.20 -35.55 -42.57
CA ALA F 245 85.09 -35.65 -41.12
C ALA F 245 84.01 -34.73 -40.58
N GLU F 246 83.92 -33.51 -41.11
CA GLU F 246 82.87 -32.59 -40.66
C GLU F 246 81.48 -33.13 -41.01
N ILE F 247 81.32 -33.68 -42.23
CA ILE F 247 80.02 -34.22 -42.61
C ILE F 247 79.64 -35.38 -41.70
N ASP F 248 80.60 -36.28 -41.43
CA ASP F 248 80.32 -37.43 -40.59
C ASP F 248 80.01 -37.03 -39.15
N ALA F 249 80.65 -35.97 -38.66
CA ALA F 249 80.36 -35.49 -37.32
C ALA F 249 79.00 -34.79 -37.25
N ARG F 250 78.60 -34.12 -38.33
CA ARG F 250 77.32 -33.40 -38.32
C ARG F 250 76.15 -34.37 -38.41
N LEU F 251 76.25 -35.39 -39.27
CA LEU F 251 75.13 -36.30 -39.47
C LEU F 251 74.81 -37.10 -38.20
N GLU F 252 75.85 -37.46 -37.44
CA GLU F 252 75.65 -38.26 -36.24
C GLU F 252 74.78 -37.53 -35.22
N ALA F 253 74.93 -36.21 -35.13
CA ALA F 253 74.07 -35.41 -34.26
C ALA F 253 72.75 -35.03 -34.92
N ILE F 254 72.71 -34.97 -36.26
CA ILE F 254 71.48 -34.61 -36.94
C ILE F 254 70.44 -35.72 -36.81
N GLU F 255 70.88 -36.98 -36.85
CA GLU F 255 69.95 -38.11 -36.95
C GLU F 255 68.86 -38.13 -35.88
N PRO F 256 69.17 -38.09 -34.57
CA PRO F 256 68.09 -38.24 -33.58
C PRO F 256 67.05 -37.14 -33.64
N LEU F 257 67.46 -35.91 -33.92
CA LEU F 257 66.50 -34.81 -34.02
C LEU F 257 65.55 -35.01 -35.20
N ARG F 258 66.08 -35.48 -36.33
CA ARG F 258 65.21 -35.80 -37.47
C ARG F 258 64.22 -36.89 -37.11
N ALA F 259 64.69 -37.95 -36.43
CA ALA F 259 63.80 -39.05 -36.06
C ALA F 259 62.68 -38.54 -35.14
N ASP F 260 63.05 -37.76 -34.12
CA ASP F 260 62.05 -37.25 -33.19
C ASP F 260 61.08 -36.30 -33.87
N SER F 261 61.58 -35.45 -34.77
CA SER F 261 60.71 -34.53 -35.49
C SER F 261 59.68 -35.29 -36.33
N ALA F 262 60.14 -36.30 -37.06
CA ALA F 262 59.21 -37.09 -37.88
C ALA F 262 58.19 -37.80 -37.01
N GLU F 263 58.64 -38.42 -35.91
CA GLU F 263 57.72 -39.17 -35.06
C GLU F 263 56.67 -38.25 -34.44
N LYS F 264 57.08 -37.07 -33.98
CA LYS F 264 56.14 -36.16 -33.34
C LYS F 264 55.23 -35.46 -34.34
N ASN F 265 55.70 -35.22 -35.56
CA ASN F 265 54.84 -34.64 -36.57
C ASN F 265 53.82 -35.64 -37.11
N ARG F 266 54.15 -36.94 -37.09
CA ARG F 266 53.16 -37.93 -37.50
C ARG F 266 52.06 -38.08 -36.45
N LEU F 267 52.41 -38.00 -35.16
CA LEU F 267 51.43 -38.20 -34.11
C LEU F 267 50.44 -37.04 -34.03
N ALA F 268 50.93 -35.80 -34.21
CA ALA F 268 50.06 -34.64 -34.07
C ALA F 268 49.08 -34.51 -35.22
N GLN F 269 49.24 -35.27 -36.29
CA GLN F 269 48.30 -35.24 -37.40
C GLN F 269 47.06 -36.10 -37.17
N LYS F 270 47.03 -36.86 -36.07
CA LYS F 270 45.91 -37.75 -35.78
C LYS F 270 44.94 -37.16 -34.76
N SER F 271 44.87 -35.83 -34.66
CA SER F 271 43.97 -35.19 -33.71
C SER F 271 43.77 -33.74 -34.12
N ASP F 272 42.51 -33.32 -34.22
CA ASP F 272 42.16 -31.95 -34.50
C ASP F 272 41.47 -31.33 -33.28
N VAL F 273 41.77 -30.06 -33.01
CA VAL F 273 41.30 -29.41 -31.80
C VAL F 273 40.07 -28.57 -32.08
N LEU F 274 39.84 -28.23 -33.35
CA LEU F 274 38.69 -27.40 -33.70
C LEU F 274 37.38 -28.17 -33.55
N VAL F 275 37.32 -29.40 -34.04
CA VAL F 275 36.10 -30.20 -33.91
C VAL F 275 35.78 -30.46 -32.44
N ARG F 276 36.81 -30.63 -31.59
CA ARG F 276 36.57 -30.83 -30.17
C ARG F 276 36.01 -29.56 -29.54
N GLN F 277 36.47 -28.39 -29.97
CA GLN F 277 35.87 -27.13 -29.51
C GLN F 277 34.41 -27.03 -29.93
N LEU F 278 34.11 -27.43 -31.16
CA LEU F 278 32.71 -27.43 -31.62
C LEU F 278 31.86 -28.37 -30.78
N PHE F 279 32.39 -29.55 -30.46
CA PHE F 279 31.65 -30.48 -29.61
C PHE F 279 31.44 -29.93 -28.21
N LEU F 280 32.44 -29.22 -27.67
CA LEU F 280 32.28 -28.59 -26.37
C LEU F 280 31.18 -27.55 -26.39
N GLU F 281 31.14 -26.72 -27.44
CA GLU F 281 30.07 -25.73 -27.58
C GLU F 281 28.71 -26.42 -27.66
N ARG F 282 28.62 -27.47 -28.47
CA ARG F 282 27.35 -28.18 -28.64
C ARG F 282 26.86 -28.79 -27.34
N ALA F 283 27.79 -29.38 -26.57
CA ALA F 283 27.41 -29.98 -25.29
C ALA F 283 27.01 -28.92 -24.27
N THR F 284 27.68 -27.76 -24.27
CA THR F 284 27.26 -26.68 -23.39
C THR F 284 25.85 -26.21 -23.72
N ALA F 285 25.55 -26.06 -25.01
CA ALA F 285 24.20 -25.66 -25.40
C ALA F 285 23.17 -26.72 -25.01
N GLN F 286 23.54 -28.00 -25.14
CA GLN F 286 22.65 -29.08 -24.73
C GLN F 286 22.36 -29.02 -23.24
N ARG F 287 23.39 -28.78 -22.42
CA ARG F 287 23.17 -28.64 -20.99
C ARG F 287 22.26 -27.45 -20.67
N ASP F 288 22.47 -26.34 -21.37
CA ASP F 288 21.64 -25.16 -21.16
C ASP F 288 20.18 -25.45 -21.47
N THR F 289 19.92 -26.20 -22.55
CA THR F 289 18.53 -26.55 -22.89
C THR F 289 17.96 -27.54 -21.87
N LEU F 290 18.77 -28.49 -21.43
CA LEU F 290 18.29 -29.47 -20.46
C LEU F 290 17.92 -28.81 -19.13
N ARG F 291 18.61 -27.73 -18.77
CA ARG F 291 18.26 -27.00 -17.56
C ARG F 291 16.81 -26.52 -17.60
N ILE F 292 16.42 -25.84 -18.68
CA ILE F 292 15.07 -25.31 -18.76
C ILE F 292 14.06 -26.43 -18.96
N VAL F 293 14.46 -27.53 -19.62
CA VAL F 293 13.55 -28.67 -19.74
C VAL F 293 13.21 -29.21 -18.34
N GLU F 294 14.23 -29.40 -17.51
CA GLU F 294 14.00 -29.86 -16.15
C GLU F 294 13.18 -28.86 -15.36
N ALA F 295 13.43 -27.57 -15.56
CA ALA F 295 12.67 -26.54 -14.85
C ALA F 295 11.19 -26.61 -15.21
N ILE F 296 10.88 -26.77 -16.50
CA ILE F 296 9.49 -26.84 -16.95
C ILE F 296 8.82 -28.07 -16.37
N PHE F 297 9.50 -29.22 -16.43
CA PHE F 297 8.90 -30.44 -15.90
C PHE F 297 8.66 -30.35 -14.40
N ALA F 298 9.61 -29.77 -13.66
CA ALA F 298 9.44 -29.63 -12.21
C ALA F 298 8.30 -28.68 -11.89
N THR F 299 8.18 -27.58 -12.65
CA THR F 299 7.09 -26.64 -12.43
C THR F 299 5.74 -27.32 -12.66
N ALA F 300 5.63 -28.09 -13.74
CA ALA F 300 4.37 -28.79 -14.01
C ALA F 300 4.06 -29.81 -12.92
N THR F 301 5.07 -30.56 -12.48
CA THR F 301 4.87 -31.55 -11.43
C THR F 301 4.38 -30.90 -10.14
N ARG F 302 5.02 -29.80 -9.74
CA ARG F 302 4.62 -29.15 -8.50
C ARG F 302 3.25 -28.49 -8.62
N TYR F 303 2.92 -27.96 -9.80
CA TYR F 303 1.58 -27.38 -9.99
C TYR F 303 0.51 -28.45 -9.88
N VAL F 304 0.75 -29.62 -10.46
CA VAL F 304 -0.23 -30.70 -10.38
C VAL F 304 -0.31 -31.23 -8.95
N GLU F 305 0.81 -31.30 -8.24
CA GLU F 305 0.83 -31.86 -6.89
C GLU F 305 -0.01 -31.06 -5.90
N LEU F 306 -0.01 -29.74 -6.00
CA LEU F 306 -0.68 -28.88 -5.03
C LEU F 306 -2.19 -28.80 -5.23
N TYR F 307 -2.78 -29.76 -5.95
CA TYR F 307 -4.23 -29.75 -6.16
C TYR F 307 -4.97 -30.08 -4.88
N GLU F 308 -5.74 -29.12 -4.36
CA GLU F 308 -6.59 -29.32 -3.19
C GLU F 308 -5.77 -29.84 -2.01
N SER F 309 -4.61 -29.25 -1.80
CA SER F 309 -3.66 -29.70 -0.80
C SER F 309 -3.68 -28.79 0.43
N ASP F 310 -3.24 -29.36 1.56
CA ASP F 310 -3.17 -28.60 2.80
C ASP F 310 -2.07 -27.56 2.78
N GLU F 311 -1.01 -27.78 1.99
CA GLU F 311 0.12 -26.86 1.93
C GLU F 311 -0.09 -25.73 0.94
N ASP F 312 -1.25 -25.66 0.28
CA ASP F 312 -1.52 -24.61 -0.70
C ASP F 312 -1.99 -23.35 0.02
N VAL F 313 -1.03 -22.68 0.66
CA VAL F 313 -1.30 -21.46 1.41
C VAL F 313 -1.42 -20.30 0.44
N ASN F 314 -2.00 -19.18 0.89
CA ASN F 314 -2.23 -18.02 0.06
C ASN F 314 -1.32 -16.87 0.48
N VAL F 315 -0.58 -16.32 -0.48
CA VAL F 315 0.35 -15.22 -0.23
C VAL F 315 0.24 -14.21 -1.35
N GLU F 316 0.44 -12.94 -1.01
CA GLU F 316 0.46 -11.84 -1.97
C GLU F 316 -0.85 -11.77 -2.76
N GLY F 317 -1.97 -12.00 -2.07
CA GLY F 317 -3.27 -11.95 -2.72
C GLY F 317 -3.53 -13.05 -3.72
N LYS F 318 -2.74 -14.12 -3.69
CA LYS F 318 -2.92 -15.24 -4.60
C LYS F 318 -2.61 -16.53 -3.87
N THR F 319 -3.06 -17.64 -4.43
CA THR F 319 -2.73 -18.94 -3.89
C THR F 319 -1.35 -19.38 -4.34
N LEU F 320 -0.76 -20.30 -3.57
CA LEU F 320 0.57 -20.80 -3.92
C LEU F 320 0.56 -21.52 -5.26
N ARG F 321 -0.47 -22.32 -5.53
CA ARG F 321 -0.59 -23.00 -6.81
C ARG F 321 -0.77 -22.03 -7.96
N GLU F 322 -1.32 -20.84 -7.70
CA GLU F 322 -1.48 -19.84 -8.74
C GLU F 322 -0.11 -19.28 -9.17
N HIS F 323 0.79 -19.11 -8.21
CA HIS F 323 2.10 -18.53 -8.51
C HIS F 323 2.87 -19.39 -9.50
N TYR F 324 2.74 -20.72 -9.39
CA TYR F 324 3.49 -21.61 -10.27
C TYR F 324 3.04 -21.49 -11.72
N PHE F 325 1.75 -21.19 -11.93
CA PHE F 325 1.21 -21.17 -13.28
C PHE F 325 1.76 -20.01 -14.11
N ALA F 326 2.23 -18.95 -13.48
CA ALA F 326 2.71 -17.78 -14.20
C ALA F 326 4.12 -17.94 -14.76
N LEU F 327 4.81 -19.03 -14.43
CA LEU F 327 6.20 -19.21 -14.87
C LEU F 327 6.27 -19.66 -16.32
N PHE F 328 5.23 -20.32 -16.84
CA PHE F 328 5.30 -20.90 -18.17
C PHE F 328 5.54 -19.88 -19.30
N PRO F 329 4.89 -18.71 -19.34
CA PRO F 329 5.11 -17.81 -20.48
C PRO F 329 6.56 -17.37 -20.66
N THR F 330 7.30 -17.15 -19.57
CA THR F 330 8.70 -16.77 -19.68
C THR F 330 9.59 -17.95 -20.07
N LEU F 331 9.30 -19.14 -19.54
CA LEU F 331 10.04 -20.32 -19.91
C LEU F 331 9.86 -20.65 -21.38
N PHE F 332 8.66 -20.42 -21.92
CA PHE F 332 8.41 -20.72 -23.32
C PHE F 332 9.15 -19.80 -24.27
N GLY F 333 9.75 -18.72 -23.77
CA GLY F 333 10.57 -17.85 -24.59
C GLY F 333 12.06 -18.11 -24.34
N ALA F 334 12.41 -18.34 -23.07
CA ALA F 334 13.79 -18.66 -22.76
C ALA F 334 14.21 -19.98 -23.42
N ALA F 335 13.34 -20.99 -23.38
CA ALA F 335 13.63 -22.24 -24.06
C ALA F 335 13.67 -22.05 -25.57
N SER F 336 12.86 -21.14 -26.11
CA SER F 336 12.93 -20.86 -27.54
C SER F 336 14.29 -20.28 -27.92
N PHE F 337 14.79 -19.35 -27.11
CA PHE F 337 16.12 -18.79 -27.35
C PHE F 337 17.21 -19.86 -27.25
N ASN F 338 17.13 -20.70 -26.21
CA ASN F 338 18.12 -21.76 -26.04
C ASN F 338 18.08 -22.75 -27.19
N VAL F 339 16.89 -23.08 -27.69
CA VAL F 339 16.75 -23.98 -28.82
C VAL F 339 17.27 -23.33 -30.09
N GLY F 340 17.05 -22.03 -30.26
CA GLY F 340 17.62 -21.34 -31.41
C GLY F 340 19.14 -21.38 -31.41
N VAL F 341 19.75 -21.27 -30.22
CA VAL F 341 21.20 -21.40 -30.14
C VAL F 341 21.62 -22.85 -30.42
N LEU F 342 20.92 -23.81 -29.83
CA LEU F 342 21.30 -25.21 -29.96
C LEU F 342 21.14 -25.71 -31.39
N ASN F 343 20.22 -25.15 -32.17
CA ASN F 343 20.06 -25.56 -33.56
C ASN F 343 21.31 -25.24 -34.36
N THR F 344 21.85 -24.03 -34.23
CA THR F 344 23.10 -23.69 -34.89
C THR F 344 24.26 -24.50 -34.34
N ALA F 345 24.28 -24.72 -33.02
CA ALA F 345 25.34 -25.53 -32.42
C ALA F 345 25.34 -26.96 -32.98
N ASP F 346 24.15 -27.51 -33.25
CA ASP F 346 24.05 -28.84 -33.83
C ASP F 346 24.43 -28.84 -35.31
N ASP F 347 23.97 -27.82 -36.06
CA ASP F 347 24.23 -27.79 -37.49
C ASP F 347 25.71 -27.56 -37.78
N ALA F 348 26.43 -26.88 -36.87
CA ALA F 348 27.84 -26.61 -37.10
C ALA F 348 28.66 -27.90 -37.14
N VAL F 349 28.34 -28.86 -36.26
CA VAL F 349 29.16 -30.06 -36.14
C VAL F 349 29.02 -30.95 -37.36
N ILE F 350 27.78 -31.11 -37.86
CA ILE F 350 27.53 -32.04 -38.95
C ILE F 350 28.25 -31.63 -40.24
N ASP F 351 28.32 -30.34 -40.54
CA ASP F 351 28.90 -29.87 -41.79
C ASP F 351 30.41 -29.74 -41.75
N TYR F 352 31.03 -29.79 -40.57
CA TYR F 352 32.47 -29.58 -40.42
C TYR F 352 33.09 -30.69 -39.58
N TYR F 353 32.80 -31.95 -39.91
CA TYR F 353 33.41 -33.05 -39.18
C TYR F 353 34.81 -33.38 -39.71
N LEU F 354 34.94 -33.51 -41.03
CA LEU F 354 36.25 -33.80 -41.64
C LEU F 354 36.26 -33.14 -43.01
N VAL F 355 36.77 -31.90 -43.05
CA VAL F 355 36.79 -31.11 -44.28
C VAL F 355 37.76 -29.97 -44.08
N TRP F 356 38.20 -29.36 -45.18
CA TRP F 356 39.06 -28.19 -45.10
C TRP F 356 38.35 -27.06 -44.35
N ASP F 357 39.14 -26.08 -43.91
CA ASP F 357 38.79 -24.97 -43.02
C ASP F 357 38.68 -25.45 -41.57
N THR F 358 38.77 -26.75 -41.31
CA THR F 358 38.96 -27.26 -39.96
C THR F 358 40.39 -27.70 -39.68
N ASP F 359 41.09 -28.23 -40.68
CA ASP F 359 42.53 -28.38 -40.66
C ASP F 359 43.11 -27.23 -41.50
N LEU F 360 44.29 -26.77 -41.12
CA LEU F 360 44.79 -25.50 -41.65
C LEU F 360 46.15 -25.74 -42.29
N GLU F 361 46.86 -24.65 -42.60
CA GLU F 361 48.03 -24.70 -43.46
C GLU F 361 49.11 -25.63 -42.93
N THR F 362 49.34 -25.64 -41.62
CA THR F 362 50.45 -26.37 -41.05
C THR F 362 49.98 -27.16 -39.84
N ASN F 363 50.86 -28.03 -39.35
CA ASN F 363 50.53 -28.99 -38.30
C ASN F 363 50.26 -28.34 -36.95
N ASP F 364 50.72 -27.11 -36.73
CA ASP F 364 50.52 -26.46 -35.44
C ASP F 364 50.22 -24.99 -35.65
N GLU F 365 49.06 -24.54 -35.19
CA GLU F 365 48.67 -23.16 -35.29
C GLU F 365 47.70 -22.82 -34.17
N ASP F 366 47.90 -21.67 -33.54
CA ASP F 366 46.99 -21.16 -32.52
C ASP F 366 46.31 -19.87 -32.93
N ALA F 367 46.51 -19.43 -34.18
CA ALA F 367 45.84 -18.22 -34.65
C ALA F 367 44.36 -18.45 -34.87
N ALA F 368 43.93 -19.71 -34.97
CA ALA F 368 42.53 -20.05 -35.14
C ALA F 368 41.87 -20.52 -33.86
N TYR F 369 42.59 -21.27 -33.02
CA TYR F 369 42.02 -21.72 -31.75
C TYR F 369 41.75 -20.54 -30.82
N ALA F 370 42.65 -19.55 -30.81
CA ALA F 370 42.50 -18.42 -29.91
C ALA F 370 41.25 -17.61 -30.23
N GLU F 371 40.99 -17.36 -31.51
CA GLU F 371 39.82 -16.58 -31.90
C GLU F 371 38.52 -17.31 -31.53
N GLU F 372 38.46 -18.61 -31.80
CA GLU F 372 37.26 -19.38 -31.46
C GLU F 372 37.07 -19.45 -29.96
N LYS F 373 38.16 -19.60 -29.20
CA LYS F 373 38.05 -19.60 -27.75
C LYS F 373 37.56 -18.25 -27.24
N ARG F 374 38.05 -17.16 -27.84
CA ARG F 374 37.60 -15.83 -27.44
C ARG F 374 36.10 -15.66 -27.70
N GLU F 375 35.64 -16.08 -28.87
CA GLU F 375 34.22 -15.96 -29.19
C GLU F 375 33.37 -16.82 -28.26
N PHE F 376 33.81 -18.04 -27.98
CA PHE F 376 33.06 -18.93 -27.10
C PHE F 376 32.99 -18.36 -25.68
N ALA F 377 34.11 -17.82 -25.19
CA ALA F 377 34.12 -17.21 -23.87
C ALA F 377 33.22 -15.97 -23.82
N LEU F 378 33.23 -15.17 -24.88
CA LEU F 378 32.35 -14.00 -24.91
C LEU F 378 30.88 -14.41 -24.89
N LEU F 379 30.53 -15.45 -25.65
CA LEU F 379 29.16 -15.93 -25.66
C LEU F 379 28.77 -16.51 -24.30
N THR F 380 29.69 -17.22 -23.65
CA THR F 380 29.41 -17.74 -22.32
C THR F 380 29.20 -16.62 -21.31
N TYR F 381 30.03 -15.57 -21.37
CA TYR F 381 29.86 -14.45 -20.47
C TYR F 381 28.55 -13.73 -20.72
N ALA F 382 28.16 -13.56 -21.99
CA ALA F 382 26.96 -12.82 -22.31
C ALA F 382 25.70 -13.57 -21.86
N LYS F 383 25.71 -14.90 -21.98
CA LYS F 383 24.51 -15.67 -21.69
C LYS F 383 24.23 -15.82 -20.21
N ILE F 384 25.21 -15.52 -19.35
CA ILE F 384 24.99 -15.65 -17.91
C ILE F 384 24.07 -14.55 -17.38
N PHE F 385 23.85 -13.50 -18.16
CA PHE F 385 22.98 -12.40 -17.77
C PHE F 385 21.59 -12.50 -18.39
N ILE F 386 21.27 -13.63 -19.01
CA ILE F 386 19.98 -13.83 -19.68
C ILE F 386 19.18 -14.94 -19.01
N ASN F 387 19.80 -16.08 -18.75
CA ASN F 387 19.11 -17.17 -18.07
C ASN F 387 18.74 -16.79 -16.64
N GLY F 388 19.51 -15.90 -16.03
CA GLY F 388 19.20 -15.43 -14.69
C GLY F 388 17.85 -14.77 -14.57
N GLN F 389 17.33 -14.21 -15.66
CA GLN F 389 16.02 -13.57 -15.61
C GLN F 389 14.93 -14.56 -15.19
N TRP F 390 14.90 -15.74 -15.80
CA TRP F 390 13.93 -16.75 -15.39
C TRP F 390 14.39 -17.53 -14.18
N GLN F 391 15.71 -17.65 -13.98
CA GLN F 391 16.22 -18.31 -12.78
C GLN F 391 15.75 -17.59 -11.53
N GLU F 392 15.71 -16.26 -11.56
CA GLU F 392 15.32 -15.50 -10.37
C GLU F 392 13.82 -15.65 -10.10
N LYS F 393 13.00 -15.71 -11.14
CA LYS F 393 11.57 -15.94 -10.93
C LYS F 393 11.32 -17.33 -10.34
N VAL F 394 12.00 -18.34 -10.88
CA VAL F 394 11.87 -19.69 -10.33
C VAL F 394 12.32 -19.71 -8.88
N LYS F 395 13.44 -19.03 -8.58
CA LYS F 395 13.93 -18.96 -7.21
C LYS F 395 12.94 -18.24 -6.31
N TYR F 396 12.28 -17.20 -6.81
CA TYR F 396 11.30 -16.47 -6.02
C TYR F 396 10.14 -17.38 -5.62
N VAL F 397 9.56 -18.09 -6.60
CA VAL F 397 8.44 -18.96 -6.29
C VAL F 397 8.87 -20.09 -5.37
N GLN F 398 10.01 -20.72 -5.65
CA GLN F 398 10.50 -21.79 -4.80
C GLN F 398 10.76 -21.28 -3.38
N ASN F 399 11.28 -20.06 -3.26
CA ASN F 399 11.58 -19.48 -1.96
C ASN F 399 10.31 -19.23 -1.17
N LEU F 400 9.28 -18.69 -1.82
CA LEU F 400 7.97 -18.60 -1.18
C LEU F 400 7.54 -19.95 -0.66
N ASP F 401 7.70 -20.99 -1.48
CA ASP F 401 7.25 -22.32 -1.10
C ASP F 401 7.96 -22.82 0.17
N ASP F 402 9.29 -22.85 0.16
CA ASP F 402 9.95 -23.47 1.31
C ASP F 402 9.89 -22.56 2.52
N GLY F 403 9.77 -21.24 2.31
CA GLY F 403 9.55 -20.36 3.45
C GLY F 403 8.25 -20.65 4.16
N ALA F 404 7.16 -20.80 3.41
CA ALA F 404 5.90 -21.17 4.03
C ALA F 404 5.99 -22.53 4.71
N ARG F 405 6.58 -23.51 4.02
CA ARG F 405 6.62 -24.86 4.57
C ARG F 405 7.44 -24.92 5.85
N ALA F 406 8.58 -24.21 5.89
CA ALA F 406 9.44 -24.24 7.07
C ALA F 406 8.87 -23.39 8.19
N GLU F 407 8.19 -22.28 7.85
CA GLU F 407 7.59 -21.45 8.88
C GLU F 407 6.40 -22.14 9.52
N ALA F 408 5.74 -23.04 8.81
CA ALA F 408 4.63 -23.77 9.42
C ALA F 408 5.11 -25.02 10.16
N ALA F 409 6.18 -24.87 10.94
CA ALA F 409 6.61 -25.86 11.92
C ALA F 409 7.13 -25.26 13.22
N ARG F 410 7.62 -24.01 13.21
CA ARG F 410 8.24 -23.43 14.39
C ARG F 410 7.21 -23.12 15.47
N ILE F 411 5.99 -22.74 15.09
CA ILE F 411 4.94 -22.52 16.09
C ILE F 411 4.66 -23.80 16.84
N GLU F 412 4.54 -24.92 16.12
CA GLU F 412 4.31 -26.21 16.78
C GLU F 412 5.48 -26.59 17.67
N ALA F 413 6.71 -26.42 17.17
CA ALA F 413 7.89 -26.77 17.96
C ALA F 413 7.95 -25.96 19.25
N GLU F 414 7.73 -24.65 19.15
CA GLU F 414 7.79 -23.79 20.32
C GLU F 414 6.64 -24.06 21.28
N ARG F 415 5.47 -24.40 20.73
CA ARG F 415 4.34 -24.75 21.60
C ARG F 415 4.63 -26.00 22.41
N LEU F 416 5.19 -27.03 21.75
CA LEU F 416 5.55 -28.24 22.47
C LEU F 416 6.63 -27.97 23.52
N ALA F 417 7.63 -27.16 23.15
CA ALA F 417 8.70 -26.85 24.10
C ALA F 417 8.15 -26.09 25.31
N ASP F 418 7.27 -25.11 25.07
CA ASP F 418 6.71 -24.32 26.16
C ASP F 418 5.82 -25.19 27.05
N GLU F 419 5.03 -26.08 26.45
CA GLU F 419 4.19 -26.97 27.25
C GLU F 419 5.04 -27.88 28.12
N ALA F 420 6.11 -28.45 27.56
CA ALA F 420 6.99 -29.30 28.35
C ALA F 420 7.66 -28.50 29.47
N TYR F 421 8.11 -27.29 29.17
CA TYR F 421 8.76 -26.45 30.18
C TYR F 421 7.80 -26.12 31.32
N ARG F 422 6.57 -25.75 30.98
CA ARG F 422 5.58 -25.42 32.00
C ARG F 422 5.23 -26.62 32.85
N ALA F 423 5.05 -27.79 32.21
CA ALA F 423 4.74 -29.00 32.97
C ALA F 423 5.87 -29.36 33.92
N GLU F 424 7.12 -29.28 33.45
CA GLU F 424 8.26 -29.59 34.30
C GLU F 424 8.36 -28.60 35.46
N GLN F 425 8.12 -27.31 35.18
CA GLN F 425 8.18 -26.30 36.24
C GLN F 425 7.13 -26.57 37.31
N LEU F 426 5.90 -26.87 36.87
CA LEU F 426 4.84 -27.16 37.84
C LEU F 426 5.15 -28.42 38.64
N ARG F 427 5.68 -29.46 37.99
CA ARG F 427 6.01 -30.68 38.71
C ARG F 427 7.10 -30.43 39.75
N ILE F 428 8.14 -29.68 39.39
CA ILE F 428 9.21 -29.39 40.32
C ILE F 428 8.70 -28.56 41.49
N ALA F 429 7.87 -27.54 41.20
CA ALA F 429 7.32 -26.72 42.26
C ALA F 429 6.45 -27.54 43.20
N GLN F 430 5.62 -28.44 42.65
CA GLN F 430 4.75 -29.25 43.49
C GLN F 430 5.55 -30.20 44.36
N GLU F 431 6.58 -30.84 43.80
CA GLU F 431 7.38 -31.75 44.62
C GLU F 431 8.20 -31.00 45.67
N ALA F 432 8.64 -29.78 45.37
CA ALA F 432 9.31 -28.98 46.38
C ALA F 432 8.37 -28.60 47.50
N ALA F 433 7.13 -28.21 47.16
CA ALA F 433 6.14 -27.92 48.19
C ALA F 433 5.83 -29.15 49.03
N ASP F 434 5.77 -30.32 48.39
CA ASP F 434 5.58 -31.56 49.14
C ASP F 434 6.75 -31.82 50.08
N ALA F 435 7.97 -31.54 49.64
CA ALA F 435 9.13 -31.72 50.50
C ALA F 435 9.09 -30.75 51.69
N GLN F 436 8.65 -29.51 51.45
CA GLN F 436 8.50 -28.55 52.54
C GLN F 436 7.44 -29.02 53.53
N LYS F 437 6.31 -29.54 53.04
CA LYS F 437 5.31 -30.10 53.95
C LYS F 437 5.89 -31.31 54.69
N ALA F 438 6.75 -32.06 54.02
CA ALA F 438 7.37 -33.23 54.65
C ALA F 438 8.23 -32.83 55.83
N ILE F 439 9.12 -31.84 55.64
CA ILE F 439 9.95 -31.40 56.74
C ILE F 439 9.08 -30.78 57.83
N ALA F 440 8.02 -30.08 57.44
CA ALA F 440 7.10 -29.51 58.42
C ALA F 440 6.52 -30.59 59.32
N ASP F 441 5.97 -31.65 58.72
CA ASP F 441 5.39 -32.73 59.51
C ASP F 441 6.47 -33.48 60.30
N ALA F 442 7.69 -33.53 59.77
CA ALA F 442 8.75 -34.29 60.44
C ALA F 442 9.24 -33.56 61.69
N LEU F 443 9.58 -32.28 61.59
CA LEU F 443 10.08 -31.57 62.76
C LEU F 443 8.96 -31.08 63.67
N ALA F 444 7.72 -31.05 63.19
CA ALA F 444 6.61 -30.75 64.09
C ALA F 444 6.30 -31.93 65.00
N LYS F 445 6.72 -33.13 64.63
CA LYS F 445 6.47 -34.32 65.43
C LYS F 445 7.40 -34.39 66.63
#